data_1BJQ
#
_entry.id   1BJQ
#
_cell.length_a   81.377
_cell.length_b   116.135
_cell.length_c   224.620
_cell.angle_alpha   90.00
_cell.angle_beta   90.00
_cell.angle_gamma   90.00
#
_symmetry.space_group_name_H-M   'P 21 21 21'
#
loop_
_entity.id
_entity.type
_entity.pdbx_description
1 polymer LECTIN
2 non-polymer 'CALCIUM ION'
3 non-polymer 'MANGANESE (II) ION'
4 non-polymer ADENINE
#
_entity_poly.entity_id   1
_entity_poly.type   'polypeptide(L)'
_entity_poly.pdbx_seq_one_letter_code
;ANIQSFSFKNFNSPSFILQGDATVSSGKLQLTKVKENGIPTPSSLGRAFYSSPIQIYDKSTGAVASWATSFTVKISAPSK
ASFADGIAFALVPVGSEPRRNGGYLGVFDSDVYNNSAQTVAVEFDTLSNSGWDPSMKHIGIDVNSIKSIATVSWDLANGE
NAEILITYNAATSLLVASLVHPSRRTSYILSERVDITNELPEYVSVGFSATTGLSEGYIETHDVLSWSFASKLPDDSTAE
PLDLASYLVRNVL
;
_entity_poly.pdbx_strand_id   A,B,C,D,E,F,G,H
#
# COMPACT_ATOMS: atom_id res chain seq x y z
N ALA A 1 -33.87 -1.77 -8.43
CA ALA A 1 -34.47 -1.90 -9.77
C ALA A 1 -33.53 -2.63 -10.71
N ASN A 2 -34.10 -3.44 -11.58
CA ASN A 2 -33.31 -4.19 -12.55
C ASN A 2 -33.54 -3.57 -13.92
N ILE A 3 -32.47 -3.41 -14.68
CA ILE A 3 -32.58 -2.80 -15.99
C ILE A 3 -31.87 -3.58 -17.06
N GLN A 4 -32.48 -3.64 -18.23
CA GLN A 4 -31.87 -4.30 -19.37
C GLN A 4 -32.23 -3.42 -20.54
N SER A 5 -31.28 -3.21 -21.44
CA SER A 5 -31.55 -2.38 -22.58
C SER A 5 -30.50 -2.63 -23.65
N PHE A 6 -30.86 -2.35 -24.90
CA PHE A 6 -29.94 -2.52 -26.01
C PHE A 6 -30.40 -1.63 -27.14
N SER A 7 -29.54 -1.41 -28.11
CA SER A 7 -29.86 -0.56 -29.24
C SER A 7 -28.95 -0.96 -30.38
N PHE A 8 -29.54 -1.45 -31.46
CA PHE A 8 -28.77 -1.87 -32.62
C PHE A 8 -29.08 -1.07 -33.87
N LYS A 9 -28.04 -0.63 -34.56
CA LYS A 9 -28.18 0.12 -35.80
C LYS A 9 -27.63 -0.79 -36.88
N ASN A 10 -27.03 -1.88 -36.45
CA ASN A 10 -26.42 -2.85 -37.34
C ASN A 10 -26.68 -4.22 -36.74
N PHE A 11 -27.05 -5.21 -37.56
CA PHE A 11 -27.35 -6.53 -37.02
C PHE A 11 -26.34 -7.63 -37.29
N ASN A 12 -26.24 -8.55 -36.35
CA ASN A 12 -25.34 -9.70 -36.40
C ASN A 12 -25.96 -10.82 -35.57
N SER A 13 -26.06 -11.98 -36.19
CA SER A 13 -26.66 -13.17 -35.59
C SER A 13 -26.36 -13.57 -34.13
N PRO A 14 -25.10 -13.40 -33.67
CA PRO A 14 -24.74 -13.78 -32.29
C PRO A 14 -25.66 -13.37 -31.15
N SER A 15 -26.12 -12.13 -31.15
CA SER A 15 -26.98 -11.66 -30.06
C SER A 15 -28.47 -11.98 -30.23
N PHE A 16 -28.83 -12.61 -31.35
CA PHE A 16 -30.22 -12.96 -31.62
C PHE A 16 -30.54 -14.42 -31.77
N ILE A 17 -31.78 -14.78 -31.46
CA ILE A 17 -32.29 -16.13 -31.63
C ILE A 17 -33.13 -16.06 -32.91
N LEU A 18 -32.66 -16.68 -33.97
CA LEU A 18 -33.39 -16.64 -35.24
C LEU A 18 -34.20 -17.92 -35.47
N GLN A 19 -35.44 -17.77 -35.89
CA GLN A 19 -36.32 -18.92 -36.15
C GLN A 19 -36.92 -18.78 -37.56
N GLY A 20 -37.25 -19.91 -38.18
CA GLY A 20 -37.82 -19.88 -39.50
C GLY A 20 -36.88 -19.34 -40.56
N ASP A 21 -37.39 -18.52 -41.46
CA ASP A 21 -36.57 -17.93 -42.53
C ASP A 21 -35.86 -16.64 -42.12
N ALA A 22 -35.92 -16.31 -40.83
CA ALA A 22 -35.27 -15.10 -40.32
C ALA A 22 -33.77 -15.18 -40.57
N THR A 23 -33.22 -14.14 -41.18
CA THR A 23 -31.81 -14.11 -41.49
C THR A 23 -31.24 -12.71 -41.34
N VAL A 24 -29.92 -12.61 -41.17
CA VAL A 24 -29.29 -11.31 -41.06
C VAL A 24 -28.40 -11.16 -42.28
N SER A 25 -28.59 -10.08 -43.03
CA SER A 25 -27.77 -9.87 -44.22
C SER A 25 -27.54 -8.38 -44.48
N SER A 26 -26.29 -8.04 -44.78
CA SER A 26 -25.91 -6.66 -45.04
C SER A 26 -26.24 -5.76 -43.86
N GLY A 27 -26.17 -6.34 -42.66
CA GLY A 27 -26.43 -5.56 -41.46
C GLY A 27 -27.87 -5.38 -41.06
N LYS A 28 -28.81 -5.84 -41.89
CA LYS A 28 -30.20 -5.70 -41.52
C LYS A 28 -30.83 -7.05 -41.24
N LEU A 29 -31.94 -7.02 -40.53
CA LEU A 29 -32.66 -8.22 -40.14
C LEU A 29 -33.81 -8.49 -41.11
N GLN A 30 -33.71 -9.57 -41.88
CA GLN A 30 -34.73 -9.95 -42.84
C GLN A 30 -35.55 -11.09 -42.25
N LEU A 31 -36.78 -10.77 -41.82
CA LEU A 31 -37.63 -11.78 -41.22
C LEU A 31 -38.20 -12.85 -42.14
N THR A 32 -38.51 -12.48 -43.38
CA THR A 32 -39.08 -13.45 -44.32
C THR A 32 -38.22 -13.69 -45.56
N LYS A 33 -38.33 -14.90 -46.10
CA LYS A 33 -37.59 -15.33 -47.28
C LYS A 33 -37.66 -14.39 -48.47
N VAL A 34 -36.56 -14.30 -49.21
CA VAL A 34 -36.46 -13.44 -50.38
C VAL A 34 -35.54 -14.09 -51.41
N LYS A 35 -36.04 -14.28 -52.62
CA LYS A 35 -35.25 -14.89 -53.69
C LYS A 35 -34.07 -13.97 -54.00
N GLU A 36 -32.97 -14.56 -54.48
CA GLU A 36 -31.76 -13.80 -54.81
C GLU A 36 -32.00 -12.56 -55.66
N ASN A 37 -32.97 -12.63 -56.57
CA ASN A 37 -33.27 -11.49 -57.43
C ASN A 37 -33.93 -10.35 -56.66
N GLY A 38 -34.22 -10.58 -55.38
CA GLY A 38 -34.82 -9.55 -54.55
C GLY A 38 -36.32 -9.62 -54.29
N ILE A 39 -37.04 -10.49 -54.99
CA ILE A 39 -38.48 -10.57 -54.77
C ILE A 39 -38.90 -11.54 -53.67
N PRO A 40 -39.85 -11.12 -52.82
CA PRO A 40 -40.36 -11.92 -51.69
C PRO A 40 -40.87 -13.29 -52.09
N THR A 41 -41.10 -14.13 -51.09
CA THR A 41 -41.57 -15.48 -51.32
C THR A 41 -42.84 -15.77 -50.51
N PRO A 42 -43.76 -16.57 -51.07
CA PRO A 42 -45.00 -16.88 -50.36
C PRO A 42 -44.81 -17.97 -49.32
N SER A 43 -45.73 -18.04 -48.36
CA SER A 43 -45.67 -19.04 -47.32
C SER A 43 -44.42 -18.96 -46.45
N SER A 44 -43.91 -17.74 -46.27
CA SER A 44 -42.72 -17.55 -45.45
C SER A 44 -43.08 -17.23 -44.01
N LEU A 45 -42.21 -17.59 -43.09
CA LEU A 45 -42.39 -17.31 -41.67
C LEU A 45 -41.02 -17.14 -41.03
N GLY A 46 -40.84 -16.03 -40.31
CA GLY A 46 -39.57 -15.77 -39.66
C GLY A 46 -39.74 -15.06 -38.32
N ARG A 47 -38.91 -15.42 -37.35
CA ARG A 47 -38.96 -14.80 -36.04
C ARG A 47 -37.54 -14.52 -35.56
N ALA A 48 -37.38 -13.51 -34.70
CA ALA A 48 -36.09 -13.14 -34.13
C ALA A 48 -36.28 -12.49 -32.76
N PHE A 49 -35.53 -12.96 -31.78
CA PHE A 49 -35.63 -12.42 -30.43
C PHE A 49 -34.25 -12.09 -29.83
N TYR A 50 -34.23 -11.22 -28.85
CA TYR A 50 -32.98 -10.87 -28.20
C TYR A 50 -32.61 -12.15 -27.43
N SER A 51 -31.32 -12.49 -27.42
CA SER A 51 -30.85 -13.71 -26.76
C SER A 51 -30.96 -13.72 -25.24
N SER A 52 -31.30 -12.59 -24.63
CA SER A 52 -31.43 -12.58 -23.19
C SER A 52 -32.87 -12.34 -22.76
N PRO A 53 -33.43 -13.22 -21.91
CA PRO A 53 -34.81 -13.08 -21.43
C PRO A 53 -35.00 -11.80 -20.63
N ILE A 54 -36.21 -11.26 -20.69
CA ILE A 54 -36.54 -10.04 -19.96
C ILE A 54 -37.61 -10.36 -18.91
N GLN A 55 -37.42 -9.85 -17.68
CA GLN A 55 -38.39 -10.07 -16.61
C GLN A 55 -39.42 -8.95 -16.64
N ILE A 56 -40.66 -9.31 -16.98
CA ILE A 56 -41.77 -8.37 -17.09
C ILE A 56 -42.38 -7.98 -15.75
N TYR A 57 -42.35 -8.90 -14.79
CA TYR A 57 -42.87 -8.64 -13.46
C TYR A 57 -42.32 -9.62 -12.44
N ASP A 58 -42.62 -9.41 -11.17
CA ASP A 58 -42.15 -10.30 -10.12
C ASP A 58 -43.30 -10.65 -9.19
N LYS A 59 -43.69 -11.92 -9.20
CA LYS A 59 -44.79 -12.41 -8.37
C LYS A 59 -44.59 -12.18 -6.87
N SER A 60 -43.38 -12.42 -6.38
CA SER A 60 -43.08 -12.25 -4.96
C SER A 60 -43.16 -10.81 -4.46
N THR A 61 -42.60 -9.87 -5.20
CA THR A 61 -42.63 -8.46 -4.76
C THR A 61 -43.84 -7.71 -5.29
N GLY A 62 -44.48 -8.26 -6.32
CA GLY A 62 -45.63 -7.60 -6.91
C GLY A 62 -45.26 -6.43 -7.81
N ALA A 63 -44.00 -6.35 -8.20
CA ALA A 63 -43.56 -5.28 -9.08
C ALA A 63 -43.80 -5.62 -10.55
N VAL A 64 -44.16 -4.61 -11.32
CA VAL A 64 -44.40 -4.78 -12.74
C VAL A 64 -43.47 -3.83 -13.50
N ALA A 65 -42.80 -4.34 -14.52
CA ALA A 65 -41.88 -3.51 -15.31
C ALA A 65 -42.53 -2.54 -16.30
N SER A 66 -41.84 -1.45 -16.57
CA SER A 66 -42.28 -0.46 -17.54
C SER A 66 -41.22 -0.64 -18.62
N TRP A 67 -41.60 -0.56 -19.89
CA TRP A 67 -40.62 -0.75 -20.93
C TRP A 67 -41.01 0.00 -22.18
N ALA A 68 -40.09 0.01 -23.13
CA ALA A 68 -40.30 0.70 -24.38
C ALA A 68 -39.40 0.08 -25.43
N THR A 69 -39.83 0.17 -26.67
CA THR A 69 -39.04 -0.36 -27.77
C THR A 69 -39.34 0.52 -28.98
N SER A 70 -38.38 0.61 -29.89
CA SER A 70 -38.57 1.40 -31.08
C SER A 70 -37.75 0.74 -32.18
N PHE A 71 -38.26 0.78 -33.39
CA PHE A 71 -37.56 0.16 -34.51
C PHE A 71 -38.02 0.74 -35.83
N THR A 72 -37.24 0.49 -36.86
CA THR A 72 -37.56 0.98 -38.19
C THR A 72 -37.71 -0.21 -39.13
N VAL A 73 -38.87 -0.31 -39.75
CA VAL A 73 -39.15 -1.39 -40.68
C VAL A 73 -39.38 -0.85 -42.08
N LYS A 74 -39.18 -1.70 -43.07
CA LYS A 74 -39.38 -1.34 -44.45
C LYS A 74 -40.13 -2.51 -45.06
N ILE A 75 -41.37 -2.26 -45.49
CA ILE A 75 -42.19 -3.30 -46.11
C ILE A 75 -42.38 -2.97 -47.58
N SER A 76 -42.06 -3.92 -48.44
CA SER A 76 -42.17 -3.71 -49.89
C SER A 76 -42.84 -4.86 -50.60
N ALA A 77 -43.69 -4.52 -51.57
CA ALA A 77 -44.37 -5.51 -52.38
C ALA A 77 -44.07 -5.16 -53.83
N PRO A 78 -43.76 -6.17 -54.66
CA PRO A 78 -43.45 -5.98 -56.08
C PRO A 78 -44.57 -5.24 -56.83
N ALA A 81 -48.33 -7.63 -57.55
CA ALA A 81 -48.23 -8.15 -56.18
C ALA A 81 -49.12 -7.42 -55.15
N SER A 82 -49.72 -8.19 -54.25
CA SER A 82 -50.57 -7.63 -53.19
C SER A 82 -49.97 -7.91 -51.81
N PHE A 83 -50.18 -6.99 -50.88
CA PHE A 83 -49.64 -7.11 -49.53
C PHE A 83 -50.18 -8.24 -48.69
N ALA A 84 -49.28 -8.90 -47.96
CA ALA A 84 -49.59 -10.00 -47.05
C ALA A 84 -48.26 -10.49 -46.47
N ASP A 85 -48.23 -10.88 -45.19
CA ASP A 85 -49.38 -10.87 -44.29
C ASP A 85 -49.23 -9.84 -43.17
N GLY A 86 -47.97 -9.48 -42.88
CA GLY A 86 -47.70 -8.50 -41.84
C GLY A 86 -46.55 -8.86 -40.91
N ILE A 87 -46.22 -7.93 -40.02
CA ILE A 87 -45.15 -8.10 -39.04
C ILE A 87 -45.64 -7.72 -37.64
N ALA A 88 -45.17 -8.42 -36.62
CA ALA A 88 -45.57 -8.12 -35.27
C ALA A 88 -44.41 -8.02 -34.30
N PHE A 89 -44.55 -7.16 -33.31
CA PHE A 89 -43.54 -7.06 -32.25
C PHE A 89 -44.19 -7.92 -31.18
N ALA A 90 -43.49 -8.93 -30.68
CA ALA A 90 -44.09 -9.81 -29.69
C ALA A 90 -43.31 -10.11 -28.42
N LEU A 91 -44.06 -10.46 -27.39
CA LEU A 91 -43.53 -10.84 -26.10
C LEU A 91 -44.01 -12.27 -25.91
N VAL A 92 -43.14 -13.24 -26.14
CA VAL A 92 -43.49 -14.65 -26.04
C VAL A 92 -42.79 -15.40 -24.91
N PRO A 93 -43.29 -16.59 -24.55
CA PRO A 93 -42.67 -17.38 -23.48
C PRO A 93 -41.25 -17.74 -23.94
N VAL A 94 -40.30 -17.80 -23.00
CA VAL A 94 -38.91 -18.07 -23.34
C VAL A 94 -38.61 -19.25 -24.28
N GLY A 95 -39.12 -20.44 -24.01
CA GLY A 95 -38.81 -21.53 -24.94
C GLY A 95 -39.50 -21.44 -26.31
N SER A 96 -40.65 -20.77 -26.34
CA SER A 96 -41.51 -20.55 -27.51
C SER A 96 -41.04 -20.89 -28.93
N GLU A 97 -41.83 -21.72 -29.60
CA GLU A 97 -41.59 -22.16 -30.98
C GLU A 97 -42.62 -21.44 -31.85
N PRO A 98 -42.33 -21.25 -33.15
CA PRO A 98 -43.30 -20.55 -34.01
C PRO A 98 -44.70 -21.17 -33.99
N ARG A 99 -45.72 -20.37 -34.32
CA ARG A 99 -47.08 -20.88 -34.35
C ARG A 99 -47.61 -20.85 -35.79
N ARG A 100 -48.92 -20.74 -35.99
CA ARG A 100 -49.45 -20.76 -37.36
C ARG A 100 -48.97 -19.63 -38.26
N ASN A 101 -48.79 -19.92 -39.54
CA ASN A 101 -48.32 -18.90 -40.48
C ASN A 101 -49.46 -18.10 -41.12
N GLY A 102 -49.17 -17.47 -42.25
CA GLY A 102 -50.18 -16.67 -42.91
C GLY A 102 -50.72 -15.54 -42.05
N GLY A 103 -52.04 -15.43 -42.00
CA GLY A 103 -52.66 -14.38 -41.21
C GLY A 103 -52.52 -14.51 -39.71
N TYR A 104 -51.86 -15.57 -39.26
CA TYR A 104 -51.65 -15.77 -37.83
C TYR A 104 -50.31 -15.16 -37.40
N LEU A 105 -49.57 -14.68 -38.40
CA LEU A 105 -48.28 -14.00 -38.22
C LEU A 105 -47.22 -14.76 -37.43
N GLY A 106 -47.39 -16.06 -37.28
CA GLY A 106 -46.42 -16.86 -36.56
C GLY A 106 -46.47 -16.77 -35.04
N VAL A 107 -47.42 -16.01 -34.50
CA VAL A 107 -47.50 -15.88 -33.05
C VAL A 107 -48.77 -16.43 -32.42
N PHE A 108 -49.80 -16.72 -33.22
CA PHE A 108 -51.05 -17.25 -32.67
C PHE A 108 -51.59 -18.47 -33.42
N ASP A 109 -52.56 -19.14 -32.80
CA ASP A 109 -53.18 -20.34 -33.38
C ASP A 109 -54.66 -20.17 -33.70
N SER A 110 -55.30 -19.18 -33.09
CA SER A 110 -56.70 -18.94 -33.32
C SER A 110 -57.13 -17.53 -32.95
N ASP A 111 -58.36 -17.17 -33.32
CA ASP A 111 -58.91 -15.85 -33.04
C ASP A 111 -59.78 -15.90 -31.80
N VAL A 112 -59.71 -17.00 -31.07
CA VAL A 112 -60.46 -17.17 -29.85
C VAL A 112 -59.49 -17.00 -28.71
N TYR A 113 -59.84 -16.16 -27.73
CA TYR A 113 -58.97 -15.93 -26.59
C TYR A 113 -58.56 -17.22 -25.90
N ASN A 114 -57.26 -17.38 -25.69
CA ASN A 114 -56.72 -18.55 -25.03
C ASN A 114 -55.57 -18.08 -24.14
N ASN A 115 -55.89 -17.85 -22.88
CA ASN A 115 -54.91 -17.36 -21.91
C ASN A 115 -53.63 -18.18 -21.92
N SER A 116 -53.75 -19.49 -22.17
CA SER A 116 -52.60 -20.38 -22.17
C SER A 116 -51.60 -20.13 -23.30
N ALA A 117 -51.92 -19.23 -24.23
CA ALA A 117 -51.00 -18.92 -25.32
C ALA A 117 -49.88 -18.03 -24.77
N GLN A 118 -50.16 -17.35 -23.67
CA GLN A 118 -49.21 -16.46 -22.98
C GLN A 118 -48.40 -15.60 -23.95
N THR A 119 -49.09 -14.96 -24.88
CA THR A 119 -48.42 -14.11 -25.86
C THR A 119 -49.17 -12.82 -26.09
N VAL A 120 -48.42 -11.72 -26.17
CA VAL A 120 -48.99 -10.40 -26.40
C VAL A 120 -48.20 -9.82 -27.55
N ALA A 121 -48.87 -9.19 -28.51
CA ALA A 121 -48.18 -8.64 -29.67
C ALA A 121 -48.83 -7.37 -30.17
N VAL A 122 -48.05 -6.58 -30.90
CA VAL A 122 -48.56 -5.35 -31.51
C VAL A 122 -48.29 -5.64 -32.98
N GLU A 123 -49.37 -5.73 -33.75
CA GLU A 123 -49.25 -6.06 -35.17
C GLU A 123 -49.42 -4.91 -36.13
N PHE A 124 -48.83 -5.10 -37.29
CA PHE A 124 -48.88 -4.16 -38.40
C PHE A 124 -49.36 -5.11 -39.52
N ASP A 125 -50.67 -5.28 -39.51
CA ASP A 125 -51.44 -6.16 -40.39
C ASP A 125 -51.67 -5.58 -41.77
N THR A 126 -51.10 -6.22 -42.79
CA THR A 126 -51.24 -5.73 -44.15
C THR A 126 -52.31 -6.43 -44.99
N LEU A 127 -53.00 -7.39 -44.40
CA LEU A 127 -54.04 -8.11 -45.12
C LEU A 127 -55.21 -8.41 -44.19
N SER A 128 -56.39 -7.94 -44.61
CA SER A 128 -57.62 -8.13 -43.85
C SER A 128 -58.15 -9.55 -44.00
N ASN A 129 -58.25 -10.27 -42.88
CA ASN A 129 -58.78 -11.63 -42.87
C ASN A 129 -60.24 -11.51 -42.40
N SER A 130 -61.18 -11.78 -43.31
CA SER A 130 -62.62 -11.68 -43.04
C SER A 130 -63.06 -12.20 -41.69
N GLY A 131 -62.50 -13.34 -41.27
CA GLY A 131 -62.90 -13.91 -40.00
C GLY A 131 -62.69 -13.08 -38.75
N TRP A 132 -61.70 -12.18 -38.71
CA TRP A 132 -61.44 -11.42 -37.50
C TRP A 132 -60.88 -10.02 -37.67
N ASP A 133 -60.54 -9.64 -38.90
CA ASP A 133 -59.92 -8.36 -39.18
C ASP A 133 -60.82 -7.20 -39.55
N PRO A 134 -60.41 -5.96 -39.23
CA PRO A 134 -61.21 -4.78 -39.58
C PRO A 134 -61.06 -4.66 -41.10
N SER A 135 -61.85 -3.80 -41.73
CA SER A 135 -61.83 -3.64 -43.19
C SER A 135 -60.48 -3.41 -43.92
N MET A 136 -59.61 -2.55 -43.39
CA MET A 136 -58.35 -2.28 -44.09
C MET A 136 -57.06 -2.65 -43.36
N LYS A 137 -55.94 -2.13 -43.86
CA LYS A 137 -54.63 -2.37 -43.26
C LYS A 137 -54.67 -1.65 -41.92
N HIS A 138 -54.15 -2.29 -40.87
CA HIS A 138 -54.24 -1.69 -39.55
C HIS A 138 -53.11 -2.04 -38.60
N ILE A 139 -53.11 -1.34 -37.48
CA ILE A 139 -52.17 -1.57 -36.43
C ILE A 139 -53.09 -2.09 -35.33
N GLY A 140 -52.70 -3.16 -34.66
CA GLY A 140 -53.56 -3.66 -33.61
C GLY A 140 -52.82 -4.24 -32.42
N ILE A 141 -53.50 -4.30 -31.28
CA ILE A 141 -52.93 -4.86 -30.07
C ILE A 141 -53.57 -6.24 -29.86
N ASP A 142 -52.77 -7.29 -29.93
CA ASP A 142 -53.28 -8.65 -29.76
C ASP A 142 -52.93 -9.22 -28.40
N VAL A 143 -53.94 -9.72 -27.69
CA VAL A 143 -53.73 -10.29 -26.38
C VAL A 143 -54.22 -11.75 -26.32
N ASN A 144 -53.34 -12.69 -26.63
CA ASN A 144 -53.68 -14.11 -26.57
C ASN A 144 -54.70 -14.53 -27.62
N SER A 145 -54.68 -13.84 -28.76
CA SER A 145 -55.59 -14.13 -29.85
C SER A 145 -55.21 -13.21 -31.04
N ILE A 146 -55.42 -13.69 -32.27
CA ILE A 146 -55.11 -12.91 -33.45
C ILE A 146 -56.15 -11.80 -33.72
N LYS A 147 -57.24 -11.84 -32.97
CA LYS A 147 -58.28 -10.82 -33.07
C LYS A 147 -57.95 -9.66 -32.12
N SER A 148 -57.37 -8.60 -32.67
CA SER A 148 -56.96 -7.44 -31.86
C SER A 148 -58.04 -6.90 -30.97
N ILE A 149 -57.67 -6.51 -29.76
CA ILE A 149 -58.64 -5.92 -28.82
C ILE A 149 -58.84 -4.44 -29.15
N ALA A 150 -58.06 -3.93 -30.10
CA ALA A 150 -58.13 -2.54 -30.51
C ALA A 150 -57.28 -2.38 -31.74
N THR A 151 -57.76 -1.59 -32.70
CA THR A 151 -57.03 -1.37 -33.94
C THR A 151 -57.20 0.07 -34.38
N VAL A 152 -56.48 0.41 -35.42
CA VAL A 152 -56.52 1.75 -35.98
C VAL A 152 -56.13 1.58 -37.44
N SER A 153 -56.76 2.35 -38.31
CA SER A 153 -56.48 2.28 -39.73
C SER A 153 -55.06 2.73 -39.97
N TRP A 154 -54.42 2.14 -40.96
CA TRP A 154 -53.06 2.51 -41.27
C TRP A 154 -52.86 2.54 -42.78
N ASP A 155 -52.33 3.64 -43.26
CA ASP A 155 -52.08 3.80 -44.69
C ASP A 155 -50.63 3.45 -44.98
N LEU A 156 -50.35 2.19 -45.26
CA LEU A 156 -48.99 1.73 -45.53
C LEU A 156 -48.33 2.38 -46.74
N ALA A 157 -47.18 3.01 -46.53
CA ALA A 157 -46.45 3.63 -47.62
C ALA A 157 -45.46 2.60 -48.15
N ASN A 158 -45.80 1.95 -49.26
CA ASN A 158 -44.95 0.91 -49.86
C ASN A 158 -43.50 1.33 -50.08
N GLY A 159 -42.58 0.52 -49.56
CA GLY A 159 -41.15 0.78 -49.71
C GLY A 159 -40.56 1.91 -48.90
N GLU A 160 -41.37 2.58 -48.10
CA GLU A 160 -40.86 3.68 -47.29
C GLU A 160 -40.74 3.28 -45.84
N ASN A 161 -39.72 3.82 -45.17
CA ASN A 161 -39.45 3.52 -43.77
C ASN A 161 -40.59 3.87 -42.85
N ALA A 162 -40.79 3.00 -41.87
CA ALA A 162 -41.81 3.19 -40.85
C ALA A 162 -41.07 3.22 -39.51
N GLU A 163 -41.25 4.29 -38.76
CA GLU A 163 -40.60 4.39 -37.45
C GLU A 163 -41.64 4.16 -36.36
N ILE A 164 -41.56 2.99 -35.73
CA ILE A 164 -42.47 2.59 -34.68
C ILE A 164 -41.94 2.78 -33.27
N LEU A 165 -42.84 3.10 -32.35
CA LEU A 165 -42.48 3.28 -30.95
C LEU A 165 -43.60 2.68 -30.10
N ILE A 166 -43.26 1.69 -29.29
CA ILE A 166 -44.23 1.01 -28.42
C ILE A 166 -43.78 1.18 -26.96
N THR A 167 -44.71 1.46 -26.07
CA THR A 167 -44.35 1.63 -24.68
C THR A 167 -45.40 1.01 -23.76
N TYR A 168 -44.98 0.59 -22.57
CA TYR A 168 -45.90 0.05 -21.59
C TYR A 168 -45.60 0.77 -20.29
N ASN A 169 -46.63 1.40 -19.72
CA ASN A 169 -46.50 2.13 -18.48
C ASN A 169 -47.20 1.33 -17.38
N ALA A 170 -46.43 0.76 -16.47
CA ALA A 170 -47.01 -0.05 -15.40
C ALA A 170 -47.92 0.72 -14.46
N ALA A 171 -47.68 2.02 -14.30
CA ALA A 171 -48.50 2.84 -13.42
C ALA A 171 -49.95 2.96 -13.92
N THR A 172 -50.12 3.12 -15.23
CA THR A 172 -51.44 3.24 -15.83
C THR A 172 -51.88 1.95 -16.51
N SER A 173 -50.98 0.98 -16.65
CA SER A 173 -51.28 -0.29 -17.32
C SER A 173 -51.61 -0.06 -18.78
N LEU A 174 -51.19 1.08 -19.31
CA LEU A 174 -51.44 1.45 -20.68
C LEU A 174 -50.35 1.08 -21.67
N LEU A 175 -50.74 0.37 -22.73
CA LEU A 175 -49.82 0.00 -23.79
C LEU A 175 -50.10 0.98 -24.92
N VAL A 176 -49.08 1.66 -25.41
CA VAL A 176 -49.28 2.61 -26.49
C VAL A 176 -48.35 2.31 -27.66
N ALA A 177 -48.89 2.33 -28.88
CA ALA A 177 -48.11 2.05 -30.06
C ALA A 177 -48.33 3.20 -31.04
N SER A 178 -47.29 3.54 -31.78
CA SER A 178 -47.39 4.62 -32.74
C SER A 178 -46.45 4.35 -33.91
N LEU A 179 -46.83 4.85 -35.08
CA LEU A 179 -46.07 4.65 -36.30
C LEU A 179 -45.97 5.98 -37.05
N VAL A 180 -44.83 6.20 -37.70
CA VAL A 180 -44.62 7.43 -38.43
C VAL A 180 -43.90 7.12 -39.72
N HIS A 181 -44.41 7.66 -40.83
CA HIS A 181 -43.77 7.50 -42.12
C HIS A 181 -43.21 8.89 -42.39
N PRO A 182 -41.95 9.13 -42.00
CA PRO A 182 -41.33 10.44 -42.21
C PRO A 182 -41.45 11.00 -43.63
N SER A 183 -41.33 10.12 -44.63
CA SER A 183 -41.42 10.52 -46.03
C SER A 183 -42.74 11.21 -46.36
N ARG A 184 -43.85 10.70 -45.81
CA ARG A 184 -45.17 11.27 -46.06
C ARG A 184 -45.69 12.16 -44.94
N ARG A 185 -44.90 12.31 -43.89
CA ARG A 185 -45.29 13.13 -42.74
C ARG A 185 -46.60 12.66 -42.12
N THR A 186 -46.87 11.36 -42.22
CA THR A 186 -48.09 10.79 -41.66
C THR A 186 -47.78 10.05 -40.36
N SER A 187 -48.73 10.05 -39.43
CA SER A 187 -48.52 9.38 -38.16
C SER A 187 -49.81 8.77 -37.59
N TYR A 188 -49.66 7.65 -36.89
CA TYR A 188 -50.78 6.95 -36.29
C TYR A 188 -50.46 6.59 -34.85
N ILE A 189 -51.49 6.50 -34.03
CA ILE A 189 -51.29 6.16 -32.63
C ILE A 189 -52.49 5.35 -32.14
N LEU A 190 -52.23 4.47 -31.19
CA LEU A 190 -53.25 3.59 -30.65
C LEU A 190 -52.89 3.28 -29.20
N SER A 191 -53.89 3.12 -28.35
CA SER A 191 -53.62 2.82 -26.95
C SER A 191 -54.73 2.03 -26.28
N GLU A 192 -54.36 1.15 -25.37
CA GLU A 192 -55.34 0.33 -24.68
C GLU A 192 -54.75 -0.21 -23.39
N ARG A 193 -55.60 -0.35 -22.37
CA ARG A 193 -55.15 -0.87 -21.10
C ARG A 193 -54.93 -2.39 -21.19
N VAL A 194 -53.80 -2.88 -20.68
CA VAL A 194 -53.51 -4.31 -20.69
C VAL A 194 -53.00 -4.76 -19.33
N ASP A 195 -53.66 -5.77 -18.75
CA ASP A 195 -53.25 -6.31 -17.46
C ASP A 195 -52.23 -7.40 -17.76
N ILE A 196 -51.01 -6.95 -18.00
CA ILE A 196 -49.90 -7.80 -18.36
C ILE A 196 -49.57 -9.01 -17.46
N THR A 197 -49.68 -8.84 -16.14
CA THR A 197 -49.37 -9.93 -15.21
C THR A 197 -50.30 -11.10 -15.36
N ASN A 198 -51.39 -10.90 -16.07
CA ASN A 198 -52.38 -11.94 -16.25
C ASN A 198 -52.31 -12.60 -17.62
N GLU A 199 -51.68 -11.92 -18.57
CA GLU A 199 -51.58 -12.44 -19.93
C GLU A 199 -50.25 -13.06 -20.32
N LEU A 200 -49.23 -12.78 -19.51
CA LEU A 200 -47.89 -13.29 -19.81
C LEU A 200 -47.15 -13.90 -18.62
N PRO A 201 -46.06 -14.66 -18.89
CA PRO A 201 -45.29 -15.26 -17.80
C PRO A 201 -44.32 -14.20 -17.24
N GLU A 202 -43.67 -14.49 -16.12
CA GLU A 202 -42.71 -13.55 -15.52
C GLU A 202 -41.56 -13.18 -16.45
N TYR A 203 -41.09 -14.17 -17.21
CA TYR A 203 -39.98 -13.95 -18.13
C TYR A 203 -40.44 -14.20 -19.55
N VAL A 204 -39.98 -13.36 -20.47
CA VAL A 204 -40.36 -13.50 -21.87
C VAL A 204 -39.17 -13.16 -22.77
N SER A 205 -39.31 -13.47 -24.04
CA SER A 205 -38.32 -13.12 -25.05
C SER A 205 -39.01 -12.02 -25.84
N VAL A 206 -38.26 -11.01 -26.28
CA VAL A 206 -38.87 -9.94 -27.03
C VAL A 206 -38.27 -9.93 -28.43
N GLY A 207 -39.10 -9.68 -29.43
CA GLY A 207 -38.62 -9.67 -30.78
C GLY A 207 -39.72 -9.52 -31.81
N PHE A 208 -39.48 -10.02 -33.01
CA PHE A 208 -40.41 -9.91 -34.11
C PHE A 208 -40.82 -11.22 -34.73
N SER A 209 -41.93 -11.18 -35.44
CA SER A 209 -42.49 -12.33 -36.14
C SER A 209 -43.14 -11.78 -37.41
N ALA A 210 -42.90 -12.44 -38.54
CA ALA A 210 -43.48 -11.96 -39.80
C ALA A 210 -43.76 -13.09 -40.74
N THR A 211 -44.84 -12.95 -41.51
CA THR A 211 -45.23 -13.96 -42.48
C THR A 211 -45.65 -13.33 -43.80
N THR A 212 -45.57 -14.09 -44.88
CA THR A 212 -46.02 -13.62 -46.17
C THR A 212 -47.29 -14.40 -46.48
N GLY A 213 -48.01 -13.98 -47.51
CA GLY A 213 -49.26 -14.65 -47.88
C GLY A 213 -49.06 -16.07 -48.33
N LEU A 214 -50.13 -16.85 -48.28
CA LEU A 214 -50.08 -18.25 -48.69
C LEU A 214 -50.34 -18.45 -50.17
N SER A 215 -50.56 -17.35 -50.90
CA SER A 215 -50.84 -17.43 -52.33
C SER A 215 -49.71 -16.81 -53.12
N GLU A 216 -49.62 -17.19 -54.39
CA GLU A 216 -48.57 -16.72 -55.28
C GLU A 216 -48.37 -15.21 -55.40
N GLY A 217 -49.45 -14.44 -55.25
CA GLY A 217 -49.32 -13.00 -55.41
C GLY A 217 -49.50 -12.15 -54.16
N TYR A 218 -49.56 -12.80 -53.01
CA TYR A 218 -49.72 -12.09 -51.73
C TYR A 218 -48.39 -12.16 -50.98
N ILE A 219 -47.51 -11.22 -51.31
CA ILE A 219 -46.17 -11.19 -50.74
C ILE A 219 -45.60 -9.78 -50.50
N GLU A 220 -44.69 -9.69 -49.54
CA GLU A 220 -44.03 -8.44 -49.18
C GLU A 220 -42.75 -8.76 -48.41
N THR A 221 -41.86 -7.79 -48.28
CA THR A 221 -40.63 -7.98 -47.53
C THR A 221 -40.82 -7.39 -46.14
N HIS A 222 -40.04 -7.88 -45.18
CA HIS A 222 -40.09 -7.40 -43.81
C HIS A 222 -38.66 -7.17 -43.33
N ASP A 223 -38.18 -5.94 -43.46
CA ASP A 223 -36.83 -5.62 -43.05
C ASP A 223 -36.80 -4.71 -41.84
N VAL A 224 -36.03 -5.10 -40.83
CA VAL A 224 -35.88 -4.26 -39.64
C VAL A 224 -34.49 -3.64 -39.78
N LEU A 225 -34.45 -2.30 -39.85
CA LEU A 225 -33.21 -1.57 -40.03
C LEU A 225 -32.52 -1.10 -38.74
N SER A 226 -33.24 -1.10 -37.63
CA SER A 226 -32.68 -0.69 -36.37
C SER A 226 -33.68 -1.05 -35.28
N TRP A 227 -33.19 -1.29 -34.07
CA TRP A 227 -34.05 -1.69 -32.97
C TRP A 227 -33.47 -1.35 -31.59
N SER A 228 -34.31 -0.82 -30.71
CA SER A 228 -33.90 -0.46 -29.36
C SER A 228 -34.93 -0.98 -28.40
N PHE A 229 -34.49 -1.33 -27.21
CA PHE A 229 -35.40 -1.83 -26.19
C PHE A 229 -34.85 -1.43 -24.84
N ALA A 230 -35.74 -1.12 -23.90
CA ALA A 230 -35.32 -0.76 -22.56
C ALA A 230 -36.42 -1.20 -21.60
N SER A 231 -36.03 -1.76 -20.46
CA SER A 231 -36.96 -2.25 -19.48
C SER A 231 -36.48 -1.92 -18.07
N LYS A 232 -37.41 -1.61 -17.18
CA LYS A 232 -37.06 -1.30 -15.80
C LYS A 232 -38.00 -1.97 -14.82
N LEU A 233 -37.48 -2.88 -14.01
CA LEU A 233 -38.29 -3.58 -13.02
C LEU A 233 -38.00 -3.05 -11.62
N PRO A 234 -39.00 -2.43 -10.98
CA PRO A 234 -38.78 -1.88 -9.62
C PRO A 234 -38.62 -2.97 -8.55
N ASP A 235 -38.34 -2.53 -7.32
CA ASP A 235 -38.15 -3.45 -6.20
C ASP A 235 -39.44 -3.68 -5.43
N ASP A 236 -40.34 -2.70 -5.47
CA ASP A 236 -41.62 -2.85 -4.78
C ASP A 236 -42.81 -2.67 -5.72
N SER A 237 -44.01 -2.72 -5.14
CA SER A 237 -45.25 -2.55 -5.89
C SER A 237 -45.26 -1.23 -6.66
N THR A 238 -44.85 -0.15 -5.97
CA THR A 238 -44.80 1.20 -6.55
C THR A 238 -44.14 1.21 -7.93
N ALA A 239 -44.91 1.58 -8.95
CA ALA A 239 -44.43 1.64 -10.32
C ALA A 239 -43.87 3.01 -10.70
N GLU A 240 -42.95 3.01 -11.66
CA GLU A 240 -42.31 4.24 -12.13
C GLU A 240 -42.09 4.23 -13.64
N PRO A 241 -42.90 5.00 -14.38
CA PRO A 241 -42.75 5.05 -15.84
C PRO A 241 -41.31 5.37 -16.23
N LEU A 242 -40.96 5.10 -17.48
CA LEU A 242 -39.61 5.38 -17.94
C LEU A 242 -39.45 6.81 -18.42
N ASP A 243 -38.18 7.21 -18.60
CA ASP A 243 -37.86 8.54 -19.10
C ASP A 243 -37.63 8.36 -20.61
N LEU A 244 -38.70 8.64 -21.36
CA LEU A 244 -38.68 8.54 -22.81
C LEU A 244 -37.89 9.69 -23.46
N ALA A 245 -38.00 10.89 -22.89
CA ALA A 245 -37.27 12.02 -23.42
C ALA A 245 -35.82 11.50 -23.50
N SER A 246 -35.32 10.99 -22.38
CA SER A 246 -33.95 10.48 -22.30
C SER A 246 -33.73 9.19 -23.11
N TYR A 247 -34.74 8.33 -23.14
CA TYR A 247 -34.65 7.07 -23.86
C TYR A 247 -34.44 7.20 -25.39
N LEU A 248 -35.25 8.02 -26.05
CA LEU A 248 -35.14 8.20 -27.52
C LEU A 248 -33.84 8.88 -27.96
N VAL A 249 -33.51 10.00 -27.31
CA VAL A 249 -32.30 10.74 -27.64
C VAL A 249 -31.04 9.87 -27.41
N ARG A 250 -31.04 9.07 -26.35
CA ARG A 250 -29.92 8.20 -26.04
C ARG A 250 -30.00 6.86 -26.79
N ASN A 251 -31.17 6.55 -27.38
CA ASN A 251 -31.36 5.30 -28.10
C ASN A 251 -31.86 5.42 -29.53
N VAL A 252 -32.84 6.27 -29.75
CA VAL A 252 -33.43 6.43 -31.08
C VAL A 252 -32.94 7.60 -31.95
N LEU A 253 -32.88 8.80 -31.38
CA LEU A 253 -32.47 9.97 -32.15
C LEU A 253 -30.99 10.09 -32.48
N ALA B 1 -23.99 3.42 -33.82
CA ALA B 1 -23.37 2.79 -32.62
C ALA B 1 -24.30 1.74 -32.06
N ASN B 2 -23.71 0.66 -31.56
CA ASN B 2 -24.47 -0.42 -30.95
C ASN B 2 -24.26 -0.37 -29.45
N ILE B 3 -25.34 -0.52 -28.69
CA ILE B 3 -25.23 -0.46 -27.25
C ILE B 3 -25.94 -1.61 -26.57
N GLN B 4 -25.33 -2.11 -25.51
CA GLN B 4 -25.93 -3.17 -24.72
C GLN B 4 -25.60 -2.82 -23.31
N SER B 5 -26.55 -3.01 -22.40
CA SER B 5 -26.29 -2.67 -21.01
C SER B 5 -27.32 -3.33 -20.12
N PHE B 6 -26.97 -3.54 -18.87
CA PHE B 6 -27.89 -4.14 -17.92
C PHE B 6 -27.43 -3.75 -16.54
N SER B 7 -28.32 -3.93 -15.56
CA SER B 7 -28.00 -3.59 -14.19
C SER B 7 -28.90 -4.39 -13.29
N PHE B 8 -28.30 -5.27 -12.49
CA PHE B 8 -29.06 -6.11 -11.58
C PHE B 8 -28.75 -5.85 -10.12
N LYS B 9 -29.81 -5.74 -9.32
CA LYS B 9 -29.69 -5.53 -7.88
C LYS B 9 -30.22 -6.80 -7.23
N ASN B 10 -30.79 -7.66 -8.06
CA ASN B 10 -31.39 -8.91 -7.62
C ASN B 10 -31.12 -9.92 -8.71
N PHE B 11 -30.74 -11.13 -8.34
CA PHE B 11 -30.41 -12.13 -9.35
C PHE B 11 -31.42 -13.26 -9.53
N ASN B 12 -31.48 -13.76 -10.77
CA ASN B 12 -32.37 -14.85 -11.16
C ASN B 12 -31.73 -15.55 -12.35
N SER B 13 -31.62 -16.88 -12.24
CA SER B 13 -31.00 -17.71 -13.25
C SER B 13 -31.29 -17.52 -14.74
N PRO B 14 -32.55 -17.22 -15.12
CA PRO B 14 -32.90 -17.04 -16.54
C PRO B 14 -31.98 -16.21 -17.43
N SER B 15 -31.54 -15.05 -16.94
CA SER B 15 -30.69 -14.19 -17.76
C SER B 15 -29.21 -14.52 -17.72
N PHE B 16 -28.83 -15.54 -16.93
CA PHE B 16 -27.44 -15.93 -16.81
C PHE B 16 -27.09 -17.35 -17.22
N ILE B 17 -25.84 -17.53 -17.63
CA ILE B 17 -25.32 -18.82 -18.01
C ILE B 17 -24.48 -19.23 -16.79
N LEU B 18 -24.93 -20.23 -16.05
CA LEU B 18 -24.21 -20.69 -14.87
C LEU B 18 -23.38 -21.95 -15.16
N GLN B 19 -22.13 -21.95 -14.72
CA GLN B 19 -21.24 -23.09 -14.90
C GLN B 19 -20.64 -23.50 -13.53
N GLY B 20 -20.30 -24.78 -13.41
CA GLY B 20 -19.73 -25.25 -12.16
C GLY B 20 -20.68 -25.19 -11.00
N ASP B 21 -20.19 -24.76 -9.84
CA ASP B 21 -21.01 -24.65 -8.64
C ASP B 21 -21.74 -23.31 -8.52
N ALA B 22 -21.69 -22.51 -9.59
CA ALA B 22 -22.35 -21.22 -9.58
C ALA B 22 -23.86 -21.42 -9.39
N THR B 23 -24.42 -20.70 -8.43
CA THR B 23 -25.84 -20.81 -8.14
C THR B 23 -26.44 -19.47 -7.75
N VAL B 24 -27.75 -19.34 -7.87
CA VAL B 24 -28.41 -18.09 -7.47
C VAL B 24 -29.30 -18.43 -6.29
N SER B 25 -29.13 -17.73 -5.18
CA SER B 25 -29.94 -18.01 -4.00
C SER B 25 -30.20 -16.73 -3.20
N SER B 26 -31.45 -16.56 -2.79
CA SER B 26 -31.85 -15.40 -2.01
C SER B 26 -31.54 -14.10 -2.76
N GLY B 27 -31.60 -14.17 -4.09
CA GLY B 27 -31.36 -12.98 -4.88
C GLY B 27 -29.92 -12.65 -5.17
N LYS B 28 -28.97 -13.37 -4.59
CA LYS B 28 -27.57 -13.08 -4.86
C LYS B 28 -26.93 -14.20 -5.64
N LEU B 29 -25.81 -13.88 -6.27
CA LEU B 29 -25.08 -14.83 -7.08
C LEU B 29 -23.92 -15.44 -6.29
N GLN B 30 -24.00 -16.74 -6.00
CA GLN B 30 -22.96 -17.45 -5.26
C GLN B 30 -22.13 -18.25 -6.23
N LEU B 31 -20.92 -17.79 -6.50
CA LEU B 31 -20.05 -18.46 -7.45
C LEU B 31 -19.46 -19.79 -7.01
N THR B 32 -19.16 -19.94 -5.72
CA THR B 32 -18.57 -21.17 -5.23
C THR B 32 -19.43 -21.89 -4.19
N LYS B 33 -19.29 -23.21 -4.15
CA LYS B 33 -20.04 -24.07 -3.24
C LYS B 33 -19.97 -23.67 -1.76
N VAL B 34 -21.09 -23.88 -1.06
CA VAL B 34 -21.20 -23.55 0.35
C VAL B 34 -22.11 -24.56 1.04
N LYS B 35 -21.60 -25.21 2.08
CA LYS B 35 -22.38 -26.18 2.84
C LYS B 35 -23.58 -25.48 3.47
N GLU B 36 -24.67 -26.21 3.67
CA GLU B 36 -25.90 -25.67 4.25
C GLU B 36 -25.68 -24.85 5.52
N ASN B 37 -24.70 -25.25 6.33
CA ASN B 37 -24.41 -24.54 7.57
C ASN B 37 -23.76 -23.18 7.32
N GLY B 38 -23.47 -22.89 6.04
CA GLY B 38 -22.89 -21.61 5.70
C GLY B 38 -21.38 -21.54 5.45
N ILE B 39 -20.66 -22.61 5.74
CA ILE B 39 -19.22 -22.58 5.53
C ILE B 39 -18.80 -23.03 4.12
N PRO B 40 -17.84 -22.31 3.52
CA PRO B 40 -17.32 -22.60 2.18
C PRO B 40 -16.79 -24.03 2.02
N THR B 41 -16.54 -24.40 0.77
CA THR B 41 -16.05 -25.73 0.45
C THR B 41 -14.77 -25.65 -0.39
N PRO B 42 -13.86 -26.60 -0.18
CA PRO B 42 -12.61 -26.59 -0.94
C PRO B 42 -12.77 -27.19 -2.34
N SER B 43 -11.85 -26.86 -3.24
CA SER B 43 -11.89 -27.39 -4.58
C SER B 43 -13.14 -27.00 -5.35
N SER B 44 -13.68 -25.83 -5.06
CA SER B 44 -14.87 -25.35 -5.75
C SER B 44 -14.51 -24.48 -6.96
N LEU B 45 -15.39 -24.46 -7.95
CA LEU B 45 -15.20 -23.65 -9.15
C LEU B 45 -16.57 -23.26 -9.66
N GLY B 46 -16.77 -21.97 -9.90
CA GLY B 46 -18.05 -21.49 -10.41
C GLY B 46 -17.89 -20.34 -11.37
N ARG B 47 -18.71 -20.30 -12.40
CA ARG B 47 -18.67 -19.21 -13.37
C ARG B 47 -20.10 -18.78 -13.72
N ALA B 48 -20.26 -17.52 -14.14
CA ALA B 48 -21.57 -16.98 -14.51
C ALA B 48 -21.41 -15.85 -15.52
N PHE B 49 -22.15 -15.93 -16.62
CA PHE B 49 -22.06 -14.89 -17.65
C PHE B 49 -23.42 -14.38 -18.07
N TYR B 50 -23.45 -13.19 -18.65
CA TYR B 50 -24.71 -12.65 -19.14
C TYR B 50 -25.06 -13.52 -20.33
N SER B 51 -26.34 -13.86 -20.48
CA SER B 51 -26.80 -14.73 -21.57
C SER B 51 -26.70 -14.15 -22.97
N SER B 52 -26.36 -12.88 -23.10
CA SER B 52 -26.24 -12.30 -24.43
C SER B 52 -24.79 -11.89 -24.71
N PRO B 53 -24.22 -12.34 -25.83
CA PRO B 53 -22.85 -12.01 -26.21
C PRO B 53 -22.67 -10.53 -26.42
N ILE B 54 -21.47 -10.04 -26.18
CA ILE B 54 -21.15 -8.64 -26.38
C ILE B 54 -20.08 -8.50 -27.46
N GLN B 55 -20.28 -7.55 -28.38
CA GLN B 55 -19.32 -7.33 -29.44
C GLN B 55 -18.30 -6.29 -29.00
N ILE B 56 -17.06 -6.74 -28.81
CA ILE B 56 -15.94 -5.91 -28.35
C ILE B 56 -15.33 -5.01 -29.42
N TYR B 57 -15.36 -5.48 -30.66
CA TYR B 57 -14.84 -4.70 -31.79
C TYR B 57 -15.38 -5.24 -33.11
N ASP B 58 -15.08 -4.54 -34.20
CA ASP B 58 -15.54 -4.97 -35.51
C ASP B 58 -14.38 -4.91 -36.50
N LYS B 59 -13.98 -6.07 -36.98
CA LYS B 59 -12.88 -6.19 -37.92
C LYS B 59 -13.08 -5.40 -39.22
N SER B 60 -14.28 -5.46 -39.77
CA SER B 60 -14.58 -4.76 -41.01
C SER B 60 -14.52 -3.23 -40.91
N THR B 61 -15.10 -2.65 -39.86
CA THR B 61 -15.09 -1.20 -39.73
C THR B 61 -13.90 -0.67 -38.94
N GLY B 62 -13.26 -1.57 -38.20
CA GLY B 62 -12.11 -1.19 -37.40
C GLY B 62 -12.49 -0.46 -36.12
N ALA B 63 -13.75 -0.56 -35.73
CA ALA B 63 -14.22 0.09 -34.51
C ALA B 63 -13.96 -0.79 -33.30
N VAL B 64 -13.65 -0.15 -32.18
CA VAL B 64 -13.40 -0.86 -30.92
C VAL B 64 -14.32 -0.28 -29.87
N ALA B 65 -14.99 -1.15 -29.12
CA ALA B 65 -15.92 -0.72 -28.10
C ALA B 65 -15.29 -0.20 -26.81
N SER B 66 -15.99 0.69 -26.14
CA SER B 66 -15.58 1.23 -24.85
C SER B 66 -16.62 0.62 -23.93
N TRP B 67 -16.24 0.21 -22.74
CA TRP B 67 -17.23 -0.39 -21.86
C TRP B 67 -16.88 -0.16 -20.41
N ALA B 68 -17.79 -0.55 -19.53
CA ALA B 68 -17.58 -0.39 -18.11
C ALA B 68 -18.47 -1.38 -17.39
N THR B 69 -18.04 -1.79 -16.21
CA THR B 69 -18.81 -2.70 -15.40
C THR B 69 -18.55 -2.36 -13.96
N SER B 70 -19.50 -2.65 -13.09
CA SER B 70 -19.34 -2.36 -11.68
C SER B 70 -20.12 -3.40 -10.92
N PHE B 71 -19.61 -3.85 -9.79
CA PHE B 71 -20.30 -4.85 -9.02
C PHE B 71 -19.85 -4.82 -7.57
N THR B 72 -20.62 -5.47 -6.71
CA THR B 72 -20.33 -5.52 -5.30
C THR B 72 -20.16 -6.97 -4.89
N VAL B 73 -19.00 -7.30 -4.34
CA VAL B 73 -18.70 -8.66 -3.89
C VAL B 73 -18.48 -8.68 -2.40
N LYS B 74 -18.66 -9.86 -1.82
CA LYS B 74 -18.47 -10.05 -0.40
C LYS B 74 -17.71 -11.37 -0.30
N ILE B 75 -16.48 -11.29 0.21
CA ILE B 75 -15.65 -12.47 0.38
C ILE B 75 -15.47 -12.73 1.87
N SER B 76 -15.78 -13.94 2.29
CA SER B 76 -15.65 -14.31 3.70
C SER B 76 -14.95 -15.65 3.91
N ALA B 77 -14.13 -15.70 4.95
CA ALA B 77 -13.42 -16.91 5.30
C ALA B 77 -13.70 -17.15 6.77
N PRO B 78 -13.94 -18.41 7.13
CA PRO B 78 -14.21 -18.73 8.53
C PRO B 78 -12.93 -18.43 9.30
N SER B 79 -13.06 -18.11 10.58
CA SER B 79 -11.92 -17.80 11.44
C SER B 79 -10.74 -18.76 11.33
N LYS B 80 -11.05 -20.04 11.52
CA LYS B 80 -10.08 -21.13 11.51
C LYS B 80 -9.36 -21.38 10.17
N ALA B 81 -9.85 -20.77 9.10
CA ALA B 81 -9.27 -20.97 7.79
C ALA B 81 -8.46 -19.81 7.22
N SER B 82 -7.97 -20.05 6.02
CA SER B 82 -7.16 -19.10 5.27
C SER B 82 -7.76 -18.82 3.89
N PHE B 83 -7.59 -17.60 3.40
CA PHE B 83 -8.12 -17.19 2.10
C PHE B 83 -7.55 -17.89 0.87
N ALA B 84 -8.45 -18.26 -0.04
CA ALA B 84 -8.11 -18.91 -1.31
C ALA B 84 -9.43 -19.16 -2.04
N ASP B 85 -9.46 -19.01 -3.37
CA ASP B 85 -8.31 -18.64 -4.19
C ASP B 85 -8.49 -17.25 -4.83
N GLY B 86 -9.73 -16.81 -4.96
CA GLY B 86 -10.02 -15.51 -5.54
C GLY B 86 -11.18 -15.50 -6.54
N ILE B 87 -11.51 -14.30 -7.02
CA ILE B 87 -12.58 -14.11 -7.98
C ILE B 87 -12.12 -13.21 -9.10
N ALA B 88 -12.56 -13.49 -10.33
CA ALA B 88 -12.17 -12.68 -11.47
C ALA B 88 -13.33 -12.23 -12.34
N PHE B 89 -13.21 -11.03 -12.91
CA PHE B 89 -14.22 -10.55 -13.84
C PHE B 89 -13.56 -10.92 -15.16
N ALA B 90 -14.26 -11.67 -16.01
CA ALA B 90 -13.64 -12.07 -17.26
C ALA B 90 -14.41 -11.86 -18.55
N LEU B 91 -13.64 -11.78 -19.63
CA LEU B 91 -14.17 -11.63 -20.98
C LEU B 91 -13.64 -12.87 -21.71
N VAL B 92 -14.51 -13.88 -21.88
CA VAL B 92 -14.13 -15.14 -22.50
C VAL B 92 -14.82 -15.39 -23.86
N PRO B 93 -14.29 -16.35 -24.64
CA PRO B 93 -14.91 -16.67 -25.94
C PRO B 93 -16.33 -17.20 -25.68
N VAL B 94 -17.27 -16.90 -26.57
CA VAL B 94 -18.65 -17.31 -26.36
C VAL B 94 -18.93 -18.77 -25.94
N GLY B 95 -18.40 -19.75 -26.65
CA GLY B 95 -18.69 -21.11 -26.23
C GLY B 95 -18.02 -21.56 -24.94
N SER B 96 -16.88 -20.93 -24.63
CA SER B 96 -16.02 -21.18 -23.46
C SER B 96 -16.49 -22.05 -22.28
N GLU B 97 -15.70 -23.06 -21.99
CA GLU B 97 -15.93 -24.01 -20.88
C GLU B 97 -14.90 -23.64 -19.80
N PRO B 98 -15.19 -23.98 -18.52
CA PRO B 98 -14.24 -23.65 -17.44
C PRO B 98 -12.83 -24.20 -17.69
N ARG B 99 -11.82 -23.56 -17.09
CA ARG B 99 -10.43 -24.02 -17.24
C ARG B 99 -9.91 -24.53 -15.90
N ARG B 100 -8.60 -24.51 -15.65
CA ARG B 100 -8.08 -25.06 -14.40
C ARG B 100 -8.58 -24.37 -13.15
N ASN B 101 -8.75 -25.13 -12.07
CA ASN B 101 -9.24 -24.56 -10.83
C ASN B 101 -8.12 -24.07 -9.92
N GLY B 102 -8.42 -23.91 -8.63
CA GLY B 102 -7.41 -23.43 -7.71
C GLY B 102 -6.89 -22.05 -8.07
N GLY B 103 -5.57 -21.92 -8.08
CA GLY B 103 -4.97 -20.63 -8.38
C GLY B 103 -5.11 -20.17 -9.80
N TYR B 104 -5.77 -20.97 -10.63
CA TYR B 104 -5.98 -20.61 -12.03
C TYR B 104 -7.32 -19.90 -12.19
N LEU B 105 -8.07 -19.87 -11.10
CA LEU B 105 -9.36 -19.18 -11.01
C LEU B 105 -10.42 -19.59 -12.03
N GLY B 106 -10.21 -20.73 -12.68
CA GLY B 106 -11.18 -21.21 -13.66
C GLY B 106 -11.12 -20.54 -15.02
N VAL B 107 -10.19 -19.62 -15.22
CA VAL B 107 -10.11 -18.93 -16.50
C VAL B 107 -8.82 -19.17 -17.29
N PHE B 108 -7.79 -19.74 -16.66
CA PHE B 108 -6.55 -19.99 -17.38
C PHE B 108 -5.98 -21.40 -17.16
N ASP B 109 -4.99 -21.75 -17.98
CA ASP B 109 -4.36 -23.07 -17.92
C ASP B 109 -2.88 -23.02 -17.54
N SER B 110 -2.27 -21.86 -17.70
CA SER B 110 -0.85 -21.72 -17.37
C SER B 110 -0.47 -20.27 -17.14
N ASP B 111 0.76 -20.07 -16.67
CA ASP B 111 1.31 -18.73 -16.41
C ASP B 111 2.19 -18.26 -17.57
N VAL B 112 2.15 -19.01 -18.67
CA VAL B 112 2.89 -18.67 -19.87
C VAL B 112 1.90 -18.09 -20.87
N TYR B 113 2.24 -16.94 -21.43
CA TYR B 113 1.36 -16.29 -22.39
C TYR B 113 0.98 -17.23 -23.52
N ASN B 114 -0.32 -17.31 -23.80
CA ASN B 114 -0.86 -18.13 -24.87
C ASN B 114 -2.00 -17.38 -25.52
N ASN B 115 -1.69 -16.67 -26.59
CA ASN B 115 -2.67 -15.88 -27.30
C ASN B 115 -3.93 -16.65 -27.61
N SER B 116 -3.79 -17.94 -27.88
CA SER B 116 -4.93 -18.76 -28.24
C SER B 116 -5.94 -18.99 -27.10
N ALA B 117 -5.63 -18.52 -25.91
CA ALA B 117 -6.55 -18.67 -24.78
C ALA B 117 -7.71 -17.66 -24.95
N GLN B 118 -7.43 -16.59 -25.70
CA GLN B 118 -8.39 -15.53 -25.99
C GLN B 118 -9.21 -15.13 -24.77
N THR B 119 -8.54 -14.88 -23.65
CA THR B 119 -9.22 -14.49 -22.43
C THR B 119 -8.49 -13.36 -21.72
N VAL B 120 -9.26 -12.38 -21.25
CA VAL B 120 -8.70 -11.26 -20.50
C VAL B 120 -9.51 -11.21 -19.21
N ALA B 121 -8.85 -10.99 -18.08
CA ALA B 121 -9.54 -10.94 -16.80
C ALA B 121 -8.91 -9.94 -15.85
N VAL B 122 -9.68 -9.52 -14.86
CA VAL B 122 -9.21 -8.61 -13.84
C VAL B 122 -9.47 -9.45 -12.60
N GLU B 123 -8.40 -9.82 -11.92
CA GLU B 123 -8.53 -10.66 -10.74
C GLU B 123 -8.38 -9.98 -9.40
N PHE B 124 -8.97 -10.62 -8.42
CA PHE B 124 -8.93 -10.19 -7.02
C PHE B 124 -8.43 -11.48 -6.35
N ASP B 125 -7.10 -11.59 -6.42
CA ASP B 125 -6.33 -12.73 -5.94
C ASP B 125 -6.11 -12.74 -4.43
N THR B 126 -6.67 -13.72 -3.74
CA THR B 126 -6.54 -13.80 -2.28
C THR B 126 -5.47 -14.77 -1.80
N LEU B 127 -4.76 -15.41 -2.72
CA LEU B 127 -3.71 -16.33 -2.33
C LEU B 127 -2.52 -16.22 -3.28
N SER B 128 -1.36 -15.95 -2.70
CA SER B 128 -0.13 -15.82 -3.46
C SER B 128 0.44 -17.19 -3.88
N ASN B 129 0.53 -17.41 -5.19
CA ASN B 129 1.08 -18.65 -5.72
C ASN B 129 2.54 -18.33 -6.09
N SER B 130 3.48 -18.95 -5.38
CA SER B 130 4.91 -18.71 -5.57
C SER B 130 5.38 -18.65 -7.01
N GLY B 131 4.85 -19.54 -7.84
CA GLY B 131 5.24 -19.56 -9.23
C GLY B 131 5.03 -18.31 -10.07
N TRP B 132 4.02 -17.49 -9.76
CA TRP B 132 3.74 -16.31 -10.58
C TRP B 132 3.16 -15.09 -9.87
N ASP B 133 2.80 -15.25 -8.60
CA ASP B 133 2.17 -14.17 -7.84
C ASP B 133 3.06 -13.25 -7.04
N PRO B 134 2.62 -11.98 -6.86
CA PRO B 134 3.40 -11.01 -6.07
C PRO B 134 3.25 -11.48 -4.64
N SER B 135 4.02 -10.92 -3.72
CA SER B 135 4.00 -11.34 -2.31
C SER B 135 2.66 -11.44 -1.57
N MET B 136 1.78 -10.47 -1.72
CA MET B 136 0.50 -10.51 -0.98
C MET B 136 -0.77 -10.59 -1.80
N LYS B 137 -1.90 -10.32 -1.14
CA LYS B 137 -3.21 -10.31 -1.79
C LYS B 137 -3.17 -9.15 -2.76
N HIS B 138 -3.68 -9.35 -3.97
CA HIS B 138 -3.59 -8.27 -4.95
C HIS B 138 -4.73 -8.23 -5.97
N ILE B 139 -4.73 -7.14 -6.72
CA ILE B 139 -5.67 -6.95 -7.81
C ILE B 139 -4.74 -7.00 -9.01
N GLY B 140 -5.11 -7.74 -10.05
CA GLY B 140 -4.25 -7.80 -11.21
C GLY B 140 -4.98 -7.89 -12.54
N ILE B 141 -4.29 -7.47 -13.60
CA ILE B 141 -4.86 -7.52 -14.93
C ILE B 141 -4.20 -8.68 -15.66
N ASP B 142 -4.98 -9.71 -16.01
CA ASP B 142 -4.43 -10.90 -16.69
C ASP B 142 -4.77 -10.90 -18.16
N VAL B 143 -3.76 -11.07 -19.01
CA VAL B 143 -3.98 -11.09 -20.44
C VAL B 143 -3.47 -12.39 -21.07
N ASN B 144 -4.34 -13.40 -21.15
CA ASN B 144 -3.97 -14.68 -21.74
C ASN B 144 -2.93 -15.46 -20.93
N SER B 145 -2.95 -15.28 -19.61
CA SER B 145 -2.04 -15.96 -18.69
C SER B 145 -2.42 -15.57 -17.28
N ILE B 146 -2.22 -16.48 -16.33
CA ILE B 146 -2.56 -16.21 -14.93
C ILE B 146 -1.55 -15.28 -14.24
N LYS B 147 -0.46 -14.98 -14.94
CA LYS B 147 0.58 -14.10 -14.43
C LYS B 147 0.23 -12.68 -14.87
N SER B 148 -0.37 -11.91 -13.97
CA SER B 148 -0.80 -10.54 -14.26
C SER B 148 0.28 -9.67 -14.87
N ILE B 149 -0.09 -8.83 -15.82
CA ILE B 149 0.86 -7.94 -16.45
C ILE B 149 1.02 -6.69 -15.59
N ALA B 150 0.23 -6.60 -14.53
CA ALA B 150 0.31 -5.48 -13.60
C ALA B 150 -0.55 -5.83 -12.39
N THR B 151 -0.07 -5.46 -11.21
CA THR B 151 -0.82 -5.74 -9.99
C THR B 151 -0.66 -4.59 -9.02
N VAL B 152 -1.40 -4.68 -7.92
CA VAL B 152 -1.38 -3.67 -6.90
C VAL B 152 -1.77 -4.38 -5.63
N SER B 153 -1.15 -4.00 -4.52
CA SER B 153 -1.44 -4.64 -3.24
C SER B 153 -2.86 -4.34 -2.84
N TRP B 154 -3.49 -5.27 -2.17
CA TRP B 154 -4.85 -5.07 -1.76
C TRP B 154 -5.07 -5.65 -0.36
N ASP B 155 -5.58 -4.83 0.53
CA ASP B 155 -5.86 -5.23 1.90
C ASP B 155 -7.31 -5.67 2.01
N LEU B 156 -7.56 -6.96 1.79
CA LEU B 156 -8.92 -7.50 1.84
C LEU B 156 -9.58 -7.38 3.21
N ALA B 157 -10.75 -6.75 3.25
CA ALA B 157 -11.50 -6.59 4.48
C ALA B 157 -12.45 -7.79 4.56
N ASN B 158 -12.11 -8.80 5.34
CA ASN B 158 -12.94 -10.00 5.49
C ASN B 158 -14.40 -9.73 5.85
N GLY B 159 -15.30 -10.28 5.04
CA GLY B 159 -16.73 -10.14 5.28
C GLY B 159 -17.35 -8.78 4.95
N GLU B 160 -16.56 -7.83 4.50
CA GLU B 160 -17.08 -6.51 4.18
C GLU B 160 -17.20 -6.32 2.67
N ASN B 161 -18.23 -5.58 2.26
CA ASN B 161 -18.48 -5.32 0.85
C ASN B 161 -17.35 -4.63 0.13
N ALA B 162 -17.12 -5.05 -1.11
CA ALA B 162 -16.11 -4.46 -1.96
C ALA B 162 -16.84 -3.91 -3.18
N GLU B 163 -16.68 -2.63 -3.47
CA GLU B 163 -17.33 -2.05 -4.62
C GLU B 163 -16.30 -1.82 -5.71
N ILE B 164 -16.37 -2.65 -6.75
CA ILE B 164 -15.43 -2.61 -7.87
C ILE B 164 -15.96 -1.89 -9.11
N LEU B 165 -15.06 -1.23 -9.82
CA LEU B 165 -15.42 -0.52 -11.05
C LEU B 165 -14.31 -0.74 -12.04
N ILE B 166 -14.63 -1.33 -13.19
CA ILE B 166 -13.67 -1.60 -14.24
C ILE B 166 -14.10 -0.91 -15.51
N THR B 167 -13.17 -0.28 -16.21
CA THR B 167 -13.53 0.40 -17.45
C THR B 167 -12.48 0.22 -18.53
N TYR B 168 -12.91 0.30 -19.78
CA TYR B 168 -11.98 0.20 -20.89
C TYR B 168 -12.28 1.36 -21.82
N ASN B 169 -11.26 2.17 -22.09
CA ASN B 169 -11.40 3.32 -22.96
C ASN B 169 -10.69 3.02 -24.27
N ALA B 170 -11.45 2.82 -25.34
CA ALA B 170 -10.84 2.49 -26.62
C ALA B 170 -9.94 3.60 -27.18
N ALA B 171 -10.22 4.85 -26.82
CA ALA B 171 -9.42 5.95 -27.31
C ALA B 171 -7.97 5.88 -26.81
N THR B 172 -7.81 5.53 -25.55
CA THR B 172 -6.48 5.43 -24.95
C THR B 172 -6.03 3.99 -24.81
N SER B 173 -6.92 3.04 -25.04
CA SER B 173 -6.60 1.60 -24.92
C SER B 173 -6.29 1.23 -23.48
N LEU B 174 -6.71 2.09 -22.56
CA LEU B 174 -6.46 1.90 -21.15
C LEU B 174 -7.55 1.14 -20.40
N LEU B 175 -7.15 0.10 -19.68
CA LEU B 175 -8.06 -0.67 -18.87
C LEU B 175 -7.79 -0.20 -17.44
N VAL B 176 -8.82 0.23 -16.72
CA VAL B 176 -8.64 0.71 -15.36
C VAL B 176 -9.56 -0.05 -14.40
N ALA B 177 -9.01 -0.49 -13.28
CA ALA B 177 -9.80 -1.24 -12.29
C ALA B 177 -9.61 -0.56 -10.95
N SER B 178 -10.66 -0.57 -10.12
CA SER B 178 -10.57 0.04 -8.82
C SER B 178 -11.49 -0.69 -7.86
N LEU B 179 -11.11 -0.63 -6.58
CA LEU B 179 -11.88 -1.28 -5.54
C LEU B 179 -12.00 -0.35 -4.34
N VAL B 180 -13.14 -0.41 -3.67
CA VAL B 180 -13.38 0.43 -2.52
C VAL B 180 -14.09 -0.36 -1.46
N HIS B 181 -13.60 -0.27 -0.23
CA HIS B 181 -14.24 -0.95 0.90
C HIS B 181 -14.81 0.22 1.68
N PRO B 182 -16.09 0.57 1.43
CA PRO B 182 -16.74 1.70 2.12
C PRO B 182 -16.63 1.65 3.64
N SER B 183 -16.74 0.46 4.21
CA SER B 183 -16.64 0.28 5.65
C SER B 183 -15.32 0.83 6.24
N ARG B 184 -14.21 0.58 5.56
CA ARG B 184 -12.89 1.03 6.01
C ARG B 184 -12.41 2.30 5.33
N ARG B 185 -13.20 2.81 4.39
CA ARG B 185 -12.83 4.01 3.65
C ARG B 185 -11.51 3.85 2.90
N THR B 186 -11.20 2.62 2.50
CA THR B 186 -9.97 2.35 1.78
C THR B 186 -10.27 2.16 0.30
N SER B 187 -9.32 2.52 -0.56
CA SER B 187 -9.51 2.39 -1.99
C SER B 187 -8.22 2.08 -2.73
N TYR B 188 -8.34 1.33 -3.81
CA TYR B 188 -7.21 0.93 -4.63
C TYR B 188 -7.52 1.15 -6.11
N ILE B 189 -6.49 1.41 -6.90
CA ILE B 189 -6.68 1.63 -8.31
C ILE B 189 -5.47 1.09 -9.06
N LEU B 190 -5.72 0.64 -10.29
CA LEU B 190 -4.69 0.04 -11.12
C LEU B 190 -5.04 0.33 -12.57
N SER B 191 -4.03 0.53 -13.42
CA SER B 191 -4.31 0.78 -14.83
C SER B 191 -3.17 0.31 -15.74
N GLU B 192 -3.53 -0.15 -16.93
CA GLU B 192 -2.53 -0.62 -17.88
C GLU B 192 -3.12 -0.63 -19.28
N ARG B 193 -2.28 -0.35 -20.28
CA ARG B 193 -2.71 -0.34 -21.65
C ARG B 193 -2.89 -1.77 -22.16
N VAL B 194 -4.00 -2.06 -22.81
CA VAL B 194 -4.27 -3.38 -23.36
C VAL B 194 -4.79 -3.28 -24.80
N ASP B 195 -4.12 -3.97 -25.72
CA ASP B 195 -4.52 -3.97 -27.11
C ASP B 195 -5.52 -5.10 -27.27
N ILE B 196 -6.74 -4.80 -26.87
CA ILE B 196 -7.84 -5.75 -26.89
C ILE B 196 -8.14 -6.51 -28.20
N THR B 197 -8.04 -5.84 -29.34
CA THR B 197 -8.33 -6.49 -30.63
C THR B 197 -7.37 -7.62 -30.94
N ASN B 198 -6.27 -7.69 -30.22
CA ASN B 198 -5.29 -8.70 -30.43
C ASN B 198 -5.36 -9.84 -29.43
N GLU B 199 -6.00 -9.59 -28.29
CA GLU B 199 -6.10 -10.60 -27.23
C GLU B 199 -7.41 -11.34 -27.13
N LEU B 200 -8.44 -10.78 -27.77
CA LEU B 200 -9.76 -11.40 -27.69
C LEU B 200 -10.48 -11.50 -29.04
N PRO B 201 -11.54 -12.33 -29.10
CA PRO B 201 -12.30 -12.47 -30.35
C PRO B 201 -13.30 -11.29 -30.45
N GLU B 202 -13.95 -11.12 -31.60
CA GLU B 202 -14.93 -10.04 -31.80
C GLU B 202 -16.09 -10.08 -30.80
N TYR B 203 -16.55 -11.28 -30.48
CA TYR B 203 -17.65 -11.47 -29.55
C TYR B 203 -17.20 -12.25 -28.34
N VAL B 204 -17.65 -11.82 -27.17
CA VAL B 204 -17.29 -12.49 -25.92
C VAL B 204 -18.48 -12.55 -24.97
N SER B 205 -18.33 -13.32 -23.90
CA SER B 205 -19.33 -13.41 -22.87
C SER B 205 -18.67 -12.68 -21.71
N VAL B 206 -19.43 -11.94 -20.93
CA VAL B 206 -18.85 -11.24 -19.81
C VAL B 206 -19.45 -11.79 -18.53
N GLY B 207 -18.62 -11.91 -17.49
CA GLY B 207 -19.10 -12.44 -16.23
C GLY B 207 -18.00 -12.67 -15.23
N PHE B 208 -18.23 -13.60 -14.31
CA PHE B 208 -17.28 -13.91 -13.26
C PHE B 208 -16.86 -15.37 -13.22
N SER B 209 -15.75 -15.59 -12.53
CA SER B 209 -15.17 -16.92 -12.32
C SER B 209 -14.54 -16.89 -10.94
N ALA B 210 -14.77 -17.93 -10.14
CA ALA B 210 -14.21 -17.98 -8.79
C ALA B 210 -13.91 -19.39 -8.36
N THR B 211 -12.83 -19.55 -7.59
CA THR B 211 -12.42 -20.86 -7.09
C THR B 211 -11.99 -20.77 -5.64
N THR B 212 -12.08 -21.89 -4.92
CA THR B 212 -11.62 -21.95 -3.54
C THR B 212 -10.33 -22.77 -3.55
N GLY B 213 -9.61 -22.75 -2.43
CA GLY B 213 -8.37 -23.48 -2.35
C GLY B 213 -8.55 -24.99 -2.49
N LEU B 214 -7.46 -25.67 -2.83
CA LEU B 214 -7.49 -27.13 -3.00
C LEU B 214 -7.22 -27.88 -1.70
N SER B 215 -7.02 -27.16 -0.60
CA SER B 215 -6.75 -27.78 0.69
C SER B 215 -7.90 -27.54 1.65
N GLU B 216 -7.98 -28.38 2.68
CA GLU B 216 -9.05 -28.31 3.66
C GLU B 216 -9.26 -26.95 4.36
N GLY B 217 -8.20 -26.17 4.55
CA GLY B 217 -8.35 -24.90 5.24
C GLY B 217 -8.18 -23.64 4.42
N TYR B 218 -8.11 -23.79 3.10
CA TYR B 218 -7.97 -22.65 2.19
C TYR B 218 -9.29 -22.43 1.47
N ILE B 219 -10.19 -21.72 2.13
CA ILE B 219 -11.53 -21.47 1.61
C ILE B 219 -12.10 -20.10 1.93
N GLU B 220 -13.01 -19.65 1.06
CA GLU B 220 -13.70 -18.36 1.23
C GLU B 220 -14.98 -18.38 0.40
N THR B 221 -15.88 -17.44 0.65
CA THR B 221 -17.10 -17.35 -0.13
C THR B 221 -16.91 -16.27 -1.19
N HIS B 222 -17.71 -16.36 -2.26
CA HIS B 222 -17.66 -15.38 -3.35
C HIS B 222 -19.09 -15.01 -3.70
N ASP B 223 -19.58 -13.93 -3.12
CA ASP B 223 -20.95 -13.50 -3.38
C ASP B 223 -20.99 -12.19 -4.12
N VAL B 224 -21.76 -12.16 -5.22
CA VAL B 224 -21.93 -10.93 -5.99
C VAL B 224 -23.31 -10.43 -5.61
N LEU B 225 -23.38 -9.24 -5.06
CA LEU B 225 -24.63 -8.65 -4.62
C LEU B 225 -25.33 -7.73 -5.61
N SER B 226 -24.61 -7.30 -6.63
CA SER B 226 -25.17 -6.41 -7.65
C SER B 226 -24.17 -6.32 -8.79
N TRP B 227 -24.66 -6.08 -10.00
CA TRP B 227 -23.79 -6.00 -11.16
C TRP B 227 -24.39 -5.17 -12.30
N SER B 228 -23.56 -4.31 -12.89
CA SER B 228 -23.97 -3.46 -14.02
C SER B 228 -22.92 -3.57 -15.09
N PHE B 229 -23.34 -3.42 -16.34
CA PHE B 229 -22.44 -3.49 -17.46
C PHE B 229 -23.00 -2.61 -18.56
N ALA B 230 -22.12 -1.95 -19.30
CA ALA B 230 -22.53 -1.09 -20.40
C ALA B 230 -21.43 -1.11 -21.43
N SER B 231 -21.82 -1.22 -22.69
CA SER B 231 -20.88 -1.27 -23.80
C SER B 231 -21.35 -0.43 -24.98
N LYS B 232 -20.43 0.23 -25.66
CA LYS B 232 -20.79 1.05 -26.82
C LYS B 232 -19.82 0.83 -27.97
N LEU B 233 -20.33 0.32 -29.08
CA LEU B 233 -19.51 0.05 -30.26
C LEU B 233 -19.81 1.06 -31.36
N PRO B 234 -18.84 1.92 -31.71
CA PRO B 234 -19.04 2.93 -32.73
C PRO B 234 -19.19 2.35 -34.13
N ASP B 235 -19.49 3.21 -35.10
CA ASP B 235 -19.65 2.79 -36.49
C ASP B 235 -18.33 2.86 -37.28
N ASP B 236 -17.35 3.60 -36.79
CA ASP B 236 -16.06 3.71 -37.48
C ASP B 236 -14.87 3.50 -36.53
N SER B 237 -13.67 3.69 -37.07
CA SER B 237 -12.43 3.55 -36.30
C SER B 237 -12.43 4.50 -35.09
N THR B 238 -12.84 5.75 -35.32
CA THR B 238 -12.90 6.78 -34.27
C THR B 238 -13.57 6.26 -33.00
N ALA B 239 -12.81 6.25 -31.91
CA ALA B 239 -13.31 5.77 -30.62
C ALA B 239 -13.88 6.89 -29.76
N GLU B 240 -14.81 6.53 -28.87
CA GLU B 240 -15.47 7.49 -27.98
C GLU B 240 -15.69 6.89 -26.58
N PRO B 241 -14.89 7.33 -25.61
CA PRO B 241 -15.06 6.81 -24.24
C PRO B 241 -16.51 6.95 -23.77
N LEU B 242 -16.85 6.24 -22.71
CA LEU B 242 -18.21 6.31 -22.20
C LEU B 242 -18.41 7.46 -21.22
N ASP B 243 -19.67 7.75 -20.92
CA ASP B 243 -19.99 8.80 -19.96
C ASP B 243 -20.23 8.07 -18.63
N LEU B 244 -19.17 8.04 -17.82
CA LEU B 244 -19.20 7.39 -16.51
C LEU B 244 -20.01 8.22 -15.48
N ALA B 245 -19.90 9.54 -15.55
CA ALA B 245 -20.66 10.38 -14.65
C ALA B 245 -22.10 9.87 -14.78
N SER B 246 -22.58 9.83 -16.02
CA SER B 246 -23.94 9.36 -16.31
C SER B 246 -24.16 7.86 -16.04
N TYR B 247 -23.15 7.05 -16.34
CA TYR B 247 -23.23 5.62 -16.13
C TYR B 247 -23.46 5.16 -14.67
N LEU B 248 -22.67 5.67 -13.74
CA LEU B 248 -22.78 5.29 -12.33
C LEU B 248 -24.10 5.75 -11.66
N VAL B 249 -24.43 7.02 -11.85
CA VAL B 249 -25.66 7.57 -11.27
C VAL B 249 -26.90 6.84 -11.82
N ARG B 250 -26.88 6.51 -13.11
CA ARG B 250 -27.99 5.81 -13.75
C ARG B 250 -27.91 4.29 -13.54
N ASN B 251 -26.75 3.80 -13.11
CA ASN B 251 -26.55 2.36 -12.92
C ASN B 251 -26.06 1.93 -11.53
N VAL B 252 -25.07 2.64 -11.01
CA VAL B 252 -24.51 2.28 -9.71
C VAL B 252 -25.01 3.03 -8.47
N LEU B 253 -25.09 4.36 -8.54
CA LEU B 253 -25.50 5.15 -7.39
C LEU B 253 -26.99 5.12 -7.05
N ALA C 1 -20.03 15.01 -28.96
CA ALA C 1 -21.46 15.38 -28.80
C ALA C 1 -21.69 16.06 -27.46
N ASN C 2 -22.60 17.03 -27.44
CA ASN C 2 -22.94 17.72 -26.21
C ASN C 2 -24.34 17.29 -25.79
N ILE C 3 -24.51 17.01 -24.51
CA ILE C 3 -25.79 16.55 -24.01
C ILE C 3 -26.24 17.29 -22.79
N GLN C 4 -27.54 17.55 -22.73
CA GLN C 4 -28.12 18.23 -21.58
C GLN C 4 -29.44 17.53 -21.39
N SER C 5 -29.81 17.27 -20.15
CA SER C 5 -31.05 16.60 -19.89
C SER C 5 -31.45 16.78 -18.43
N PHE C 6 -32.74 16.70 -18.16
CA PHE C 6 -33.23 16.81 -16.80
C PHE C 6 -34.58 16.12 -16.72
N SER C 7 -35.02 15.85 -15.52
CA SER C 7 -36.29 15.18 -15.33
C SER C 7 -36.78 15.53 -13.94
N PHE C 8 -37.92 16.22 -13.86
CA PHE C 8 -38.49 16.61 -12.58
C PHE C 8 -39.86 15.98 -12.32
N LYS C 9 -40.02 15.46 -11.11
CA LYS C 9 -41.27 14.87 -10.68
C LYS C 9 -41.80 15.78 -9.59
N ASN C 10 -40.97 16.73 -9.19
CA ASN C 10 -41.29 17.67 -8.14
C ASN C 10 -40.68 19.00 -8.53
N PHE C 11 -41.39 20.10 -8.35
CA PHE C 11 -40.86 21.39 -8.77
C PHE C 11 -40.43 22.32 -7.66
N ASN C 12 -39.42 23.14 -7.96
CA ASN C 12 -38.86 24.12 -7.04
C ASN C 12 -38.26 25.24 -7.89
N SER C 13 -38.64 26.46 -7.55
CA SER C 13 -38.22 27.67 -8.25
C SER C 13 -36.76 27.87 -8.68
N PRO C 14 -35.78 27.47 -7.84
CA PRO C 14 -34.36 27.66 -8.17
C PRO C 14 -33.88 27.29 -9.58
N SER C 15 -34.30 26.15 -10.09
CA SER C 15 -33.85 25.72 -11.41
C SER C 15 -34.65 26.28 -12.57
N PHE C 16 -35.69 27.07 -12.27
CA PHE C 16 -36.53 27.65 -13.31
C PHE C 16 -36.59 29.16 -13.37
N ILE C 17 -36.87 29.66 -14.57
CA ILE C 17 -37.03 31.09 -14.80
C ILE C 17 -38.53 31.27 -14.90
N LEU C 18 -39.13 31.91 -13.90
CA LEU C 18 -40.58 32.12 -13.90
C LEU C 18 -40.95 33.52 -14.38
N GLN C 19 -41.93 33.62 -15.28
CA GLN C 19 -42.40 34.91 -15.80
C GLN C 19 -43.92 35.01 -15.63
N GLY C 20 -44.43 36.22 -15.51
CA GLY C 20 -45.86 36.42 -15.35
C GLY C 20 -46.40 35.84 -14.06
N ASP C 21 -47.56 35.18 -14.13
CA ASP C 21 -48.19 34.59 -12.95
C ASP C 21 -47.70 33.16 -12.66
N ALA C 22 -46.67 32.72 -13.39
CA ALA C 22 -46.12 31.39 -13.19
C ALA C 22 -45.61 31.25 -11.75
N THR C 23 -46.04 30.20 -11.07
CA THR C 23 -45.64 29.99 -9.69
C THR C 23 -45.46 28.50 -9.42
N VAL C 24 -44.71 28.17 -8.37
CA VAL C 24 -44.50 26.78 -7.98
C VAL C 24 -45.16 26.61 -6.62
N SER C 25 -46.07 25.64 -6.51
CA SER C 25 -46.74 25.42 -5.25
C SER C 25 -47.09 23.94 -5.06
N SER C 26 -46.81 23.45 -3.86
CA SER C 26 -47.09 22.06 -3.54
C SER C 26 -46.36 21.12 -4.48
N GLY C 27 -45.20 21.55 -4.97
CA GLY C 27 -44.42 20.71 -5.85
C GLY C 27 -44.80 20.73 -7.30
N LYS C 28 -45.87 21.41 -7.67
CA LYS C 28 -46.24 21.45 -9.07
C LYS C 28 -46.08 22.85 -9.62
N LEU C 29 -46.01 22.93 -10.94
CA LEU C 29 -45.84 24.19 -11.63
C LEU C 29 -47.17 24.72 -12.14
N GLN C 30 -47.62 25.84 -11.56
CA GLN C 30 -48.89 26.48 -11.95
C GLN C 30 -48.58 27.66 -12.84
N LEU C 31 -48.84 27.51 -14.14
CA LEU C 31 -48.55 28.57 -15.07
C LEU C 31 -49.45 29.82 -15.00
N THR C 32 -50.73 29.63 -14.70
CA THR C 32 -51.65 30.76 -14.65
C THR C 32 -52.26 30.96 -13.27
N LYS C 33 -52.62 32.22 -13.00
CA LYS C 33 -53.20 32.65 -11.72
C LYS C 33 -54.42 31.84 -11.28
N VAL C 34 -54.54 31.64 -9.97
CA VAL C 34 -55.63 30.90 -9.38
C VAL C 34 -55.98 31.49 -8.03
N LYS C 35 -57.24 31.87 -7.84
CA LYS C 35 -57.69 32.44 -6.57
C LYS C 35 -57.54 31.38 -5.48
N GLU C 36 -57.34 31.83 -4.24
CA GLU C 36 -57.16 30.92 -3.10
C GLU C 36 -58.22 29.82 -3.00
N ASN C 37 -59.45 30.14 -3.38
CA ASN C 37 -60.53 29.15 -3.34
C ASN C 37 -60.36 28.06 -4.39
N GLY C 38 -59.35 28.21 -5.25
CA GLY C 38 -59.09 27.22 -6.27
C GLY C 38 -59.58 27.49 -7.68
N ILE C 39 -60.37 28.54 -7.88
CA ILE C 39 -60.87 28.82 -9.22
C ILE C 39 -59.94 29.73 -10.03
N PRO C 40 -59.73 29.39 -11.33
CA PRO C 40 -58.89 30.15 -12.26
C PRO C 40 -59.26 31.62 -12.38
N THR C 41 -58.36 32.39 -12.99
CA THR C 41 -58.57 33.81 -13.16
C THR C 41 -58.42 34.21 -14.63
N PRO C 42 -59.21 35.19 -15.08
CA PRO C 42 -59.15 35.63 -16.48
C PRO C 42 -57.98 36.57 -16.73
N SER C 43 -57.59 36.69 -17.99
CA SER C 43 -56.50 37.57 -18.36
C SER C 43 -55.15 37.21 -17.70
N SER C 44 -54.95 35.93 -17.45
CA SER C 44 -53.71 35.48 -16.84
C SER C 44 -52.69 35.07 -17.90
N LEU C 45 -51.41 35.19 -17.57
CA LEU C 45 -50.31 34.81 -18.47
C LEU C 45 -49.15 34.37 -17.62
N GLY C 46 -48.63 33.18 -17.92
CA GLY C 46 -47.50 32.65 -17.16
C GLY C 46 -46.54 31.86 -18.04
N ARG C 47 -45.24 31.98 -17.76
CA ARG C 47 -44.23 31.25 -18.52
C ARG C 47 -43.18 30.71 -17.55
N ALA C 48 -42.52 29.63 -17.94
CA ALA C 48 -41.48 29.00 -17.12
C ALA C 48 -40.48 28.26 -18.03
N PHE C 49 -39.19 28.50 -17.81
CA PHE C 49 -38.16 27.86 -18.61
C PHE C 49 -37.07 27.28 -17.74
N TYR C 50 -36.34 26.31 -18.30
CA TYR C 50 -35.21 25.71 -17.59
C TYR C 50 -34.17 26.83 -17.52
N SER C 51 -33.49 26.95 -16.38
CA SER C 51 -32.50 28.00 -16.19
C SER C 51 -31.25 27.90 -17.03
N SER C 52 -31.06 26.79 -17.74
CA SER C 52 -29.86 26.67 -18.57
C SER C 52 -30.24 26.62 -20.05
N PRO C 53 -29.61 27.47 -20.87
CA PRO C 53 -29.88 27.52 -22.31
C PRO C 53 -29.51 26.22 -22.99
N ILE C 54 -30.19 25.91 -24.08
CA ILE C 54 -29.93 24.69 -24.82
C ILE C 54 -29.49 25.06 -26.23
N GLN C 55 -28.42 24.41 -26.71
CA GLN C 55 -27.94 24.68 -28.06
C GLN C 55 -28.62 23.76 -29.05
N ILE C 56 -29.44 24.35 -29.90
CA ILE C 56 -30.23 23.62 -30.91
C ILE C 56 -29.43 23.20 -32.14
N TYR C 57 -28.44 24.01 -32.51
CA TYR C 57 -27.57 23.70 -33.63
C TYR C 57 -26.27 24.49 -33.56
N ASP C 58 -25.35 24.19 -34.47
CA ASP C 58 -24.08 24.90 -34.50
C ASP C 58 -23.76 25.33 -35.93
N LYS C 59 -23.75 26.64 -36.15
CA LYS C 59 -23.47 27.21 -37.46
C LYS C 59 -22.12 26.80 -38.06
N SER C 60 -21.08 26.82 -37.22
CA SER C 60 -19.75 26.46 -37.68
C SER C 60 -19.59 25.01 -38.15
N THR C 61 -20.10 24.05 -37.37
CA THR C 61 -19.97 22.65 -37.74
C THR C 61 -21.11 22.13 -38.58
N GLY C 62 -22.22 22.87 -38.58
CA GLY C 62 -23.38 22.46 -39.36
C GLY C 62 -24.17 21.34 -38.69
N ALA C 63 -23.92 21.11 -37.42
CA ALA C 63 -24.64 20.07 -36.70
C ALA C 63 -25.97 20.60 -36.15
N VAL C 64 -26.99 19.74 -36.18
CA VAL C 64 -28.32 20.07 -35.66
C VAL C 64 -28.67 19.06 -34.58
N ALA C 65 -29.15 19.55 -33.44
CA ALA C 65 -29.51 18.67 -32.33
C ALA C 65 -30.84 17.92 -32.51
N SER C 66 -30.94 16.76 -31.86
CA SER C 66 -32.14 15.96 -31.85
C SER C 66 -32.55 16.07 -30.40
N TRP C 67 -33.82 16.18 -30.12
CA TRP C 67 -34.23 16.30 -28.72
C TRP C 67 -35.62 15.74 -28.49
N ALA C 68 -35.99 15.66 -27.23
CA ALA C 68 -37.29 15.14 -26.87
C ALA C 68 -37.66 15.71 -25.52
N THR C 69 -38.96 15.82 -25.28
CA THR C 69 -39.44 16.31 -24.00
C THR C 69 -40.76 15.61 -23.74
N SER C 70 -41.08 15.44 -22.47
CA SER C 70 -42.33 14.81 -22.11
C SER C 70 -42.80 15.45 -20.81
N PHE C 71 -44.11 15.63 -20.68
CA PHE C 71 -44.64 16.22 -19.46
C PHE C 71 -46.09 15.83 -19.27
N THR C 72 -46.58 16.04 -18.04
CA THR C 72 -47.95 15.75 -17.69
C THR C 72 -48.63 17.04 -17.25
N VAL C 73 -49.71 17.39 -17.95
CA VAL C 73 -50.49 18.59 -17.62
C VAL C 73 -51.89 18.21 -17.18
N LYS C 74 -52.50 19.11 -16.43
CA LYS C 74 -53.86 18.91 -15.96
C LYS C 74 -54.56 20.25 -16.19
N ILE C 75 -55.55 20.24 -17.08
CA ILE C 75 -56.31 21.45 -17.39
C ILE C 75 -57.72 21.28 -16.85
N SER C 76 -58.17 22.24 -16.05
CA SER C 76 -59.51 22.21 -15.45
C SER C 76 -60.26 23.52 -15.58
N ALA C 77 -61.56 23.42 -15.85
CA ALA C 77 -62.43 24.59 -15.95
C ALA C 77 -63.58 24.30 -15.01
N PRO C 78 -64.03 25.28 -14.23
CA PRO C 78 -65.15 24.98 -13.31
C PRO C 78 -66.41 24.36 -13.95
N ALA C 81 -68.36 27.43 -16.55
CA ALA C 81 -67.28 28.12 -17.28
C ALA C 81 -66.92 27.50 -18.62
N SER C 82 -66.18 28.25 -19.43
CA SER C 82 -65.75 27.75 -20.74
C SER C 82 -64.22 27.77 -20.88
N PHE C 83 -63.66 26.79 -21.59
CA PHE C 83 -62.22 26.69 -21.78
C PHE C 83 -61.55 27.81 -22.59
N ALA C 84 -60.40 28.27 -22.09
CA ALA C 84 -59.58 29.31 -22.71
C ALA C 84 -58.37 29.52 -21.80
N ASP C 85 -57.19 29.77 -22.36
CA ASP C 85 -56.96 29.86 -23.81
C ASP C 85 -56.08 28.71 -24.33
N GLY C 86 -55.29 28.14 -23.43
CA GLY C 86 -54.41 27.04 -23.80
C GLY C 86 -53.01 27.11 -23.20
N ILE C 87 -52.22 26.06 -23.47
CA ILE C 87 -50.85 25.97 -23.00
C ILE C 87 -49.93 25.53 -24.14
N ALA C 88 -48.72 26.07 -24.16
CA ALA C 88 -47.77 25.71 -25.22
C ALA C 88 -46.39 25.32 -24.69
N PHE C 89 -45.74 24.40 -25.40
CA PHE C 89 -44.39 24.04 -25.04
C PHE C 89 -43.62 24.88 -26.06
N ALA C 90 -42.71 25.71 -25.60
CA ALA C 90 -42.00 26.56 -26.55
C ALA C 90 -40.47 26.60 -26.46
N LEU C 91 -39.89 26.99 -27.60
CA LEU C 91 -38.44 27.16 -27.74
C LEU C 91 -38.29 28.63 -28.12
N VAL C 92 -37.94 29.46 -27.15
CA VAL C 92 -37.78 30.90 -27.37
C VAL C 92 -36.34 31.41 -27.27
N PRO C 93 -36.08 32.65 -27.76
CA PRO C 93 -34.73 33.22 -27.68
C PRO C 93 -34.38 33.36 -26.19
N VAL C 94 -33.11 33.21 -25.84
CA VAL C 94 -32.71 33.28 -24.44
C VAL C 94 -33.18 34.48 -23.61
N GLY C 95 -33.00 35.70 -24.08
CA GLY C 95 -33.48 36.81 -23.27
C GLY C 95 -35.00 36.96 -23.18
N SER C 96 -35.69 36.49 -24.21
CA SER C 96 -37.14 36.52 -24.39
C SER C 96 -38.09 36.91 -23.25
N GLU C 97 -38.91 37.92 -23.54
CA GLU C 97 -39.91 38.45 -22.60
C GLU C 97 -41.28 37.97 -23.14
N PRO C 98 -42.30 37.86 -22.26
CA PRO C 98 -43.61 37.41 -22.74
C PRO C 98 -44.16 38.25 -23.90
N ARG C 99 -45.05 37.65 -24.69
CA ARG C 99 -45.65 38.37 -25.81
C ARG C 99 -47.16 38.57 -25.54
N ARG C 100 -47.97 38.69 -26.59
CA ARG C 100 -49.41 38.93 -26.38
C ARG C 100 -50.14 37.82 -25.63
N ASN C 101 -51.11 38.19 -24.80
CA ASN C 101 -51.87 37.21 -24.04
C ASN C 101 -53.09 36.66 -24.78
N GLY C 102 -54.03 36.11 -24.03
CA GLY C 102 -55.21 35.55 -24.64
C GLY C 102 -54.90 34.45 -25.63
N GLY C 103 -55.50 34.54 -26.80
CA GLY C 103 -55.29 33.54 -27.84
C GLY C 103 -53.91 33.49 -28.45
N TYR C 104 -53.02 34.37 -27.99
CA TYR C 104 -51.66 34.41 -28.51
C TYR C 104 -50.76 33.55 -27.62
N LEU C 105 -51.35 33.06 -26.53
CA LEU C 105 -50.69 32.18 -25.56
C LEU C 105 -49.38 32.68 -24.95
N GLY C 106 -49.12 33.98 -25.08
CA GLY C 106 -47.90 34.54 -24.51
C GLY C 106 -46.63 34.32 -25.32
N VAL C 107 -46.74 33.68 -26.48
CA VAL C 107 -45.55 33.42 -27.28
C VAL C 107 -45.53 34.10 -28.65
N PHE C 108 -46.65 34.64 -29.09
CA PHE C 108 -46.68 35.28 -30.40
C PHE C 108 -47.38 36.65 -30.39
N ASP C 109 -47.24 37.39 -31.48
CA ASP C 109 -47.81 38.73 -31.61
C ASP C 109 -48.82 38.83 -32.74
N SER C 110 -48.76 37.89 -33.67
CA SER C 110 -49.66 37.91 -34.81
C SER C 110 -49.79 36.55 -35.49
N ASP C 111 -50.75 36.45 -36.42
CA ASP C 111 -50.98 35.21 -37.14
C ASP C 111 -50.33 35.26 -38.50
N VAL C 112 -49.49 36.27 -38.70
CA VAL C 112 -48.76 36.44 -39.95
C VAL C 112 -47.33 36.01 -39.68
N TYR C 113 -46.79 35.15 -40.55
CA TYR C 113 -45.43 34.66 -40.38
C TYR C 113 -44.43 35.80 -40.26
N ASN C 114 -43.60 35.73 -39.23
CA ASN C 114 -42.57 36.73 -38.98
C ASN C 114 -41.35 36.01 -38.46
N ASN C 115 -40.46 35.68 -39.40
CA ASN C 115 -39.22 34.98 -39.06
C ASN C 115 -38.49 35.60 -37.87
N SER C 116 -38.56 36.92 -37.73
CA SER C 116 -37.88 37.61 -36.64
C SER C 116 -38.41 37.32 -35.24
N ALA C 117 -39.51 36.56 -35.15
CA ALA C 117 -40.05 36.22 -33.85
C ALA C 117 -39.17 35.13 -33.22
N GLN C 118 -38.48 34.39 -34.08
CA GLN C 118 -37.58 33.31 -33.67
C GLN C 118 -38.17 32.43 -32.57
N THR C 119 -39.41 31.99 -32.77
CA THR C 119 -40.05 31.15 -31.78
C THR C 119 -40.80 29.99 -32.44
N VAL C 120 -40.67 28.80 -31.86
CA VAL C 120 -41.37 27.62 -32.34
C VAL C 120 -42.09 27.03 -31.14
N ALA C 121 -43.34 26.61 -31.33
CA ALA C 121 -44.12 26.08 -30.22
C ALA C 121 -45.08 24.98 -30.65
N VAL C 122 -45.45 24.14 -29.69
CA VAL C 122 -46.41 23.07 -29.92
C VAL C 122 -47.51 23.46 -28.94
N GLU C 123 -48.67 23.79 -29.47
CA GLU C 123 -49.78 24.24 -28.64
C GLU C 123 -50.89 23.22 -28.42
N PHE C 124 -51.56 23.42 -27.30
CA PHE C 124 -52.70 22.63 -26.88
C PHE C 124 -53.75 23.73 -26.67
N ASP C 125 -54.34 24.12 -27.80
CA ASP C 125 -55.33 25.18 -27.95
C ASP C 125 -56.74 24.79 -27.51
N THR C 126 -57.23 25.42 -26.44
CA THR C 126 -58.56 25.09 -25.94
C THR C 126 -59.67 26.04 -26.39
N LEU C 127 -59.34 27.02 -27.21
CA LEU C 127 -60.34 27.96 -27.68
C LEU C 127 -60.07 28.34 -29.13
N SER C 128 -61.07 28.13 -29.97
CA SER C 128 -60.95 28.44 -31.38
C SER C 128 -61.12 29.94 -31.66
N ASN C 129 -60.06 30.55 -32.21
CA ASN C 129 -60.09 31.97 -32.55
C ASN C 129 -60.40 32.04 -34.05
N SER C 130 -61.58 32.56 -34.38
CA SER C 130 -62.05 32.66 -35.77
C SER C 130 -61.01 33.11 -36.79
N GLY C 131 -60.20 34.09 -36.41
CA GLY C 131 -59.20 34.59 -37.32
C GLY C 131 -58.15 33.62 -37.86
N TRP C 132 -57.78 32.59 -37.08
CA TRP C 132 -56.73 31.66 -37.53
C TRP C 132 -56.85 30.21 -37.10
N ASP C 133 -57.80 29.91 -36.21
CA ASP C 133 -57.96 28.56 -35.65
C ASP C 133 -58.90 27.61 -36.37
N PRO C 134 -58.64 26.30 -36.29
CA PRO C 134 -59.51 25.30 -36.92
C PRO C 134 -60.77 25.30 -36.04
N SER C 135 -61.83 24.62 -36.49
CA SER C 135 -63.09 24.60 -35.77
C SER C 135 -63.12 24.24 -34.28
N MET C 136 -62.39 23.22 -33.85
CA MET C 136 -62.45 22.84 -32.44
C MET C 136 -61.15 22.94 -31.65
N LYS C 137 -61.14 22.28 -30.48
CA LYS C 137 -59.95 22.24 -29.63
C LYS C 137 -58.93 21.42 -30.40
N HIS C 138 -57.68 21.87 -30.40
CA HIS C 138 -56.68 21.17 -31.19
C HIS C 138 -55.25 21.23 -30.65
N ILE C 139 -54.40 20.43 -31.28
CA ILE C 139 -52.99 20.41 -30.96
C ILE C 139 -52.39 20.94 -32.24
N GLY C 140 -51.46 21.89 -32.14
CA GLY C 140 -50.87 22.43 -33.36
C GLY C 140 -49.40 22.76 -33.25
N ILE C 141 -48.75 22.80 -34.40
CA ILE C 141 -47.33 23.15 -34.46
C ILE C 141 -47.25 24.57 -35.00
N ASP C 142 -46.76 25.50 -34.18
CA ASP C 142 -46.63 26.91 -34.58
C ASP C 142 -45.18 27.29 -34.89
N VAL C 143 -44.97 27.85 -36.07
CA VAL C 143 -43.64 28.27 -36.47
C VAL C 143 -43.58 29.75 -36.79
N ASN C 144 -43.29 30.57 -35.79
CA ASN C 144 -43.18 32.02 -35.97
C ASN C 144 -44.51 32.70 -36.31
N SER C 145 -45.60 32.14 -35.78
CA SER C 145 -46.93 32.67 -35.99
C SER C 145 -47.92 31.83 -35.19
N ILE C 146 -48.98 32.45 -34.71
CA ILE C 146 -49.99 31.75 -33.92
C ILE C 146 -50.90 30.84 -34.78
N LYS C 147 -50.76 30.96 -36.11
CA LYS C 147 -51.53 30.16 -37.04
C LYS C 147 -50.74 28.88 -37.33
N SER C 148 -51.08 27.79 -36.64
CA SER C 148 -50.40 26.52 -36.80
C SER C 148 -50.22 26.07 -38.23
N ILE C 149 -49.06 25.49 -38.54
CA ILE C 149 -48.81 25.00 -39.89
C ILE C 149 -49.42 23.60 -40.04
N ALA C 150 -49.95 23.07 -38.95
CA ALA C 150 -50.57 21.74 -38.95
C ALA C 150 -51.26 21.57 -37.61
N THR C 151 -52.44 20.96 -37.63
CA THR C 151 -53.19 20.75 -36.41
C THR C 151 -53.89 19.40 -36.48
N VAL C 152 -54.51 19.05 -35.36
CA VAL C 152 -55.22 17.80 -35.25
C VAL C 152 -56.26 18.05 -34.16
N SER C 153 -57.45 17.49 -34.36
CA SER C 153 -58.53 17.65 -33.40
C SER C 153 -58.15 16.98 -32.11
N TRP C 154 -58.58 17.57 -31.01
CA TRP C 154 -58.27 17.01 -29.71
C TRP C 154 -59.48 17.10 -28.80
N ASP C 155 -59.82 15.97 -28.20
CA ASP C 155 -60.95 15.93 -27.28
C ASP C 155 -60.43 16.05 -25.86
N LEU C 156 -60.37 17.28 -25.36
CA LEU C 156 -59.87 17.53 -24.02
C LEU C 156 -60.71 16.90 -22.91
N ALA C 157 -60.08 16.09 -22.07
CA ALA C 157 -60.77 15.45 -20.96
C ALA C 157 -60.60 16.38 -19.74
N ASN C 158 -61.62 17.17 -19.43
CA ASN C 158 -61.56 18.11 -18.31
C ASN C 158 -61.12 17.48 -16.98
N GLY C 159 -60.10 18.08 -16.37
CA GLY C 159 -59.60 17.63 -15.08
C GLY C 159 -58.77 16.34 -15.07
N GLU C 160 -58.59 15.73 -16.22
CA GLU C 160 -57.82 14.49 -16.29
C GLU C 160 -56.43 14.71 -16.87
N ASN C 161 -55.47 13.97 -16.36
CA ASN C 161 -54.08 14.08 -16.80
C ASN C 161 -53.87 13.84 -18.27
N ALA C 162 -53.01 14.64 -18.87
CA ALA C 162 -52.65 14.51 -20.27
C ALA C 162 -51.14 14.23 -20.30
N GLU C 163 -50.74 13.13 -20.92
CA GLU C 163 -49.33 12.81 -21.00
C GLU C 163 -48.84 13.10 -22.41
N ILE C 164 -48.05 14.16 -22.53
CA ILE C 164 -47.53 14.60 -23.83
C ILE C 164 -46.09 14.20 -24.07
N LEU C 165 -45.78 13.94 -25.34
CA LEU C 165 -44.43 13.59 -25.75
C LEU C 165 -44.14 14.30 -27.06
N ILE C 166 -43.10 15.13 -27.08
CA ILE C 166 -42.71 15.86 -28.30
C ILE C 166 -41.26 15.50 -28.64
N THR C 167 -40.97 15.28 -29.90
CA THR C 167 -39.62 14.92 -30.30
C THR C 167 -39.24 15.60 -31.59
N TYR C 168 -37.94 15.83 -31.78
CA TYR C 168 -37.44 16.41 -33.00
C TYR C 168 -36.28 15.54 -33.48
N ASN C 169 -36.39 15.02 -34.70
CA ASN C 169 -35.37 14.16 -35.28
C ASN C 169 -34.64 14.96 -36.34
N ALA C 170 -33.39 15.33 -36.08
CA ALA C 170 -32.61 16.12 -37.04
C ALA C 170 -32.36 15.40 -38.37
N ALA C 171 -32.31 14.07 -38.36
CA ALA C 171 -32.06 13.32 -39.58
C ALA C 171 -33.21 13.49 -40.58
N THR C 172 -34.44 13.48 -40.09
CA THR C 172 -35.62 13.62 -40.95
C THR C 172 -36.21 15.02 -40.89
N SER C 173 -35.75 15.83 -39.93
CA SER C 173 -36.27 17.19 -39.74
C SER C 173 -37.73 17.17 -39.31
N LEU C 174 -38.16 16.02 -38.81
CA LEU C 174 -39.53 15.84 -38.38
C LEU C 174 -39.80 16.13 -36.91
N LEU C 175 -40.78 16.97 -36.66
CA LEU C 175 -41.20 17.31 -35.31
C LEU C 175 -42.47 16.50 -35.09
N VAL C 176 -42.52 15.71 -34.03
CA VAL C 176 -43.70 14.90 -33.75
C VAL C 176 -44.22 15.15 -32.35
N ALA C 177 -45.53 15.35 -32.23
CA ALA C 177 -46.15 15.60 -30.93
C ALA C 177 -47.26 14.59 -30.73
N SER C 178 -47.42 14.12 -29.51
CA SER C 178 -48.46 13.14 -29.22
C SER C 178 -49.05 13.40 -27.83
N LEU C 179 -50.33 13.10 -27.63
CA LEU C 179 -50.98 13.31 -26.33
C LEU C 179 -51.78 12.07 -26.00
N VAL C 180 -51.82 11.73 -24.71
CA VAL C 180 -52.55 10.56 -24.27
C VAL C 180 -53.27 10.87 -22.98
N HIS C 181 -54.56 10.51 -22.93
CA HIS C 181 -55.37 10.69 -21.72
C HIS C 181 -55.56 9.26 -21.23
N PRO C 182 -54.66 8.80 -20.36
CA PRO C 182 -54.74 7.42 -19.83
C PRO C 182 -56.12 7.04 -19.28
N SER C 183 -56.78 7.98 -18.60
CA SER C 183 -58.11 7.74 -18.03
C SER C 183 -59.14 7.30 -19.07
N ARG C 184 -59.12 7.92 -20.25
CA ARG C 184 -60.05 7.58 -21.32
C ARG C 184 -59.46 6.69 -22.38
N ARG C 185 -58.18 6.34 -22.25
CA ARG C 185 -57.50 5.49 -23.22
C ARG C 185 -57.54 6.09 -24.61
N THR C 186 -57.55 7.42 -24.70
CA THR C 186 -57.56 8.11 -25.99
C THR C 186 -56.16 8.66 -26.29
N SER C 187 -55.82 8.75 -27.57
CA SER C 187 -54.51 9.25 -27.96
C SER C 187 -54.55 9.98 -29.28
N TYR C 188 -53.68 10.98 -29.41
CA TYR C 188 -53.59 11.80 -30.61
C TYR C 188 -52.13 11.98 -31.01
N ILE C 189 -51.89 12.13 -32.30
CA ILE C 189 -50.54 12.30 -32.80
C ILE C 189 -50.55 13.24 -34.00
N LEU C 190 -49.45 13.98 -34.17
CA LEU C 190 -49.34 14.96 -35.24
C LEU C 190 -47.86 15.06 -35.60
N SER C 191 -47.57 15.31 -36.87
CA SER C 191 -46.18 15.41 -37.29
C SER C 191 -46.02 16.31 -38.51
N GLU C 192 -44.93 17.05 -38.55
CA GLU C 192 -44.67 17.95 -39.67
C GLU C 192 -43.18 18.28 -39.75
N ARG C 193 -42.67 18.44 -40.96
CA ARG C 193 -41.27 18.75 -41.18
C ARG C 193 -41.01 20.21 -40.83
N VAL C 194 -39.96 20.46 -40.05
CA VAL C 194 -39.60 21.82 -39.65
C VAL C 194 -38.09 22.07 -39.83
N ASP C 195 -37.75 23.09 -40.61
CA ASP C 195 -36.36 23.44 -40.84
C ASP C 195 -35.94 24.37 -39.70
N ILE C 196 -35.67 23.77 -38.56
CA ILE C 196 -35.29 24.46 -37.35
C ILE C 196 -34.17 25.51 -37.41
N THR C 197 -33.10 25.24 -38.16
CA THR C 197 -31.97 26.17 -38.25
C THR C 197 -32.35 27.48 -38.88
N ASN C 198 -33.52 27.52 -39.51
CA ASN C 198 -33.99 28.72 -40.17
C ASN C 198 -35.02 29.50 -39.36
N GLU C 199 -35.66 28.83 -38.42
CA GLU C 199 -36.70 29.45 -37.61
C GLU C 199 -36.28 29.87 -36.21
N LEU C 200 -35.15 29.37 -35.73
CA LEU C 200 -34.70 29.70 -34.39
C LEU C 200 -33.23 30.07 -34.30
N PRO C 201 -32.81 30.66 -33.18
CA PRO C 201 -31.41 31.02 -32.99
C PRO C 201 -30.64 29.75 -32.51
N GLU C 202 -29.32 29.82 -32.45
CA GLU C 202 -28.49 28.68 -32.02
C GLU C 202 -28.79 28.23 -30.60
N TYR C 203 -29.07 29.20 -29.72
CA TYR C 203 -29.37 28.91 -28.33
C TYR C 203 -30.79 29.37 -28.00
N VAL C 204 -31.50 28.54 -27.23
CA VAL C 204 -32.87 28.87 -26.85
C VAL C 204 -33.14 28.42 -25.42
N SER C 205 -34.26 28.88 -24.87
CA SER C 205 -34.69 28.47 -23.55
C SER C 205 -35.86 27.56 -23.87
N VAL C 206 -36.06 26.51 -23.08
CA VAL C 206 -37.17 25.62 -23.34
C VAL C 206 -38.09 25.66 -22.12
N GLY C 207 -39.39 25.61 -22.38
CA GLY C 207 -40.35 25.65 -21.29
C GLY C 207 -41.78 25.78 -21.76
N PHE C 208 -42.62 26.35 -20.89
CA PHE C 208 -44.04 26.51 -21.18
C PHE C 208 -44.55 27.94 -21.10
N SER C 209 -45.69 28.14 -21.72
CA SER C 209 -46.38 29.42 -21.76
C SER C 209 -47.88 29.10 -21.74
N ALA C 210 -48.64 29.80 -20.90
CA ALA C 210 -50.08 29.54 -20.82
C ALA C 210 -50.85 30.81 -20.49
N THR C 211 -52.05 30.92 -21.06
CA THR C 211 -52.91 32.08 -20.83
C THR C 211 -54.35 31.64 -20.61
N THR C 212 -55.12 32.48 -19.92
CA THR C 212 -56.54 32.20 -19.71
C THR C 212 -57.28 33.21 -20.61
N GLY C 213 -58.59 33.00 -20.76
CA GLY C 213 -59.39 33.88 -21.59
C GLY C 213 -59.45 35.30 -21.05
N LEU C 214 -59.80 36.22 -21.93
CA LEU C 214 -59.90 37.64 -21.57
C LEU C 214 -61.29 38.02 -21.04
N SER C 215 -62.19 37.06 -20.96
CA SER C 215 -63.54 37.30 -20.49
C SER C 215 -63.79 36.60 -19.17
N GLU C 216 -64.78 37.07 -18.44
CA GLU C 216 -65.12 36.53 -17.14
C GLU C 216 -65.38 35.01 -17.04
N GLY C 217 -65.89 34.42 -18.12
CA GLY C 217 -66.18 33.00 -18.07
C GLY C 217 -65.33 32.07 -18.91
N TYR C 218 -64.27 32.61 -19.48
CA TYR C 218 -63.35 31.82 -20.31
C TYR C 218 -62.06 31.60 -19.53
N ILE C 219 -62.08 30.58 -18.67
CA ILE C 219 -60.95 30.28 -17.81
C ILE C 219 -60.70 28.78 -17.59
N GLU C 220 -59.44 28.44 -17.28
CA GLU C 220 -59.02 27.07 -16.99
C GLU C 220 -57.70 27.12 -16.24
N THR C 221 -57.31 26.00 -15.62
CA THR C 221 -56.05 25.93 -14.91
C THR C 221 -55.03 25.25 -15.82
N HIS C 222 -53.76 25.50 -15.55
CA HIS C 222 -52.67 24.90 -16.33
C HIS C 222 -51.62 24.42 -15.35
N ASP C 223 -51.70 23.14 -14.98
CA ASP C 223 -50.74 22.58 -14.05
C ASP C 223 -49.84 21.56 -14.71
N VAL C 224 -48.53 21.73 -14.51
CA VAL C 224 -47.56 20.77 -15.04
C VAL C 224 -47.13 19.93 -13.83
N LEU C 225 -47.37 18.62 -13.90
CA LEU C 225 -47.05 17.73 -12.81
C LEU C 225 -45.70 17.04 -12.86
N SER C 226 -45.09 17.04 -14.05
CA SER C 226 -43.79 16.41 -14.23
C SER C 226 -43.26 16.83 -15.59
N TRP C 227 -41.93 16.88 -15.74
CA TRP C 227 -41.32 17.32 -16.99
C TRP C 227 -39.91 16.76 -17.20
N SER C 228 -39.66 16.28 -18.41
CA SER C 228 -38.34 15.74 -18.77
C SER C 228 -37.93 16.33 -20.09
N PHE C 229 -36.63 16.49 -20.26
CA PHE C 229 -36.10 17.04 -21.49
C PHE C 229 -34.72 16.44 -21.72
N ALA C 230 -34.39 16.20 -22.98
CA ALA C 230 -33.09 15.64 -23.32
C ALA C 230 -32.73 16.15 -24.69
N SER C 231 -31.47 16.51 -24.86
CA SER C 231 -30.96 17.06 -26.10
C SER C 231 -29.57 16.53 -26.43
N LYS C 232 -29.30 16.28 -27.70
CA LYS C 232 -28.00 15.78 -28.11
C LYS C 232 -27.50 16.49 -29.36
N LEU C 233 -26.40 17.23 -29.23
CA LEU C 233 -25.83 17.96 -30.35
C LEU C 233 -24.56 17.26 -30.84
N PRO C 234 -24.57 16.74 -32.08
CA PRO C 234 -23.40 16.04 -32.61
C PRO C 234 -22.22 16.97 -32.91
N ASP C 235 -21.09 16.39 -33.29
CA ASP C 235 -19.89 17.16 -33.61
C ASP C 235 -19.82 17.51 -35.08
N ALA D 1 -38.06 10.87 -8.38
CA ALA D 1 -36.64 11.30 -8.39
C ALA D 1 -36.41 12.42 -9.39
N ASN D 2 -35.51 13.33 -9.04
CA ASN D 2 -35.19 14.45 -9.90
C ASN D 2 -33.79 14.21 -10.44
N ILE D 3 -33.61 14.47 -11.73
CA ILE D 3 -32.33 14.24 -12.36
C ILE D 3 -31.89 15.40 -13.22
N GLN D 4 -30.61 15.69 -13.15
CA GLN D 4 -30.02 16.76 -13.97
C GLN D 4 -28.70 16.19 -14.42
N SER D 5 -28.33 16.42 -15.67
CA SER D 5 -27.07 15.91 -16.15
C SER D 5 -26.69 16.63 -17.42
N PHE D 6 -25.40 16.65 -17.71
CA PHE D 6 -24.90 17.30 -18.92
C PHE D 6 -23.56 16.73 -19.24
N SER D 7 -23.10 16.93 -20.48
CA SER D 7 -21.83 16.41 -20.91
C SER D 7 -21.36 17.26 -22.06
N PHE D 8 -20.23 17.94 -21.87
CA PHE D 8 -19.66 18.80 -22.90
C PHE D 8 -18.29 18.34 -23.38
N LYS D 9 -18.12 18.31 -24.69
CA LYS D 9 -16.86 17.94 -25.31
C LYS D 9 -16.35 19.20 -25.98
N ASN D 10 -17.20 20.21 -26.00
CA ASN D 10 -16.90 21.49 -26.61
C ASN D 10 -17.53 22.57 -25.74
N PHE D 11 -16.81 23.64 -25.47
CA PHE D 11 -17.36 24.69 -24.60
C PHE D 11 -17.80 25.98 -25.27
N ASN D 12 -18.82 26.60 -24.68
CA ASN D 12 -19.40 27.86 -25.16
C ASN D 12 -20.00 28.57 -23.96
N SER D 13 -19.65 29.83 -23.81
CA SER D 13 -20.07 30.67 -22.70
C SER D 13 -21.54 30.69 -22.23
N PRO D 14 -22.51 30.64 -23.16
CA PRO D 14 -23.92 30.65 -22.78
C PRO D 14 -24.41 29.77 -21.62
N SER D 15 -23.97 28.52 -21.58
CA SER D 15 -24.41 27.62 -20.53
C SER D 15 -23.60 27.69 -19.24
N PHE D 16 -22.59 28.56 -19.21
CA PHE D 16 -21.74 28.70 -18.02
C PHE D 16 -21.71 30.07 -17.40
N ILE D 17 -21.43 30.08 -16.09
CA ILE D 17 -21.29 31.32 -15.34
C ILE D 17 -19.78 31.46 -15.17
N LEU D 18 -19.19 32.45 -15.84
CA LEU D 18 -17.75 32.66 -15.76
C LEU D 18 -17.39 33.78 -14.79
N GLN D 19 -16.42 33.54 -13.93
CA GLN D 19 -15.96 34.54 -12.96
C GLN D 19 -14.44 34.71 -13.08
N GLY D 20 -13.95 35.89 -12.71
CA GLY D 20 -12.52 36.15 -12.79
C GLY D 20 -11.97 36.11 -14.21
N ASP D 21 -10.80 35.49 -14.39
CA ASP D 21 -10.18 35.39 -15.71
C ASP D 21 -10.67 34.19 -16.51
N ALA D 22 -11.68 33.50 -16.01
CA ALA D 22 -12.21 32.32 -16.70
C ALA D 22 -12.73 32.73 -18.08
N THR D 23 -12.28 32.03 -19.11
CA THR D 23 -12.69 32.33 -20.47
C THR D 23 -12.85 31.07 -21.28
N VAL D 24 -13.59 31.16 -22.38
CA VAL D 24 -13.79 30.02 -23.28
C VAL D 24 -13.13 30.38 -24.60
N SER D 25 -12.21 29.55 -25.07
CA SER D 25 -11.53 29.82 -26.32
C SER D 25 -11.16 28.55 -27.05
N SER D 26 -11.45 28.53 -28.35
CA SER D 26 -11.16 27.38 -29.19
C SER D 26 -11.88 26.13 -28.66
N GLY D 27 -13.04 26.34 -28.05
CA GLY D 27 -13.81 25.22 -27.55
C GLY D 27 -13.43 24.69 -26.20
N LYS D 28 -12.35 25.19 -25.61
CA LYS D 28 -11.98 24.70 -24.29
C LYS D 28 -12.15 25.78 -23.25
N LEU D 29 -12.23 25.34 -22.01
CA LEU D 29 -12.41 26.24 -20.88
C LEU D 29 -11.08 26.56 -20.19
N GLN D 30 -10.64 27.82 -20.30
CA GLN D 30 -9.39 28.28 -19.70
C GLN D 30 -9.70 29.03 -18.43
N LEU D 31 -9.41 28.42 -17.29
CA LEU D 31 -9.72 29.04 -16.02
C LEU D 31 -8.84 30.20 -15.60
N THR D 32 -7.57 30.16 -15.95
CA THR D 32 -6.66 31.23 -15.57
C THR D 32 -6.04 31.96 -16.77
N LYS D 33 -5.72 33.23 -16.56
CA LYS D 33 -5.14 34.11 -17.57
C LYS D 33 -3.92 33.55 -18.28
N VAL D 34 -3.81 33.87 -19.57
CA VAL D 34 -2.69 33.41 -20.38
C VAL D 34 -2.36 34.48 -21.42
N LYS D 35 -1.09 34.93 -21.43
CA LYS D 35 -0.66 35.94 -22.40
C LYS D 35 -0.80 35.37 -23.82
N GLU D 36 -1.01 36.26 -24.79
CA GLU D 36 -1.19 35.85 -26.19
C GLU D 36 -0.12 34.88 -26.70
N ASN D 37 1.11 35.03 -26.22
CA ASN D 37 2.20 34.15 -26.64
C ASN D 37 2.05 32.74 -26.07
N GLY D 38 1.05 32.55 -25.23
CA GLY D 38 0.80 31.23 -24.67
C GLY D 38 1.28 30.96 -23.25
N ILE D 39 2.07 31.85 -22.67
CA ILE D 39 2.57 31.61 -21.32
C ILE D 39 1.64 32.13 -20.21
N PRO D 40 1.43 31.33 -19.16
CA PRO D 40 0.59 31.66 -18.01
C PRO D 40 0.93 32.99 -17.34
N THR D 41 0.03 33.45 -16.49
CA THR D 41 0.21 34.70 -15.78
C THR D 41 0.08 34.51 -14.27
N PRO D 42 0.86 35.27 -13.49
CA PRO D 42 0.79 35.14 -12.04
C PRO D 42 -0.38 35.90 -11.45
N SER D 43 -0.78 35.53 -10.23
CA SER D 43 -1.88 36.20 -9.55
C SER D 43 -3.22 36.08 -10.29
N SER D 44 -3.41 34.98 -11.01
CA SER D 44 -4.66 34.78 -11.75
C SER D 44 -5.66 33.99 -10.92
N LEU D 45 -6.94 34.24 -11.18
CA LEU D 45 -8.02 33.52 -10.50
C LEU D 45 -9.19 33.41 -11.47
N GLY D 46 -9.70 32.19 -11.63
CA GLY D 46 -10.82 31.98 -12.53
C GLY D 46 -11.77 30.91 -12.03
N ARG D 47 -13.07 31.12 -12.23
CA ARG D 47 -14.08 30.15 -11.83
C ARG D 47 -15.12 29.99 -12.93
N ALA D 48 -15.76 28.83 -12.99
CA ALA D 48 -16.79 28.55 -13.98
C ALA D 48 -17.77 27.51 -13.42
N PHE D 49 -19.08 27.82 -13.51
CA PHE D 49 -20.11 26.89 -13.03
C PHE D 49 -21.21 26.66 -14.05
N TYR D 50 -21.92 25.56 -13.89
CA TYR D 50 -23.03 25.26 -14.79
C TYR D 50 -24.09 26.31 -14.42
N SER D 51 -24.77 26.85 -15.44
CA SER D 51 -25.78 27.89 -15.23
C SER D 51 -27.03 27.46 -14.50
N SER D 52 -27.21 26.17 -14.27
CA SER D 52 -28.38 25.73 -13.55
C SER D 52 -28.00 25.12 -12.20
N PRO D 53 -28.62 25.60 -11.12
CA PRO D 53 -28.35 25.09 -9.77
C PRO D 53 -28.69 23.62 -9.64
N ILE D 54 -27.99 22.92 -8.76
CA ILE D 54 -28.25 21.52 -8.52
C ILE D 54 -28.71 21.30 -7.08
N GLN D 55 -29.77 20.49 -6.90
CA GLN D 55 -30.26 20.23 -5.55
C GLN D 55 -29.56 19.00 -4.99
N ILE D 56 -28.76 19.22 -3.94
CA ILE D 56 -27.96 18.19 -3.30
C ILE D 56 -28.75 17.32 -2.33
N TYR D 57 -29.74 17.93 -1.69
CA TYR D 57 -30.61 17.21 -0.75
C TYR D 57 -31.91 17.95 -0.52
N ASP D 58 -32.83 17.32 0.20
CA ASP D 58 -34.11 17.93 0.50
C ASP D 58 -34.44 17.79 1.98
N LYS D 59 -34.46 18.93 2.68
CA LYS D 59 -34.73 18.97 4.11
C LYS D 59 -36.08 18.36 4.51
N SER D 60 -37.11 18.65 3.74
CA SER D 60 -38.44 18.14 4.02
C SER D 60 -38.58 16.63 3.89
N THR D 61 -38.06 16.04 2.82
CA THR D 61 -38.18 14.60 2.63
C THR D 61 -37.02 13.83 3.24
N GLY D 62 -35.92 14.53 3.51
CA GLY D 62 -34.74 13.87 4.07
C GLY D 62 -33.95 13.09 3.03
N ALA D 63 -34.19 13.35 1.75
CA ALA D 63 -33.48 12.66 0.69
C ALA D 63 -32.17 13.37 0.39
N VAL D 64 -31.14 12.58 0.07
CA VAL D 64 -29.81 13.10 -0.26
C VAL D 64 -29.44 12.57 -1.64
N ALA D 65 -28.96 13.47 -2.50
CA ALA D 65 -28.59 13.09 -3.86
C ALA D 65 -27.27 12.34 -3.99
N SER D 66 -27.18 11.51 -5.02
CA SER D 66 -25.96 10.78 -5.35
C SER D 66 -25.57 11.46 -6.64
N TRP D 67 -24.29 11.68 -6.86
CA TRP D 67 -23.90 12.33 -8.10
C TRP D 67 -22.50 11.91 -8.52
N ALA D 68 -22.11 12.31 -9.71
CA ALA D 68 -20.81 11.97 -10.25
C ALA D 68 -20.45 13.02 -11.30
N THR D 69 -19.16 13.24 -11.45
CA THR D 69 -18.68 14.18 -12.45
C THR D 69 -17.34 13.63 -12.96
N SER D 70 -17.01 13.97 -14.19
CA SER D 70 -15.76 13.54 -14.76
C SER D 70 -15.31 14.61 -15.74
N PHE D 71 -14.01 14.85 -15.80
CA PHE D 71 -13.49 15.87 -16.69
C PHE D 71 -12.05 15.61 -17.02
N THR D 72 -11.57 16.28 -18.06
CA THR D 72 -10.19 16.15 -18.48
C THR D 72 -9.52 17.52 -18.41
N VAL D 73 -8.45 17.60 -17.63
CA VAL D 73 -7.68 18.83 -17.48
C VAL D 73 -6.26 18.66 -18.03
N LYS D 74 -5.66 19.78 -18.38
CA LYS D 74 -4.30 19.80 -18.88
C LYS D 74 -3.62 20.95 -18.15
N ILE D 75 -2.63 20.63 -17.33
CA ILE D 75 -1.89 21.64 -16.59
C ILE D 75 -0.48 21.71 -17.15
N SER D 76 -0.04 22.92 -17.50
CA SER D 76 1.30 23.11 -18.06
C SER D 76 2.04 24.28 -17.45
N ALA D 77 3.33 24.08 -17.23
CA ALA D 77 4.19 25.13 -16.69
C ALA D 77 5.35 25.26 -17.68
N PRO D 78 5.72 26.49 -18.06
CA PRO D 78 6.82 26.77 -19.00
C PRO D 78 8.21 26.28 -18.57
N ALA D 81 10.27 27.70 -14.87
CA ALA D 81 9.02 27.98 -14.17
C ALA D 81 8.62 26.88 -13.16
N SER D 82 7.91 27.26 -12.10
CA SER D 82 7.48 26.31 -11.07
C SER D 82 5.96 26.26 -10.93
N PHE D 83 5.42 25.07 -10.66
CA PHE D 83 3.97 24.88 -10.51
C PHE D 83 3.29 25.61 -9.34
N ALA D 84 2.15 26.21 -9.64
CA ALA D 84 1.32 26.93 -8.67
C ALA D 84 0.08 27.46 -9.43
N ASP D 85 -1.10 27.45 -8.81
CA ASP D 85 -1.32 26.98 -7.44
C ASP D 85 -2.18 25.73 -7.41
N GLY D 86 -2.97 25.52 -8.46
CA GLY D 86 -3.84 24.36 -8.55
C GLY D 86 -5.24 24.62 -9.05
N ILE D 87 -6.01 23.54 -9.21
CA ILE D 87 -7.39 23.62 -9.68
C ILE D 87 -8.29 22.77 -8.79
N ALA D 88 -9.50 23.24 -8.56
CA ALA D 88 -10.45 22.49 -7.73
C ALA D 88 -11.82 22.34 -8.35
N PHE D 89 -12.45 21.20 -8.07
CA PHE D 89 -13.81 20.98 -8.54
C PHE D 89 -14.60 21.36 -7.28
N ALA D 90 -15.53 22.30 -7.40
CA ALA D 90 -16.24 22.73 -6.21
C ALA D 90 -17.76 22.79 -6.25
N LEU D 91 -18.35 22.70 -5.06
CA LEU D 91 -19.80 22.78 -4.87
C LEU D 91 -19.95 23.99 -3.97
N VAL D 92 -20.34 25.13 -4.54
CA VAL D 92 -20.49 26.37 -3.79
C VAL D 92 -21.94 26.87 -3.69
N PRO D 93 -22.22 27.80 -2.76
CA PRO D 93 -23.58 28.35 -2.62
C PRO D 93 -23.93 29.06 -3.93
N VAL D 94 -25.20 29.03 -4.33
CA VAL D 94 -25.60 29.62 -5.60
C VAL D 94 -25.15 31.06 -5.90
N GLY D 95 -25.33 32.00 -5.00
CA GLY D 95 -24.88 33.35 -5.33
C GLY D 95 -23.36 33.54 -5.35
N SER D 96 -22.66 32.73 -4.56
CA SER D 96 -21.21 32.71 -4.38
C SER D 96 -20.28 33.51 -5.30
N GLU D 97 -19.46 34.35 -4.66
CA GLU D 97 -18.46 35.19 -5.31
C GLU D 97 -17.08 34.56 -5.01
N PRO D 98 -16.07 34.81 -5.86
CA PRO D 98 -14.74 34.23 -5.59
C PRO D 98 -14.21 34.57 -4.19
N ARG D 99 -13.31 33.72 -3.68
CA ARG D 99 -12.72 33.97 -2.36
C ARG D 99 -11.21 34.25 -2.53
N ARG D 100 -10.38 33.99 -1.52
CA ARG D 100 -8.95 34.30 -1.62
C ARG D 100 -8.21 33.56 -2.75
N ASN D 101 -7.25 34.23 -3.37
CA ASN D 101 -6.49 33.63 -4.46
C ASN D 101 -5.27 32.86 -3.98
N GLY D 102 -4.33 32.62 -4.89
CA GLY D 102 -3.14 31.90 -4.53
C GLY D 102 -3.42 30.50 -4.00
N GLY D 103 -2.82 30.15 -2.87
CA GLY D 103 -3.00 28.83 -2.30
C GLY D 103 -4.39 28.53 -1.78
N TYR D 104 -5.28 29.52 -1.86
CA TYR D 104 -6.66 29.34 -1.39
C TYR D 104 -7.56 28.88 -2.54
N LEU D 105 -6.96 28.84 -3.73
CA LEU D 105 -7.61 28.37 -4.95
C LEU D 105 -8.92 29.06 -5.32
N GLY D 106 -9.20 30.20 -4.70
CA GLY D 106 -10.43 30.94 -5.01
C GLY D 106 -11.70 30.42 -4.37
N VAL D 107 -11.59 29.40 -3.54
CA VAL D 107 -12.77 28.83 -2.90
C VAL D 107 -12.80 28.94 -1.39
N PHE D 108 -11.67 29.28 -0.76
CA PHE D 108 -11.66 29.39 0.70
C PHE D 108 -10.97 30.66 1.21
N ASP D 109 -11.13 30.93 2.49
CA ASP D 109 -10.54 32.11 3.12
C ASP D 109 -9.53 31.77 4.21
N SER D 110 -9.58 30.55 4.73
CA SER D 110 -8.65 30.17 5.78
C SER D 110 -8.51 28.65 5.88
N ASP D 111 -7.56 28.21 6.69
CA ASP D 111 -7.31 26.79 6.89
C ASP D 111 -7.98 26.31 8.19
N VAL D 112 -8.82 27.17 8.75
CA VAL D 112 -9.55 26.86 9.98
C VAL D 112 -10.98 26.54 9.57
N TYR D 113 -11.50 25.40 10.03
CA TYR D 113 -12.85 25.00 9.69
C TYR D 113 -13.84 26.10 10.01
N ASN D 114 -14.69 26.41 9.02
CA ASN D 114 -15.72 27.43 9.16
C ASN D 114 -16.94 26.93 8.42
N ASN D 115 -17.85 26.28 9.16
CA ASN D 115 -19.07 25.74 8.58
C ASN D 115 -19.80 26.74 7.70
N SER D 116 -19.77 28.01 8.07
CA SER D 116 -20.48 29.05 7.33
C SER D 116 -19.95 29.31 5.91
N ALA D 117 -18.84 28.67 5.55
CA ALA D 117 -18.27 28.85 4.22
C ALA D 117 -19.14 28.06 3.22
N GLN D 118 -19.83 27.05 3.75
CA GLN D 118 -20.71 26.19 2.96
C GLN D 118 -20.12 25.80 1.61
N THR D 119 -18.87 25.34 1.62
CA THR D 119 -18.20 24.94 0.39
C THR D 119 -17.44 23.65 0.57
N VAL D 120 -17.56 22.76 -0.42
CA VAL D 120 -16.84 21.49 -0.41
C VAL D 120 -16.12 21.42 -1.75
N ALA D 121 -14.86 20.99 -1.75
CA ALA D 121 -14.09 20.92 -2.98
C ALA D 121 -13.12 19.76 -2.99
N VAL D 122 -12.75 19.35 -4.20
CA VAL D 122 -11.78 18.29 -4.38
C VAL D 122 -10.68 19.03 -5.14
N GLU D 123 -9.51 19.13 -4.52
CA GLU D 123 -8.42 19.87 -5.12
C GLU D 123 -7.30 19.04 -5.71
N PHE D 124 -6.64 19.65 -6.67
CA PHE D 124 -5.48 19.10 -7.36
C PHE D 124 -4.44 20.19 -7.14
N ASP D 125 -3.86 20.13 -5.95
CA ASP D 125 -2.88 21.07 -5.41
C ASP D 125 -1.48 20.89 -5.95
N THR D 126 -0.99 21.87 -6.69
CA THR D 126 0.34 21.77 -7.29
C THR D 126 1.46 22.48 -6.50
N LEU D 127 1.10 23.10 -5.38
CA LEU D 127 2.08 23.80 -4.58
C LEU D 127 1.81 23.61 -3.09
N SER D 128 2.80 23.08 -2.39
CA SER D 128 2.70 22.83 -0.97
C SER D 128 2.85 24.11 -0.16
N ASN D 129 1.81 24.47 0.61
CA ASN D 129 1.81 25.66 1.45
C ASN D 129 2.13 25.14 2.86
N SER D 130 3.31 25.48 3.36
CA SER D 130 3.77 25.05 4.69
C SER D 130 2.73 25.07 5.79
N GLY D 131 1.91 26.11 5.81
CA GLY D 131 0.92 26.21 6.86
C GLY D 131 -0.11 25.10 6.98
N TRP D 132 -0.48 24.44 5.88
CA TRP D 132 -1.52 23.41 5.94
C TRP D 132 -1.38 22.24 4.97
N ASP D 133 -0.43 22.32 4.05
CA ASP D 133 -0.26 21.29 3.03
C ASP D 133 0.69 20.14 3.32
N PRO D 134 0.44 18.96 2.74
CA PRO D 134 1.33 17.80 2.93
C PRO D 134 2.59 18.15 2.13
N SER D 135 3.65 17.39 2.31
CA SER D 135 4.93 17.65 1.64
C SER D 135 4.96 17.87 0.11
N MET D 136 4.23 17.08 -0.67
CA MET D 136 4.28 17.25 -2.12
C MET D 136 2.97 17.63 -2.82
N LYS D 137 2.97 17.48 -4.14
CA LYS D 137 1.78 17.76 -4.96
C LYS D 137 0.76 16.69 -4.56
N HIS D 138 -0.50 17.09 -4.39
CA HIS D 138 -1.49 16.13 -3.93
C HIS D 138 -2.90 16.37 -4.41
N ILE D 139 -3.75 15.38 -4.13
CA ILE D 139 -5.16 15.47 -4.44
C ILE D 139 -5.76 15.47 -3.04
N GLY D 140 -6.70 16.36 -2.80
CA GLY D 140 -7.30 16.41 -1.47
C GLY D 140 -8.77 16.74 -1.43
N ILE D 141 -9.42 16.35 -0.36
CA ILE D 141 -10.83 16.63 -0.17
C ILE D 141 -10.93 17.74 0.87
N ASP D 142 -11.44 18.90 0.47
CA ASP D 142 -11.58 20.03 1.37
C ASP D 142 -13.02 20.25 1.79
N VAL D 143 -13.24 20.33 3.10
CA VAL D 143 -14.58 20.55 3.64
C VAL D 143 -14.64 21.81 4.51
N ASN D 144 -14.97 22.94 3.90
CA ASN D 144 -15.09 24.20 4.61
C ASN D 144 -13.76 24.71 5.19
N SER D 145 -12.66 24.41 4.49
CA SER D 145 -11.33 24.83 4.90
C SER D 145 -10.35 24.35 3.83
N ILE D 146 -9.29 25.13 3.61
CA ILE D 146 -8.27 24.79 2.61
C ILE D 146 -7.34 23.64 3.07
N LYS D 147 -7.47 23.24 4.33
CA LYS D 147 -6.70 22.15 4.90
C LYS D 147 -7.49 20.86 4.68
N SER D 148 -7.13 20.10 3.64
CA SER D 148 -7.81 18.85 3.28
C SER D 148 -7.97 17.89 4.45
N ILE D 149 -9.11 17.22 4.51
CA ILE D 149 -9.35 16.26 5.56
C ILE D 149 -8.72 14.93 5.18
N ALA D 150 -8.22 14.86 3.95
CA ALA D 150 -7.58 13.65 3.45
C ALA D 150 -6.89 14.00 2.16
N THR D 151 -5.69 13.46 1.95
CA THR D 151 -4.94 13.73 0.73
C THR D 151 -4.23 12.48 0.27
N VAL D 152 -3.62 12.57 -0.90
CA VAL D 152 -2.90 11.46 -1.46
C VAL D 152 -1.87 12.09 -2.37
N SER D 153 -0.67 11.50 -2.40
CA SER D 153 0.40 12.04 -3.23
C SER D 153 0.04 11.93 -4.68
N TRP D 154 0.48 12.90 -5.47
CA TRP D 154 0.16 12.85 -6.87
C TRP D 154 1.35 13.31 -7.70
N ASP D 155 1.73 12.49 -8.67
CA ASP D 155 2.84 12.80 -9.54
C ASP D 155 2.34 13.46 -10.81
N LEU D 156 2.24 14.78 -10.80
CA LEU D 156 1.74 15.53 -11.95
C LEU D 156 2.58 15.38 -13.20
N ALA D 157 1.95 14.94 -14.29
CA ALA D 157 2.65 14.79 -15.55
C ALA D 157 2.46 16.11 -16.32
N ASN D 158 3.48 16.96 -16.31
CA ASN D 158 3.39 18.27 -16.99
C ASN D 158 2.96 18.19 -18.45
N GLY D 159 1.93 18.97 -18.79
CA GLY D 159 1.44 19.02 -20.16
C GLY D 159 0.65 17.83 -20.67
N GLU D 160 0.46 16.82 -19.84
CA GLU D 160 -0.29 15.63 -20.25
C GLU D 160 -1.68 15.61 -19.63
N ASN D 161 -2.64 15.11 -20.39
CA ASN D 161 -4.03 15.04 -19.94
C ASN D 161 -4.22 14.25 -18.66
N ALA D 162 -5.11 14.75 -17.81
CA ALA D 162 -5.47 14.09 -16.56
C ALA D 162 -6.97 13.80 -16.65
N GLU D 163 -7.36 12.54 -16.49
CA GLU D 163 -8.77 12.20 -16.54
C GLU D 163 -9.26 11.92 -15.13
N ILE D 164 -10.03 12.84 -14.60
CA ILE D 164 -10.57 12.78 -13.24
C ILE D 164 -12.01 12.28 -13.16
N LEU D 165 -12.32 11.56 -12.10
CA LEU D 165 -13.65 11.05 -11.86
C LEU D 165 -13.96 11.20 -10.38
N ILE D 166 -15.00 11.95 -10.05
CA ILE D 166 -15.40 12.16 -8.67
C ILE D 166 -16.85 11.67 -8.47
N THR D 167 -17.11 10.97 -7.38
CA THR D 167 -18.46 10.49 -7.14
C THR D 167 -18.85 10.62 -5.69
N TYR D 168 -20.15 10.74 -5.44
CA TYR D 168 -20.66 10.81 -4.08
C TYR D 168 -21.81 9.80 -4.00
N ASN D 169 -21.70 8.88 -3.05
CA ASN D 169 -22.70 7.85 -2.86
C ASN D 169 -23.44 8.18 -1.57
N ALA D 170 -24.70 8.59 -1.68
CA ALA D 170 -25.47 8.95 -0.49
C ALA D 170 -25.71 7.80 0.46
N ALA D 171 -25.74 6.57 -0.05
CA ALA D 171 -25.98 5.40 0.79
C ALA D 171 -24.84 5.19 1.78
N THR D 172 -23.59 5.37 1.33
CA THR D 172 -22.43 5.19 2.19
C THR D 172 -21.84 6.52 2.66
N SER D 173 -22.31 7.63 2.08
CA SER D 173 -21.82 8.96 2.43
C SER D 173 -20.37 9.12 2.02
N LEU D 174 -19.93 8.25 1.12
CA LEU D 174 -18.56 8.26 0.66
C LEU D 174 -18.30 9.08 -0.59
N LEU D 175 -17.32 9.98 -0.50
CA LEU D 175 -16.90 10.82 -1.62
C LEU D 175 -15.62 10.16 -2.12
N VAL D 176 -15.56 9.84 -3.40
CA VAL D 176 -14.38 9.21 -3.96
C VAL D 176 -13.87 9.99 -5.16
N ALA D 177 -12.57 10.23 -5.21
CA ALA D 177 -11.96 10.96 -6.31
C ALA D 177 -10.81 10.13 -6.86
N SER D 178 -10.60 10.21 -8.18
CA SER D 178 -9.54 9.44 -8.81
C SER D 178 -9.00 10.19 -10.01
N LEU D 179 -7.72 9.97 -10.30
CA LEU D 179 -7.10 10.65 -11.43
C LEU D 179 -6.28 9.64 -12.20
N VAL D 180 -6.25 9.82 -13.51
CA VAL D 180 -5.49 8.91 -14.37
C VAL D 180 -4.77 9.70 -15.46
N HIS D 181 -3.49 9.41 -15.63
CA HIS D 181 -2.71 10.05 -16.68
C HIS D 181 -2.51 8.91 -17.66
N PRO D 182 -3.39 8.80 -18.66
CA PRO D 182 -3.28 7.74 -19.67
C PRO D 182 -1.90 7.60 -20.31
N SER D 183 -1.26 8.72 -20.61
CA SER D 183 0.06 8.74 -21.22
C SER D 183 1.11 7.94 -20.41
N ARG D 184 1.08 8.07 -19.08
CA ARG D 184 2.02 7.36 -18.21
C ARG D 184 1.44 6.11 -17.58
N ARG D 185 0.18 5.82 -17.84
CA ARG D 185 -0.49 4.66 -17.26
C ARG D 185 -0.48 4.69 -15.74
N THR D 186 -0.48 5.89 -15.17
CA THR D 186 -0.47 6.04 -13.72
C THR D 186 -1.87 6.42 -13.22
N SER D 187 -2.21 5.97 -12.01
CA SER D 187 -3.52 6.29 -11.46
C SER D 187 -3.50 6.47 -9.96
N TYR D 188 -4.36 7.35 -9.46
CA TYR D 188 -4.47 7.65 -8.04
C TYR D 188 -5.92 7.64 -7.60
N ILE D 189 -6.15 7.30 -6.35
CA ILE D 189 -7.51 7.26 -5.82
C ILE D 189 -7.52 7.67 -4.36
N LEU D 190 -8.61 8.29 -3.94
CA LEU D 190 -8.74 8.79 -2.58
C LEU D 190 -10.21 8.71 -2.19
N SER D 191 -10.50 8.44 -0.92
CA SER D 191 -11.88 8.37 -0.49
C SER D 191 -12.05 8.72 0.98
N GLU D 192 -13.17 9.37 1.30
CA GLU D 192 -13.43 9.76 2.68
C GLU D 192 -14.92 10.01 2.86
N ARG D 193 -15.44 9.72 4.05
CA ARG D 193 -16.83 9.92 4.35
C ARG D 193 -17.10 11.39 4.58
N VAL D 194 -18.15 11.91 3.96
CA VAL D 194 -18.53 13.32 4.11
C VAL D 194 -20.03 13.46 4.37
N ASP D 195 -20.39 14.13 5.47
CA ASP D 195 -21.78 14.34 5.82
C ASP D 195 -22.21 15.63 5.13
N ILE D 196 -22.49 15.50 3.85
CA ILE D 196 -22.88 16.60 2.98
C ILE D 196 -24.02 17.52 3.45
N THR D 197 -25.07 16.97 4.04
CA THR D 197 -26.21 17.78 4.47
C THR D 197 -25.84 18.77 5.55
N ASN D 198 -24.69 18.57 6.15
CA ASN D 198 -24.23 19.43 7.21
C ASN D 198 -23.21 20.47 6.77
N GLU D 199 -22.56 20.22 5.63
CA GLU D 199 -21.51 21.12 5.12
C GLU D 199 -21.93 22.03 3.99
N LEU D 200 -23.07 21.73 3.36
CA LEU D 200 -23.54 22.54 2.23
C LEU D 200 -25.01 22.89 2.27
N PRO D 201 -25.43 23.87 1.46
CA PRO D 201 -26.84 24.26 1.41
C PRO D 201 -27.60 23.28 0.50
N GLU D 202 -28.93 23.35 0.47
CA GLU D 202 -29.74 22.46 -0.35
C GLU D 202 -29.45 22.58 -1.84
N TYR D 203 -29.19 23.80 -2.28
CA TYR D 203 -28.87 24.07 -3.68
C TYR D 203 -27.46 24.63 -3.82
N VAL D 204 -26.75 24.15 -4.82
CA VAL D 204 -25.38 24.63 -5.06
C VAL D 204 -25.12 24.77 -6.54
N SER D 205 -24.01 25.42 -6.87
CA SER D 205 -23.57 25.55 -8.26
C SER D 205 -22.37 24.60 -8.31
N VAL D 206 -22.18 23.93 -9.43
CA VAL D 206 -21.06 23.02 -9.53
C VAL D 206 -20.15 23.51 -10.63
N GLY D 207 -18.84 23.38 -10.41
CA GLY D 207 -17.89 23.85 -11.41
C GLY D 207 -16.45 23.82 -10.92
N PHE D 208 -15.62 24.68 -11.51
CA PHE D 208 -14.19 24.75 -11.18
C PHE D 208 -13.71 26.08 -10.71
N SER D 209 -12.57 26.05 -10.04
CA SER D 209 -11.89 27.23 -9.51
C SER D 209 -10.39 26.97 -9.66
N ALA D 210 -9.64 27.95 -10.17
CA ALA D 210 -8.20 27.75 -10.33
C ALA D 210 -7.44 29.05 -10.15
N THR D 211 -6.24 28.96 -9.59
CA THR D 211 -5.40 30.13 -9.36
C THR D 211 -3.96 29.82 -9.74
N THR D 212 -3.19 30.86 -10.04
CA THR D 212 -1.77 30.69 -10.34
C THR D 212 -1.04 31.30 -9.14
N GLY D 213 0.26 31.05 -9.06
CA GLY D 213 1.05 31.57 -7.96
C GLY D 213 1.09 33.09 -7.93
N LEU D 214 1.44 33.62 -6.75
CA LEU D 214 1.53 35.07 -6.55
C LEU D 214 2.91 35.64 -6.89
N SER D 215 3.83 34.78 -7.33
CA SER D 215 5.18 35.21 -7.67
C SER D 215 5.41 35.07 -9.17
N GLU D 216 6.41 35.78 -9.67
CA GLU D 216 6.75 35.77 -11.08
C GLU D 216 7.03 34.42 -11.73
N GLY D 217 7.55 33.46 -10.97
CA GLY D 217 7.85 32.18 -11.56
C GLY D 217 7.01 31.00 -11.13
N TYR D 218 5.94 31.26 -10.40
CA TYR D 218 5.05 30.21 -9.94
C TYR D 218 3.76 30.29 -10.74
N ILE D 219 3.78 29.66 -11.92
CA ILE D 219 2.66 29.70 -12.83
C ILE D 219 2.41 28.40 -13.60
N GLU D 220 1.17 28.20 -14.02
CA GLU D 220 0.77 27.03 -14.80
C GLU D 220 -0.56 27.35 -15.49
N THR D 221 -0.94 26.55 -16.49
CA THR D 221 -2.20 26.73 -17.17
C THR D 221 -3.21 25.74 -16.59
N HIS D 222 -4.50 26.06 -16.74
CA HIS D 222 -5.57 25.20 -16.25
C HIS D 222 -6.62 25.12 -17.35
N ASP D 223 -6.54 24.08 -18.17
CA ASP D 223 -7.49 23.91 -19.24
C ASP D 223 -8.37 22.70 -19.02
N VAL D 224 -9.68 22.90 -19.15
CA VAL D 224 -10.63 21.80 -19.03
C VAL D 224 -11.05 21.49 -20.47
N LEU D 225 -10.81 20.26 -20.90
CA LEU D 225 -11.11 19.83 -22.27
C LEU D 225 -12.45 19.15 -22.47
N SER D 226 -13.05 18.69 -21.38
CA SER D 226 -14.35 18.04 -21.44
C SER D 226 -14.89 17.90 -20.03
N TRP D 227 -16.22 17.90 -19.88
CA TRP D 227 -16.83 17.81 -18.55
C TRP D 227 -18.21 17.19 -18.57
N SER D 228 -18.47 16.28 -17.64
CA SER D 228 -19.77 15.63 -17.51
C SER D 228 -20.21 15.67 -16.07
N PHE D 229 -21.51 15.73 -15.84
CA PHE D 229 -22.04 15.75 -14.50
C PHE D 229 -23.40 15.09 -14.52
N ALA D 230 -23.73 14.39 -13.46
CA ALA D 230 -25.02 13.72 -13.35
C ALA D 230 -25.38 13.67 -11.88
N SER D 231 -26.65 13.97 -11.59
CA SER D 231 -27.15 13.98 -10.22
C SER D 231 -28.52 13.34 -10.12
N LYS D 232 -28.79 12.64 -9.04
CA LYS D 232 -30.09 12.00 -8.86
C LYS D 232 -30.59 12.18 -7.44
N LEU D 233 -31.72 12.89 -7.30
CA LEU D 233 -32.31 13.13 -5.98
C LEU D 233 -33.56 12.28 -5.79
N PRO D 234 -33.53 11.32 -4.85
CA PRO D 234 -34.70 10.46 -4.62
C PRO D 234 -35.88 11.21 -3.99
N ASP D 235 -37.00 10.50 -3.86
CA ASP D 235 -38.22 11.09 -3.27
C ASP D 235 -38.28 10.85 -1.77
N ALA E 1 34.44 -19.16 12.26
CA ALA E 1 33.61 -18.14 11.55
C ALA E 1 34.40 -16.86 11.33
N ASN E 2 34.18 -16.22 10.19
CA ASN E 2 34.87 -14.98 9.88
C ASN E 2 33.86 -13.86 9.96
N ILE E 3 34.27 -12.76 10.56
CA ILE E 3 33.37 -11.64 10.73
C ILE E 3 34.01 -10.33 10.32
N GLN E 4 33.20 -9.49 9.67
CA GLN E 4 33.65 -8.16 9.28
C GLN E 4 32.45 -7.28 9.55
N SER E 5 32.70 -6.09 10.07
CA SER E 5 31.61 -5.20 10.35
C SER E 5 32.13 -3.79 10.52
N PHE E 6 31.27 -2.80 10.30
CA PHE E 6 31.67 -1.41 10.49
C PHE E 6 30.42 -0.60 10.71
N SER E 7 30.58 0.62 11.20
CA SER E 7 29.46 1.48 11.45
C SER E 7 29.94 2.91 11.45
N PHE E 8 29.44 3.70 10.49
CA PHE E 8 29.84 5.09 10.38
C PHE E 8 28.71 6.06 10.58
N LYS E 9 28.95 7.08 11.39
CA LYS E 9 27.98 8.14 11.66
C LYS E 9 28.56 9.39 11.04
N ASN E 10 29.80 9.29 10.61
CA ASN E 10 30.52 10.40 10.02
C ASN E 10 31.39 9.82 8.90
N PHE E 11 31.42 10.47 7.75
CA PHE E 11 32.19 9.94 6.63
C PHE E 11 33.50 10.64 6.28
N ASN E 12 34.44 9.85 5.78
CA ASN E 12 35.75 10.32 5.39
C ASN E 12 36.26 9.39 4.30
N SER E 13 36.70 9.98 3.20
CA SER E 13 37.19 9.26 2.02
C SER E 13 38.15 8.07 2.17
N PRO E 14 39.13 8.13 3.09
CA PRO E 14 40.08 7.02 3.27
C PRO E 14 39.57 5.59 3.29
N SER E 15 38.48 5.34 4.01
CA SER E 15 37.96 3.98 4.11
C SER E 15 37.02 3.56 2.97
N PHE E 16 36.77 4.47 2.04
CA PHE E 16 35.87 4.19 0.92
C PHE E 16 36.48 4.32 -0.45
N ILE E 17 35.90 3.57 -1.38
CA ILE E 17 36.30 3.59 -2.78
C ILE E 17 35.21 4.43 -3.45
N LEU E 18 35.55 5.64 -3.88
CA LEU E 18 34.58 6.51 -4.52
C LEU E 18 34.71 6.49 -6.05
N GLN E 19 33.57 6.36 -6.73
CA GLN E 19 33.54 6.33 -8.20
C GLN E 19 32.55 7.38 -8.71
N GLY E 20 32.78 7.88 -9.92
CA GLY E 20 31.90 8.87 -10.48
C GLY E 20 31.88 10.17 -9.69
N ASP E 21 30.70 10.75 -9.51
CA ASP E 21 30.58 12.02 -8.80
C ASP E 21 30.45 11.85 -7.29
N ALA E 22 30.64 10.62 -6.81
CA ALA E 22 30.55 10.34 -5.37
C ALA E 22 31.59 11.16 -4.62
N THR E 23 31.15 11.89 -3.61
CA THR E 23 32.05 12.73 -2.84
C THR E 23 31.66 12.73 -1.37
N VAL E 24 32.59 13.09 -0.49
CA VAL E 24 32.30 13.17 0.93
C VAL E 24 32.44 14.63 1.33
N SER E 25 31.40 15.18 1.92
CA SER E 25 31.43 16.58 2.33
C SER E 25 30.61 16.82 3.58
N SER E 26 31.20 17.57 4.51
CA SER E 26 30.55 17.88 5.77
C SER E 26 30.18 16.61 6.53
N GLY E 27 30.99 15.57 6.34
CA GLY E 27 30.74 14.33 7.06
C GLY E 27 29.74 13.39 6.44
N LYS E 28 29.05 13.81 5.38
CA LYS E 28 28.10 12.91 4.75
C LYS E 28 28.56 12.49 3.38
N LEU E 29 27.98 11.41 2.91
CA LEU E 29 28.32 10.84 1.62
C LEU E 29 27.32 11.29 0.55
N GLN E 30 27.78 12.11 -0.39
CA GLN E 30 26.95 12.61 -1.49
C GLN E 30 27.23 11.81 -2.74
N LEU E 31 26.33 10.92 -3.12
CA LEU E 31 26.54 10.08 -4.28
C LEU E 31 26.46 10.75 -5.64
N THR E 32 25.60 11.76 -5.77
CA THR E 32 25.45 12.45 -7.05
C THR E 32 25.78 13.93 -6.98
N LYS E 33 26.22 14.46 -8.13
CA LYS E 33 26.63 15.85 -8.26
C LYS E 33 25.60 16.87 -7.79
N VAL E 34 26.09 17.96 -7.23
CA VAL E 34 25.24 19.03 -6.72
C VAL E 34 25.95 20.37 -6.91
N LYS E 35 25.28 21.30 -7.60
CA LYS E 35 25.84 22.63 -7.82
C LYS E 35 26.04 23.33 -6.48
N GLU E 36 27.02 24.23 -6.40
CA GLU E 36 27.33 24.95 -5.18
C GLU E 36 26.11 25.58 -4.49
N ASN E 37 25.14 26.03 -5.29
CA ASN E 37 23.92 26.64 -4.74
C ASN E 37 23.02 25.61 -4.05
N GLY E 38 23.40 24.34 -4.15
CA GLY E 38 22.62 23.29 -3.51
C GLY E 38 21.68 22.47 -4.37
N ILE E 39 21.46 22.88 -5.62
CA ILE E 39 20.54 22.13 -6.48
C ILE E 39 21.21 21.00 -7.27
N PRO E 40 20.57 19.82 -7.31
CA PRO E 40 21.06 18.63 -8.02
C PRO E 40 21.38 18.88 -9.48
N THR E 41 22.07 17.92 -10.08
CA THR E 41 22.49 18.00 -11.47
C THR E 41 22.01 16.78 -12.26
N PRO E 42 21.65 16.98 -13.54
CA PRO E 42 21.18 15.86 -14.35
C PRO E 42 22.34 15.04 -14.91
N SER E 43 22.05 13.81 -15.30
CA SER E 43 23.05 12.94 -15.87
C SER E 43 24.21 12.63 -14.92
N SER E 44 23.92 12.59 -13.62
CA SER E 44 24.93 12.29 -12.62
C SER E 44 24.96 10.80 -12.29
N LEU E 45 26.12 10.32 -11.88
CA LEU E 45 26.31 8.92 -11.50
C LEU E 45 27.41 8.88 -10.44
N GLY E 46 27.11 8.21 -9.33
CA GLY E 46 28.08 8.10 -8.24
C GLY E 46 27.98 6.77 -7.53
N ARG E 47 29.14 6.23 -7.14
CA ARG E 47 29.20 4.96 -6.42
C ARG E 47 30.21 5.06 -5.28
N ALA E 48 30.01 4.24 -4.24
CA ALA E 48 30.90 4.23 -3.08
C ALA E 48 30.84 2.87 -2.41
N PHE E 49 32.00 2.28 -2.16
CA PHE E 49 32.08 0.98 -1.51
C PHE E 49 33.06 0.96 -0.35
N TYR E 50 32.89 0.01 0.55
CA TYR E 50 33.80 -0.14 1.67
C TYR E 50 35.11 -0.63 1.03
N SER E 51 36.23 -0.10 1.50
CA SER E 51 37.53 -0.45 0.94
C SER E 51 37.98 -1.90 1.15
N SER E 52 37.28 -2.66 1.98
CA SER E 52 37.68 -4.03 2.18
C SER E 52 36.63 -4.99 1.64
N PRO E 53 37.04 -5.94 0.80
CA PRO E 53 36.14 -6.94 0.20
C PRO E 53 35.49 -7.81 1.26
N ILE E 54 34.28 -8.28 0.97
CA ILE E 54 33.56 -9.15 1.89
C ILE E 54 33.33 -10.50 1.23
N GLN E 55 33.58 -11.57 1.98
CA GLN E 55 33.38 -12.92 1.47
C GLN E 55 31.97 -13.37 1.76
N ILE E 56 31.19 -13.52 0.70
CA ILE E 56 29.79 -13.91 0.77
C ILE E 56 29.56 -15.40 1.01
N TYR E 57 30.47 -16.22 0.49
CA TYR E 57 30.40 -17.66 0.66
C TYR E 57 31.74 -18.32 0.39
N ASP E 58 31.82 -19.62 0.63
CA ASP E 58 33.06 -20.35 0.40
C ASP E 58 32.76 -21.64 -0.35
N LYS E 59 33.25 -21.71 -1.59
CA LYS E 59 33.04 -22.88 -2.45
C LYS E 59 33.56 -24.18 -1.85
N SER E 60 34.74 -24.14 -1.25
CA SER E 60 35.34 -25.34 -0.66
C SER E 60 34.56 -25.93 0.53
N THR E 61 34.14 -25.07 1.46
CA THR E 61 33.44 -25.56 2.64
C THR E 61 31.93 -25.59 2.45
N GLY E 62 31.46 -24.86 1.44
CA GLY E 62 30.03 -24.80 1.17
C GLY E 62 29.27 -23.90 2.13
N ALA E 63 30.00 -23.05 2.84
CA ALA E 63 29.36 -22.14 3.79
C ALA E 63 28.89 -20.88 3.08
N VAL E 64 27.75 -20.35 3.53
CA VAL E 64 27.20 -19.13 2.99
C VAL E 64 27.02 -18.13 4.13
N ALA E 65 27.46 -16.90 3.92
CA ALA E 65 27.37 -15.85 4.94
C ALA E 65 25.98 -15.26 5.12
N SER E 66 25.72 -14.80 6.33
CA SER E 66 24.47 -14.13 6.67
C SER E 66 24.97 -12.72 6.93
N TRP E 67 24.22 -11.71 6.51
CA TRP E 67 24.69 -10.36 6.73
C TRP E 67 23.52 -9.39 6.86
N ALA E 68 23.84 -8.16 7.23
CA ALA E 68 22.84 -7.16 7.40
C ALA E 68 23.50 -5.80 7.22
N THR E 69 22.72 -4.82 6.80
CA THR E 69 23.22 -3.47 6.62
C THR E 69 22.08 -2.54 6.92
N SER E 70 22.40 -1.32 7.35
CA SER E 70 21.38 -0.35 7.65
C SER E 70 21.97 1.02 7.38
N PHE E 71 21.16 1.91 6.85
CA PHE E 71 21.65 3.25 6.56
C PHE E 71 20.52 4.26 6.49
N THR E 72 20.87 5.53 6.54
CA THR E 72 19.91 6.59 6.49
C THR E 72 20.21 7.47 5.28
N VAL E 73 19.22 7.58 4.39
CA VAL E 73 19.36 8.41 3.19
C VAL E 73 18.37 9.57 3.23
N LYS E 74 18.68 10.59 2.46
CA LYS E 74 17.84 11.77 2.37
C LYS E 74 17.81 12.12 0.89
N ILE E 75 16.63 11.99 0.29
CA ILE E 75 16.44 12.31 -1.13
C ILE E 75 15.61 13.57 -1.26
N SER E 76 16.12 14.55 -1.99
CA SER E 76 15.41 15.81 -2.18
C SER E 76 15.39 16.28 -3.63
N ALA E 77 14.25 16.83 -4.03
CA ALA E 77 14.08 17.34 -5.39
C ALA E 77 13.54 18.76 -5.24
N PRO E 78 13.93 19.68 -6.14
CA PRO E 78 13.46 21.07 -6.09
C PRO E 78 12.23 21.32 -7.01
N ALA E 81 10.61 20.59 -10.00
CA ALA E 81 11.41 19.49 -10.54
C ALA E 81 10.74 18.15 -10.27
N SER E 82 11.19 17.11 -10.97
CA SER E 82 10.62 15.77 -10.81
C SER E 82 11.69 14.74 -10.40
N PHE E 83 11.30 13.77 -9.59
CA PHE E 83 12.22 12.75 -9.11
C PHE E 83 12.82 11.80 -10.16
N ALA E 84 14.12 11.54 -10.03
CA ALA E 84 14.87 10.64 -10.91
C ALA E 84 16.30 10.66 -10.38
N ASP E 85 17.00 9.52 -10.41
CA ASP E 85 16.48 8.25 -10.91
C ASP E 85 16.37 7.21 -9.78
N GLY E 86 17.14 7.42 -8.72
CA GLY E 86 17.10 6.51 -7.59
C GLY E 86 18.46 6.13 -7.02
N ILE E 87 18.43 5.36 -5.93
CA ILE E 87 19.65 4.91 -5.27
C ILE E 87 19.55 3.43 -4.96
N ALA E 88 20.67 2.71 -5.05
CA ALA E 88 20.66 1.28 -4.79
C ALA E 88 21.78 0.84 -3.84
N PHE E 89 21.50 -0.18 -3.04
CA PHE E 89 22.52 -0.73 -2.17
C PHE E 89 22.94 -1.94 -3.01
N ALA E 90 24.23 -2.06 -3.31
CA ALA E 90 24.66 -3.16 -4.16
C ALA E 90 25.84 -4.00 -3.70
N LEU E 91 25.85 -5.22 -4.21
CA LEU E 91 26.91 -6.19 -3.95
C LEU E 91 27.50 -6.48 -5.34
N VAL E 92 28.63 -5.86 -5.65
CA VAL E 92 29.27 -5.99 -6.96
C VAL E 92 30.61 -6.74 -6.92
N PRO E 93 31.10 -7.20 -8.09
CA PRO E 93 32.41 -7.89 -8.16
C PRO E 93 33.49 -6.91 -7.71
N VAL E 94 34.52 -7.39 -7.04
CA VAL E 94 35.56 -6.50 -6.52
C VAL E 94 36.16 -5.46 -7.45
N GLY E 95 36.60 -5.84 -8.64
CA GLY E 95 37.17 -4.82 -9.51
C GLY E 95 36.17 -3.83 -10.10
N SER E 96 34.92 -4.28 -10.25
CA SER E 96 33.78 -3.56 -10.80
C SER E 96 33.83 -2.04 -11.07
N GLU E 97 33.54 -1.69 -12.32
CA GLU E 97 33.50 -0.31 -12.80
C GLU E 97 32.01 0.05 -12.99
N PRO E 98 31.65 1.35 -12.91
CA PRO E 98 30.24 1.72 -13.08
C PRO E 98 29.62 1.18 -14.38
N ARG E 99 28.29 1.03 -14.40
CA ARG E 99 27.62 0.56 -15.60
C ARG E 99 26.74 1.69 -16.15
N ARG E 100 25.66 1.36 -16.87
CA ARG E 100 24.80 2.41 -17.46
C ARG E 100 24.16 3.36 -16.46
N ASN E 101 24.02 4.62 -16.83
CA ASN E 101 23.42 5.60 -15.93
C ASN E 101 21.91 5.70 -16.08
N GLY E 102 21.34 6.81 -15.62
CA GLY E 102 19.89 7.00 -15.69
C GLY E 102 19.11 5.92 -14.96
N GLY E 103 18.13 5.34 -15.63
CA GLY E 103 17.32 4.32 -14.99
C GLY E 103 18.02 3.01 -14.71
N TYR E 104 19.29 2.91 -15.07
CA TYR E 104 20.05 1.69 -14.83
C TYR E 104 20.78 1.79 -13.49
N LEU E 105 20.68 2.98 -12.90
CA LEU E 105 21.25 3.29 -11.57
C LEU E 105 22.75 3.04 -11.41
N GLY E 106 23.47 2.87 -12.51
CA GLY E 106 24.90 2.65 -12.47
C GLY E 106 25.33 1.22 -12.13
N VAL E 107 24.36 0.31 -11.98
CA VAL E 107 24.73 -1.07 -11.63
C VAL E 107 24.36 -2.11 -12.66
N PHE E 108 23.55 -1.76 -13.65
CA PHE E 108 23.17 -2.74 -14.67
C PHE E 108 23.26 -2.18 -16.10
N ASP E 109 23.16 -3.09 -17.07
CA ASP E 109 23.24 -2.73 -18.48
C ASP E 109 21.98 -3.03 -19.26
N SER E 110 21.11 -3.89 -18.72
CA SER E 110 19.87 -4.24 -19.39
C SER E 110 18.84 -4.81 -18.43
N ASP E 111 17.62 -4.97 -18.93
CA ASP E 111 16.52 -5.53 -18.14
C ASP E 111 16.35 -7.02 -18.44
N VAL E 112 17.32 -7.59 -19.14
CA VAL E 112 17.30 -9.00 -19.47
C VAL E 112 18.30 -9.69 -18.54
N TYR E 113 17.87 -10.76 -17.90
CA TYR E 113 18.74 -11.47 -16.97
C TYR E 113 20.04 -11.87 -17.64
N ASN E 114 21.15 -11.56 -16.96
CA ASN E 114 22.47 -11.88 -17.45
C ASN E 114 23.31 -12.29 -16.25
N ASN E 115 23.37 -13.59 -16.01
CA ASN E 115 24.13 -14.12 -14.88
C ASN E 115 25.55 -13.56 -14.78
N SER E 116 26.17 -13.31 -15.93
CA SER E 116 27.53 -12.80 -15.97
C SER E 116 27.71 -11.38 -15.42
N ALA E 117 26.61 -10.72 -15.07
CA ALA E 117 26.71 -9.37 -14.52
C ALA E 117 27.16 -9.48 -13.07
N GLN E 118 26.93 -10.65 -12.47
CA GLN E 118 27.30 -10.95 -11.08
C GLN E 118 27.04 -9.80 -10.13
N THR E 119 25.83 -9.24 -10.19
CA THR E 119 25.47 -8.14 -9.33
C THR E 119 24.06 -8.31 -8.77
N VAL E 120 23.91 -8.01 -7.48
CA VAL E 120 22.62 -8.08 -6.81
C VAL E 120 22.46 -6.72 -6.12
N ALA E 121 21.26 -6.15 -6.20
CA ALA E 121 21.01 -4.85 -5.60
C ALA E 121 19.60 -4.71 -5.06
N VAL E 122 19.42 -3.78 -4.13
CA VAL E 122 18.11 -3.49 -3.57
C VAL E 122 17.98 -2.03 -3.93
N GLU E 123 17.00 -1.73 -4.77
CA GLU E 123 16.80 -0.35 -5.23
C GLU E 123 15.65 0.40 -4.60
N PHE E 124 15.78 1.71 -4.65
CA PHE E 124 14.80 2.66 -4.15
C PHE E 124 14.65 3.53 -5.38
N ASP E 125 13.83 3.01 -6.29
CA ASP E 125 13.51 3.58 -7.59
C ASP E 125 12.51 4.74 -7.55
N THR E 126 12.97 5.94 -7.90
CA THR E 126 12.10 7.11 -7.87
C THR E 126 11.47 7.49 -9.21
N LEU E 127 11.76 6.72 -10.25
CA LEU E 127 11.20 7.00 -11.56
C LEU E 127 10.85 5.73 -12.30
N SER E 128 9.58 5.64 -12.71
CA SER E 128 9.08 4.47 -13.40
C SER E 128 9.50 4.48 -14.86
N ASN E 129 10.24 3.45 -15.27
CA ASN E 129 10.70 3.31 -16.65
C ASN E 129 9.74 2.30 -17.30
N SER E 130 8.94 2.79 -18.25
CA SER E 130 7.93 1.97 -18.93
C SER E 130 8.38 0.58 -19.33
N GLY E 131 9.61 0.47 -19.83
CA GLY E 131 10.11 -0.82 -20.25
C GLY E 131 10.19 -1.94 -19.23
N TRP E 132 10.37 -1.63 -17.95
CA TRP E 132 10.50 -2.69 -16.94
C TRP E 132 9.98 -2.38 -15.54
N ASP E 133 9.61 -1.14 -15.30
CA ASP E 133 9.16 -0.71 -13.97
C ASP E 133 7.67 -0.78 -13.64
N PRO E 134 7.33 -0.99 -12.35
CA PRO E 134 5.93 -1.05 -11.95
C PRO E 134 5.43 0.40 -12.07
N SER E 135 4.14 0.62 -11.96
CA SER E 135 3.56 1.95 -12.11
C SER E 135 4.13 3.12 -11.30
N MET E 136 4.43 2.95 -10.02
CA MET E 136 4.92 4.07 -9.22
C MET E 136 6.32 3.92 -8.63
N LYS E 137 6.64 4.80 -7.68
CA LYS E 137 7.93 4.77 -6.98
C LYS E 137 7.92 3.48 -6.19
N HIS E 138 9.04 2.76 -6.19
CA HIS E 138 9.06 1.48 -5.50
C HIS E 138 10.41 1.08 -4.93
N ILE E 139 10.37 0.00 -4.15
CA ILE E 139 11.54 -0.59 -3.57
C ILE E 139 11.58 -1.93 -4.31
N GLY E 140 12.75 -2.33 -4.81
CA GLY E 140 12.81 -3.60 -5.52
C GLY E 140 14.09 -4.37 -5.31
N ILE E 141 14.02 -5.68 -5.52
CA ILE E 141 15.17 -6.54 -5.39
C ILE E 141 15.61 -6.91 -6.82
N ASP E 142 16.80 -6.47 -7.22
CA ASP E 142 17.32 -6.76 -8.56
C ASP E 142 18.39 -7.83 -8.54
N VAL E 143 18.21 -8.85 -9.37
CA VAL E 143 19.17 -9.94 -9.43
C VAL E 143 19.71 -10.11 -10.85
N ASN E 144 20.81 -9.43 -11.15
CA ASN E 144 21.44 -9.53 -12.46
C ASN E 144 20.58 -8.94 -13.61
N SER E 145 19.79 -7.93 -13.28
CA SER E 145 18.94 -7.26 -14.25
C SER E 145 18.26 -6.10 -13.55
N ILE E 146 17.98 -5.02 -14.27
CA ILE E 146 17.33 -3.84 -13.69
C ILE E 146 15.83 -4.05 -13.46
N LYS E 147 15.31 -5.18 -13.95
CA LYS E 147 13.91 -5.54 -13.79
C LYS E 147 13.79 -6.34 -12.50
N SER E 148 13.38 -5.68 -11.42
CA SER E 148 13.24 -6.32 -10.11
C SER E 148 12.43 -7.61 -10.12
N ILE E 149 12.85 -8.58 -9.33
CA ILE E 149 12.14 -9.85 -9.27
C ILE E 149 11.00 -9.72 -8.27
N ALA E 150 10.93 -8.57 -7.61
CA ALA E 150 9.88 -8.30 -6.63
C ALA E 150 9.97 -6.84 -6.25
N THR E 151 8.82 -6.20 -6.11
CA THR E 151 8.80 -4.79 -5.74
C THR E 151 7.65 -4.53 -4.79
N VAL E 152 7.59 -3.31 -4.30
CA VAL E 152 6.57 -2.89 -3.38
C VAL E 152 6.45 -1.38 -3.56
N SER E 153 5.22 -0.88 -3.49
CA SER E 153 4.99 0.54 -3.65
C SER E 153 5.67 1.29 -2.54
N TRP E 154 6.14 2.49 -2.83
CA TRP E 154 6.78 3.28 -1.81
C TRP E 154 6.40 4.75 -1.97
N ASP E 155 5.94 5.34 -0.89
CA ASP E 155 5.54 6.74 -0.91
C ASP E 155 6.70 7.58 -0.38
N LEU E 156 7.56 8.02 -1.30
CA LEU E 156 8.72 8.82 -0.93
C LEU E 156 8.38 10.15 -0.28
N ALA E 157 8.90 10.38 0.92
CA ALA E 157 8.68 11.63 1.63
C ALA E 157 9.84 12.57 1.25
N ASN E 158 9.59 13.50 0.34
CA ASN E 158 10.62 14.44 -0.10
C ASN E 158 11.34 15.18 1.02
N GLY E 159 12.67 15.10 1.01
CA GLY E 159 13.49 15.80 1.99
C GLY E 159 13.52 15.23 3.39
N GLU E 160 12.81 14.13 3.63
CA GLU E 160 12.79 13.53 4.95
C GLU E 160 13.61 12.25 4.99
N ASN E 161 14.25 12.02 6.14
CA ASN E 161 15.10 10.85 6.32
C ASN E 161 14.40 9.53 6.11
N ALA E 162 15.11 8.59 5.50
CA ALA E 162 14.60 7.25 5.27
C ALA E 162 15.56 6.31 5.97
N GLU E 163 15.05 5.47 6.87
CA GLU E 163 15.90 4.55 7.58
C GLU E 163 15.67 3.15 7.03
N ILE E 164 16.67 2.67 6.28
CA ILE E 164 16.60 1.38 5.63
C ILE E 164 17.35 0.28 6.37
N LEU E 165 16.84 -0.96 6.26
CA LEU E 165 17.46 -2.11 6.89
C LEU E 165 17.31 -3.28 5.93
N ILE E 166 18.45 -3.86 5.52
CA ILE E 166 18.44 -4.98 4.61
C ILE E 166 19.15 -6.14 5.28
N THR E 167 18.62 -7.35 5.13
CA THR E 167 19.25 -8.51 5.73
C THR E 167 19.19 -9.72 4.84
N TYR E 168 20.16 -10.61 4.99
CA TYR E 168 20.18 -11.86 4.23
C TYR E 168 20.42 -12.99 5.22
N ASN E 169 19.48 -13.94 5.23
CA ASN E 169 19.56 -15.08 6.14
C ASN E 169 19.90 -16.31 5.33
N ALA E 170 21.12 -16.80 5.47
CA ALA E 170 21.56 -17.96 4.71
C ALA E 170 20.75 -19.23 4.98
N ALA E 171 20.20 -19.35 6.19
CA ALA E 171 19.42 -20.53 6.54
C ALA E 171 18.14 -20.64 5.71
N THR E 172 17.48 -19.51 5.47
CA THR E 172 16.25 -19.50 4.69
C THR E 172 16.46 -18.96 3.28
N SER E 173 17.66 -18.44 3.02
CA SER E 173 17.98 -17.86 1.71
C SER E 173 17.11 -16.65 1.42
N LEU E 174 16.54 -16.07 2.48
CA LEU E 174 15.67 -14.93 2.34
C LEU E 174 16.33 -13.57 2.46
N LEU E 175 16.10 -12.72 1.48
CA LEU E 175 16.63 -11.37 1.49
C LEU E 175 15.45 -10.49 1.88
N VAL E 176 15.60 -9.68 2.91
CA VAL E 176 14.50 -8.82 3.34
C VAL E 176 14.96 -7.37 3.40
N ALA E 177 14.14 -6.47 2.87
CA ALA E 177 14.47 -5.04 2.87
C ALA E 177 13.30 -4.30 3.46
N SER E 178 13.59 -3.20 4.13
CA SER E 178 12.54 -2.44 4.74
C SER E 178 12.95 -0.98 4.91
N LEU E 179 11.95 -0.09 4.80
CA LEU E 179 12.21 1.33 4.89
C LEU E 179 11.24 1.97 5.84
N VAL E 180 11.69 3.00 6.54
CA VAL E 180 10.85 3.70 7.50
C VAL E 180 11.11 5.20 7.42
N HIS E 181 10.03 5.97 7.35
CA HIS E 181 10.15 7.42 7.32
C HIS E 181 9.62 7.81 8.69
N PRO E 182 10.51 7.94 9.69
CA PRO E 182 10.11 8.30 11.05
C PRO E 182 9.20 9.52 11.14
N SER E 183 9.46 10.52 10.31
CA SER E 183 8.68 11.75 10.30
C SER E 183 7.19 11.50 10.03
N ARG E 184 6.88 10.60 9.10
CA ARG E 184 5.51 10.28 8.75
C ARG E 184 5.00 8.99 9.38
N ARG E 185 5.85 8.32 10.14
CA ARG E 185 5.49 7.08 10.80
C ARG E 185 5.02 6.04 9.80
N THR E 186 5.56 6.10 8.59
CA THR E 186 5.21 5.12 7.55
C THR E 186 6.32 4.08 7.40
N SER E 187 5.96 2.86 7.02
CA SER E 187 6.96 1.83 6.85
C SER E 187 6.60 0.84 5.76
N TYR E 188 7.63 0.32 5.09
CA TYR E 188 7.45 -0.65 4.01
C TYR E 188 8.38 -1.84 4.19
N ILE E 189 7.97 -2.99 3.70
CA ILE E 189 8.78 -4.17 3.81
C ILE E 189 8.59 -5.05 2.58
N LEU E 190 9.65 -5.77 2.21
CA LEU E 190 9.64 -6.62 1.02
C LEU E 190 10.58 -7.78 1.28
N SER E 191 10.27 -8.95 0.73
CA SER E 191 11.12 -10.11 0.94
C SER E 191 11.02 -11.10 -0.20
N GLU E 192 12.13 -11.75 -0.51
CA GLU E 192 12.15 -12.74 -1.59
C GLU E 192 13.35 -13.66 -1.44
N ARG E 193 13.19 -14.92 -1.83
CA ARG E 193 14.26 -15.89 -1.74
C ARG E 193 15.28 -15.64 -2.85
N VAL E 194 16.57 -15.64 -2.49
CA VAL E 194 17.63 -15.42 -3.45
C VAL E 194 18.74 -16.45 -3.25
N ASP E 195 19.08 -17.18 -4.31
CA ASP E 195 20.15 -18.17 -4.25
C ASP E 195 21.45 -17.43 -4.58
N ILE E 196 21.97 -16.76 -3.58
CA ILE E 196 23.16 -15.95 -3.69
C ILE E 196 24.43 -16.57 -4.28
N THR E 197 24.71 -17.83 -3.94
CA THR E 197 25.91 -18.51 -4.45
C THR E 197 25.91 -18.68 -5.95
N ASN E 198 24.74 -18.47 -6.56
CA ASN E 198 24.60 -18.63 -7.99
C ASN E 198 24.59 -17.31 -8.74
N GLU E 199 24.30 -16.22 -8.04
CA GLU E 199 24.21 -14.90 -8.66
C GLU E 199 25.41 -14.00 -8.44
N LEU E 200 26.26 -14.36 -7.48
CA LEU E 200 27.42 -13.53 -7.18
C LEU E 200 28.73 -14.30 -7.00
N PRO E 201 29.87 -13.59 -7.04
CA PRO E 201 31.16 -14.25 -6.85
C PRO E 201 31.42 -14.44 -5.34
N GLU E 202 32.44 -15.20 -4.97
CA GLU E 202 32.76 -15.43 -3.56
C GLU E 202 33.06 -14.15 -2.80
N TYR E 203 33.73 -13.22 -3.46
CA TYR E 203 34.08 -11.94 -2.84
C TYR E 203 33.41 -10.79 -3.57
N VAL E 204 32.91 -9.82 -2.81
CA VAL E 204 32.25 -8.67 -3.41
C VAL E 204 32.57 -7.41 -2.64
N SER E 205 32.23 -6.27 -3.22
CA SER E 205 32.41 -4.98 -2.56
C SER E 205 30.96 -4.60 -2.22
N VAL E 206 30.75 -3.93 -1.10
CA VAL E 206 29.40 -3.55 -0.75
C VAL E 206 29.36 -2.04 -0.67
N GLY E 207 28.26 -1.46 -1.13
CA GLY E 207 28.13 -0.02 -1.12
C GLY E 207 26.89 0.48 -1.84
N PHE E 208 26.95 1.72 -2.31
CA PHE E 208 25.84 2.34 -2.99
C PHE E 208 26.13 2.81 -4.40
N SER E 209 25.06 3.01 -5.15
CA SER E 209 25.11 3.50 -6.53
C SER E 209 23.88 4.39 -6.71
N ALA E 210 24.06 5.57 -7.30
CA ALA E 210 22.94 6.48 -7.49
C ALA E 210 23.09 7.31 -8.75
N THR E 211 21.97 7.59 -9.42
CA THR E 211 21.98 8.38 -10.64
C THR E 211 20.83 9.39 -10.64
N THR E 212 20.98 10.45 -11.41
CA THR E 212 19.92 11.44 -11.53
C THR E 212 19.36 11.26 -12.95
N GLY E 213 18.23 11.90 -13.23
CA GLY E 213 17.62 11.80 -14.54
C GLY E 213 18.48 12.38 -15.64
N LEU E 214 18.20 11.95 -16.87
CA LEU E 214 18.94 12.42 -18.04
C LEU E 214 18.36 13.69 -18.65
N SER E 215 17.29 14.22 -18.05
CA SER E 215 16.65 15.43 -18.55
C SER E 215 16.83 16.56 -17.56
N GLU E 216 16.69 17.78 -18.06
CA GLU E 216 16.86 18.98 -17.26
C GLU E 216 16.04 19.09 -15.97
N GLY E 217 14.85 18.49 -15.94
CA GLY E 217 14.01 18.59 -14.76
C GLY E 217 13.79 17.33 -13.95
N TYR E 218 14.54 16.27 -14.26
CA TYR E 218 14.43 15.02 -13.54
C TYR E 218 15.68 14.84 -12.69
N ILE E 219 15.65 15.44 -11.50
CA ILE E 219 16.78 15.44 -10.60
C ILE E 219 16.41 15.35 -9.12
N GLU E 220 17.34 14.83 -8.32
CA GLU E 220 17.18 14.69 -6.87
C GLU E 220 18.56 14.49 -6.23
N THR E 221 18.65 14.67 -4.93
CA THR E 221 19.91 14.47 -4.22
C THR E 221 19.91 13.09 -3.59
N HIS E 222 21.10 12.56 -3.34
CA HIS E 222 21.23 11.26 -2.72
C HIS E 222 22.29 11.37 -1.63
N ASP E 223 21.86 11.59 -0.40
CA ASP E 223 22.78 11.73 0.72
C ASP E 223 22.65 10.58 1.70
N VAL E 224 23.78 9.96 2.03
CA VAL E 224 23.79 8.88 3.01
C VAL E 224 24.36 9.53 4.29
N LEU E 225 23.54 9.53 5.35
CA LEU E 225 23.93 10.14 6.61
C LEU E 225 24.59 9.20 7.64
N SER E 226 24.44 7.90 7.43
CA SER E 226 25.03 6.94 8.34
C SER E 226 24.91 5.56 7.70
N TRP E 227 25.84 4.66 8.02
CA TRP E 227 25.84 3.32 7.41
C TRP E 227 26.54 2.27 8.29
N SER E 228 25.92 1.10 8.40
CA SER E 228 26.46 0.00 9.19
C SER E 228 26.35 -1.26 8.36
N PHE E 229 27.27 -2.18 8.57
CA PHE E 229 27.28 -3.43 7.86
C PHE E 229 27.90 -4.46 8.75
N ALA E 230 27.41 -5.69 8.66
CA ALA E 230 27.93 -6.78 9.46
C ALA E 230 27.74 -8.06 8.67
N SER E 231 28.75 -8.91 8.68
CA SER E 231 28.73 -10.15 7.95
C SER E 231 29.35 -11.29 8.75
N LYS E 232 28.79 -12.49 8.62
CA LYS E 232 29.33 -13.64 9.34
C LYS E 232 29.38 -14.87 8.46
N LEU E 233 30.58 -15.38 8.22
CA LEU E 233 30.77 -16.55 7.39
C LEU E 233 31.14 -17.75 8.26
N PRO E 234 30.27 -18.77 8.31
CA PRO E 234 30.55 -19.97 9.13
C PRO E 234 31.68 -20.82 8.57
N ASP E 235 32.05 -21.86 9.33
CA ASP E 235 33.13 -22.76 8.91
C ASP E 235 32.60 -23.97 8.13
N ALA F 1 29.96 8.02 16.65
CA ALA F 1 31.18 7.16 16.75
C ALA F 1 31.32 6.29 15.53
N ASN F 2 32.57 6.09 15.10
CA ASN F 2 32.83 5.25 13.95
C ASN F 2 33.46 3.97 14.45
N ILE F 3 33.05 2.84 13.89
CA ILE F 3 33.57 1.57 14.32
C ILE F 3 33.96 0.68 13.16
N GLN F 4 35.07 -0.04 13.33
CA GLN F 4 35.55 -0.97 12.33
C GLN F 4 36.05 -2.14 13.14
N SER F 5 35.78 -3.34 12.67
CA SER F 5 36.23 -4.52 13.39
C SER F 5 36.16 -5.73 12.49
N PHE F 6 36.98 -6.72 12.80
CA PHE F 6 36.99 -7.96 12.01
C PHE F 6 37.56 -9.06 12.88
N SER F 7 37.35 -10.29 12.46
CA SER F 7 37.83 -11.41 13.21
C SER F 7 37.96 -12.59 12.27
N PHE F 8 39.19 -13.07 12.09
CA PHE F 8 39.45 -14.18 11.20
C PHE F 8 40.02 -15.39 11.92
N LYS F 9 39.47 -16.56 11.59
CA LYS F 9 39.91 -17.82 12.15
C LYS F 9 40.49 -18.60 10.99
N ASN F 10 40.28 -18.05 9.81
CA ASN F 10 40.75 -18.66 8.57
C ASN F 10 41.22 -17.53 7.66
N PHE F 11 42.36 -17.69 7.00
CA PHE F 11 42.86 -16.61 6.15
C PHE F 11 42.74 -16.83 4.64
N ASN F 12 42.56 -15.72 3.93
CA ASN F 12 42.43 -15.69 2.47
C ASN F 12 42.92 -14.33 1.99
N SER F 13 43.83 -14.37 1.02
CA SER F 13 44.45 -13.17 0.46
C SER F 13 43.62 -11.92 0.12
N PRO F 14 42.39 -12.09 -0.42
CA PRO F 14 41.55 -10.94 -0.79
C PRO F 14 41.43 -9.77 0.19
N SER F 15 41.22 -10.06 1.46
CA SER F 15 41.05 -8.99 2.45
C SER F 15 42.34 -8.43 3.02
N PHE F 16 43.47 -8.97 2.58
CA PHE F 16 44.77 -8.51 3.08
C PHE F 16 45.73 -7.96 2.03
N ILE F 17 46.60 -7.07 2.50
CA ILE F 17 47.64 -6.49 1.66
C ILE F 17 48.90 -7.25 2.07
N LEU F 18 49.40 -8.11 1.19
CA LEU F 18 50.60 -8.88 1.50
C LEU F 18 51.87 -8.24 0.89
N GLN F 19 52.93 -8.15 1.69
CA GLN F 19 54.19 -7.58 1.23
C GLN F 19 55.33 -8.56 1.53
N GLY F 20 56.39 -8.51 0.73
CA GLY F 20 57.52 -9.40 0.94
C GLY F 20 57.17 -10.87 0.73
N ASP F 21 57.67 -11.73 1.62
CA ASP F 21 57.42 -13.17 1.52
C ASP F 21 56.11 -13.60 2.19
N ALA F 22 55.33 -12.63 2.65
CA ALA F 22 54.07 -12.93 3.31
C ALA F 22 53.16 -13.71 2.36
N THR F 23 52.64 -14.83 2.83
CA THR F 23 51.78 -15.67 2.01
C THR F 23 50.68 -16.30 2.85
N VAL F 24 49.60 -16.73 2.20
CA VAL F 24 48.51 -17.38 2.92
C VAL F 24 48.46 -18.82 2.41
N SER F 25 48.54 -19.77 3.32
CA SER F 25 48.51 -21.18 2.92
C SER F 25 47.83 -22.05 3.96
N SER F 26 46.97 -22.93 3.50
CA SER F 26 46.24 -23.83 4.39
C SER F 26 45.44 -23.04 5.43
N GLY F 27 44.98 -21.87 5.05
CA GLY F 27 44.18 -21.07 5.96
C GLY F 27 44.93 -20.24 6.96
N LYS F 28 46.25 -20.36 7.03
CA LYS F 28 46.99 -19.55 7.98
C LYS F 28 47.87 -18.56 7.26
N LEU F 29 48.27 -17.54 7.99
CA LEU F 29 49.11 -16.48 7.47
C LEU F 29 50.58 -16.71 7.81
N GLN F 30 51.39 -16.99 6.78
CA GLN F 30 52.83 -17.22 6.96
C GLN F 30 53.59 -15.98 6.55
N LEU F 31 54.08 -15.24 7.53
CA LEU F 31 54.80 -14.01 7.27
C LEU F 31 56.19 -14.13 6.64
N THR F 32 56.92 -15.20 6.96
CA THR F 32 58.26 -15.38 6.41
C THR F 32 58.40 -16.66 5.61
N LYS F 33 59.32 -16.61 4.64
CA LYS F 33 59.59 -17.72 3.73
C LYS F 33 59.89 -19.05 4.42
N VAL F 34 59.44 -20.13 3.79
CA VAL F 34 59.64 -21.47 4.31
C VAL F 34 59.83 -22.45 3.16
N LYS F 35 60.93 -23.19 3.17
CA LYS F 35 61.20 -24.17 2.11
C LYS F 35 60.13 -25.25 2.16
N GLU F 36 59.85 -25.86 1.00
CA GLU F 36 58.82 -26.90 0.89
C GLU F 36 58.93 -27.99 1.96
N ASN F 37 60.15 -28.32 2.36
CA ASN F 37 60.35 -29.37 3.38
C ASN F 37 59.92 -28.90 4.77
N GLY F 38 59.53 -27.63 4.87
CA GLY F 38 59.07 -27.10 6.14
C GLY F 38 60.02 -26.26 6.96
N ILE F 39 61.30 -26.22 6.58
CA ILE F 39 62.25 -25.43 7.35
C ILE F 39 62.36 -23.98 6.91
N PRO F 40 62.41 -23.04 7.88
CA PRO F 40 62.53 -21.60 7.65
C PRO F 40 63.71 -21.20 6.77
N THR F 41 63.69 -19.95 6.32
CA THR F 41 64.73 -19.43 5.46
C THR F 41 65.32 -18.15 6.04
N PRO F 42 66.63 -17.94 5.85
CA PRO F 42 67.28 -16.74 6.38
C PRO F 42 67.05 -15.52 5.49
N SER F 43 67.22 -14.34 6.05
CA SER F 43 67.05 -13.10 5.30
C SER F 43 65.64 -12.90 4.75
N SER F 44 64.65 -13.43 5.44
CA SER F 44 63.26 -13.30 5.01
C SER F 44 62.60 -12.07 5.64
N LEU F 45 61.61 -11.53 4.94
CA LEU F 45 60.87 -10.37 5.41
C LEU F 45 59.47 -10.46 4.84
N GLY F 46 58.48 -10.34 5.72
CA GLY F 46 57.08 -10.41 5.29
C GLY F 46 56.16 -9.50 6.10
N ARG F 47 55.20 -8.89 5.43
CA ARG F 47 54.25 -8.01 6.10
C ARG F 47 52.84 -8.28 5.57
N ALA F 48 51.83 -8.01 6.40
CA ALA F 48 50.43 -8.21 6.01
C ALA F 48 49.55 -7.23 6.78
N PHE F 49 48.68 -6.53 6.06
CA PHE F 49 47.77 -5.58 6.70
C PHE F 49 46.34 -5.76 6.23
N TYR F 50 45.40 -5.28 7.05
CA TYR F 50 43.99 -5.35 6.69
C TYR F 50 43.86 -4.38 5.52
N SER F 51 43.07 -4.76 4.51
CA SER F 51 42.90 -3.93 3.32
C SER F 51 42.16 -2.61 3.54
N SER F 52 41.59 -2.40 4.71
CA SER F 52 40.90 -1.14 4.93
C SER F 52 41.60 -0.31 6.00
N PRO F 53 41.92 0.95 5.69
CA PRO F 53 42.58 1.85 6.64
C PRO F 53 41.74 2.09 7.88
N ILE F 54 42.41 2.34 8.99
CA ILE F 54 41.72 2.61 10.25
C ILE F 54 42.05 4.04 10.72
N GLN F 55 41.02 4.77 11.16
CA GLN F 55 41.25 6.13 11.63
C GLN F 55 41.51 6.10 13.13
N ILE F 56 42.74 6.45 13.49
CA ILE F 56 43.21 6.46 14.88
C ILE F 56 42.75 7.67 15.68
N TYR F 57 42.60 8.80 15.00
CA TYR F 57 42.14 10.02 15.66
C TYR F 57 41.62 11.01 14.64
N ASP F 58 41.05 12.13 15.12
CA ASP F 58 40.53 13.15 14.24
C ASP F 58 41.00 14.51 14.70
N LYS F 59 41.82 15.15 13.88
CA LYS F 59 42.38 16.47 14.19
C LYS F 59 41.32 17.54 14.43
N SER F 60 40.29 17.56 13.59
CA SER F 60 39.23 18.56 13.71
C SER F 60 38.41 18.46 14.98
N THR F 61 37.98 17.26 15.36
CA THR F 61 37.16 17.09 16.56
C THR F 61 37.99 16.84 17.82
N GLY F 62 39.25 16.46 17.62
CA GLY F 62 40.12 16.18 18.75
C GLY F 62 39.84 14.83 19.40
N ALA F 63 39.11 13.96 18.70
CA ALA F 63 38.79 12.65 19.24
C ALA F 63 39.91 11.67 18.95
N VAL F 64 40.15 10.77 19.90
CA VAL F 64 41.18 9.73 19.76
C VAL F 64 40.52 8.37 19.93
N ALA F 65 40.80 7.45 19.02
CA ALA F 65 40.21 6.12 19.09
C ALA F 65 40.80 5.19 20.16
N SER F 66 39.97 4.25 20.62
CA SER F 66 40.39 3.25 21.58
C SER F 66 40.31 2.00 20.71
N TRP F 67 41.24 1.07 20.87
CA TRP F 67 41.17 -0.12 20.05
C TRP F 67 41.79 -1.31 20.74
N ALA F 68 41.64 -2.47 20.14
CA ALA F 68 42.18 -3.68 20.70
C ALA F 68 42.36 -4.67 19.58
N THR F 69 43.31 -5.57 19.76
CA THR F 69 43.57 -6.61 18.77
C THR F 69 44.06 -7.83 19.53
N SER F 70 43.82 -9.00 18.96
CA SER F 70 44.25 -10.24 19.59
C SER F 70 44.54 -11.23 18.48
N PHE F 71 45.58 -12.03 18.67
CA PHE F 71 45.95 -13.00 17.66
C PHE F 71 46.73 -14.14 18.27
N THR F 72 46.83 -15.22 17.51
CA THR F 72 47.56 -16.39 17.95
C THR F 72 48.69 -16.66 16.97
N VAL F 73 49.92 -16.68 17.49
CA VAL F 73 51.10 -16.94 16.66
C VAL F 73 51.79 -18.22 17.09
N LYS F 74 52.55 -18.80 16.18
CA LYS F 74 53.29 -20.01 16.46
C LYS F 74 54.67 -19.78 15.87
N ILE F 75 55.68 -19.73 16.72
CA ILE F 75 57.07 -19.52 16.28
C ILE F 75 57.86 -20.79 16.52
N SER F 76 58.51 -21.28 15.46
CA SER F 76 59.28 -22.51 15.55
C SER F 76 60.66 -22.39 14.90
N ALA F 77 61.65 -23.00 15.56
CA ALA F 77 63.02 -23.02 15.06
C ALA F 77 63.44 -24.50 15.05
N PRO F 78 64.13 -24.96 13.97
CA PRO F 78 64.60 -26.35 13.84
C PRO F 78 65.34 -26.95 15.06
N ALA F 81 69.17 -24.94 15.28
CA ALA F 81 68.85 -23.62 14.77
C ALA F 81 68.59 -22.63 15.90
N SER F 82 69.06 -21.40 15.75
CA SER F 82 68.84 -20.40 16.77
C SER F 82 67.77 -19.38 16.36
N PHE F 83 67.01 -18.88 17.33
CA PHE F 83 65.94 -17.93 17.08
C PHE F 83 66.36 -16.55 16.56
N ALA F 84 65.62 -16.08 15.55
CA ALA F 84 65.82 -14.77 14.93
C ALA F 84 64.75 -14.64 13.83
N ASP F 85 64.20 -13.43 13.63
CA ASP F 85 64.55 -12.24 14.39
C ASP F 85 63.37 -11.76 15.26
N GLY F 86 62.15 -12.15 14.87
CA GLY F 86 60.97 -11.76 15.61
C GLY F 86 59.79 -11.30 14.77
N ILE F 87 58.66 -11.04 15.44
CA ILE F 87 57.44 -10.60 14.78
C ILE F 87 56.87 -9.39 15.51
N ALA F 88 56.28 -8.46 14.76
CA ALA F 88 55.70 -7.27 15.38
C ALA F 88 54.28 -6.98 14.90
N PHE F 89 53.47 -6.41 15.79
CA PHE F 89 52.14 -6.00 15.39
C PHE F 89 52.39 -4.51 15.17
N ALA F 90 52.02 -4.00 14.00
CA ALA F 90 52.31 -2.59 13.75
C ALA F 90 51.19 -1.74 13.17
N LEU F 91 51.32 -0.44 13.43
CA LEU F 91 50.41 0.58 12.94
C LEU F 91 51.28 1.49 12.08
N VAL F 92 51.22 1.31 10.77
CA VAL F 92 52.03 2.07 9.81
C VAL F 92 51.22 3.03 8.92
N PRO F 93 51.91 3.99 8.26
CA PRO F 93 51.22 4.94 7.37
C PRO F 93 50.59 4.14 6.24
N VAL F 94 49.45 4.56 5.74
CA VAL F 94 48.75 3.82 4.69
C VAL F 94 49.54 3.35 3.46
N GLY F 95 50.29 4.24 2.82
CA GLY F 95 51.05 3.78 1.66
C GLY F 95 52.24 2.87 1.97
N SER F 96 52.80 3.05 3.17
CA SER F 96 53.96 2.32 3.72
C SER F 96 54.54 1.07 3.03
N GLU F 97 55.82 1.16 2.73
CA GLU F 97 56.59 0.08 2.09
C GLU F 97 57.50 -0.51 3.18
N PRO F 98 57.90 -1.80 3.04
CA PRO F 98 58.77 -2.39 4.08
C PRO F 98 60.03 -1.57 4.38
N ARG F 99 60.59 -1.73 5.58
CA ARG F 99 61.80 -1.02 5.93
C ARG F 99 62.95 -2.04 6.11
N ARG F 100 63.97 -1.72 6.90
CA ARG F 100 65.11 -2.65 7.07
C ARG F 100 64.75 -4.01 7.63
N ASN F 101 65.43 -5.05 7.15
CA ASN F 101 65.16 -6.40 7.62
C ASN F 101 65.99 -6.79 8.85
N GLY F 102 66.10 -8.10 9.10
CA GLY F 102 66.85 -8.57 10.25
C GLY F 102 66.30 -8.05 11.56
N GLY F 103 67.18 -7.50 12.40
CA GLY F 103 66.77 -6.99 13.70
C GLY F 103 65.89 -5.75 13.68
N TYR F 104 65.61 -5.24 12.49
CA TYR F 104 64.76 -4.06 12.35
C TYR F 104 63.30 -4.48 12.13
N LEU F 105 63.10 -5.79 11.99
CA LEU F 105 61.81 -6.41 11.82
C LEU F 105 60.94 -5.90 10.68
N GLY F 106 61.55 -5.20 9.73
CA GLY F 106 60.81 -4.68 8.59
C GLY F 106 59.99 -3.42 8.85
N VAL F 107 60.04 -2.88 10.06
CA VAL F 107 59.26 -1.70 10.37
C VAL F 107 60.07 -0.45 10.72
N PHE F 108 61.37 -0.60 10.96
CA PHE F 108 62.18 0.56 11.30
C PHE F 108 63.50 0.62 10.54
N ASP F 109 64.16 1.78 10.62
CA ASP F 109 65.44 2.01 9.93
C ASP F 109 66.62 2.27 10.87
N SER F 110 66.31 2.65 12.10
CA SER F 110 67.35 2.93 13.07
C SER F 110 66.84 2.85 14.52
N ASP F 111 67.77 2.90 15.46
CA ASP F 111 67.44 2.85 16.88
C ASP F 111 67.42 4.24 17.48
N VAL F 112 67.45 5.25 16.60
CA VAL F 112 67.40 6.63 17.01
C VAL F 112 65.99 7.13 16.71
N TYR F 113 65.35 7.76 17.70
CA TYR F 113 64.00 8.27 17.52
C TYR F 113 63.91 9.18 16.31
N ASN F 114 62.92 8.89 15.46
CA ASN F 114 62.68 9.67 14.26
C ASN F 114 61.17 9.78 14.08
N ASN F 115 60.61 10.88 14.60
CA ASN F 115 59.17 11.13 14.52
C ASN F 115 58.61 10.92 13.11
N SER F 116 59.39 11.26 12.10
CA SER F 116 58.95 11.12 10.71
C SER F 116 58.74 9.68 10.23
N ALA F 117 59.08 8.70 11.06
CA ALA F 117 58.88 7.30 10.67
C ALA F 117 57.40 6.98 10.80
N GLN F 118 56.70 7.75 11.64
CA GLN F 118 55.27 7.60 11.91
C GLN F 118 54.84 6.14 12.05
N THR F 119 55.56 5.39 12.87
CA THR F 119 55.25 3.99 13.07
C THR F 119 55.33 3.62 14.54
N VAL F 120 54.36 2.82 15.00
CA VAL F 120 54.33 2.34 16.37
C VAL F 120 54.15 0.83 16.26
N ALA F 121 54.88 0.08 17.08
CA ALA F 121 54.77 -1.37 17.01
C ALA F 121 54.97 -2.02 18.36
N VAL F 122 54.48 -3.25 18.49
CA VAL F 122 54.62 -4.02 19.71
C VAL F 122 55.35 -5.23 19.17
N GLU F 123 56.57 -5.42 19.65
CA GLU F 123 57.39 -6.53 19.17
C GLU F 123 57.56 -7.71 20.11
N PHE F 124 57.84 -8.84 19.49
CA PHE F 124 58.07 -10.10 20.16
C PHE F 124 59.42 -10.47 19.56
N ASP F 125 60.44 -9.85 20.17
CA ASP F 125 61.85 -9.96 19.80
C ASP F 125 62.53 -11.25 20.26
N THR F 126 62.93 -12.10 19.31
CA THR F 126 63.56 -13.36 19.65
C THR F 126 65.11 -13.35 19.60
N LEU F 127 65.70 -12.21 19.28
CA LEU F 127 67.14 -12.12 19.21
C LEU F 127 67.62 -10.77 19.73
N SER F 128 68.48 -10.83 20.74
CA SER F 128 69.03 -9.63 21.34
C SER F 128 70.12 -8.99 20.48
N ASN F 129 69.89 -7.75 20.07
CA ASN F 129 70.85 -7.00 19.25
C ASN F 129 71.59 -6.08 20.22
N SER F 130 72.88 -6.36 20.42
CA SER F 130 73.72 -5.59 21.36
C SER F 130 73.54 -4.09 21.32
N GLY F 131 73.40 -3.52 20.14
CA GLY F 131 73.24 -2.09 20.03
C GLY F 131 72.04 -1.43 20.72
N TRP F 132 70.93 -2.14 20.88
CA TRP F 132 69.74 -1.54 21.49
C TRP F 132 68.84 -2.45 22.30
N ASP F 133 69.09 -3.76 22.26
CA ASP F 133 68.24 -4.75 22.95
C ASP F 133 68.59 -5.13 24.38
N PRO F 134 67.57 -5.51 25.19
CA PRO F 134 67.83 -5.92 26.57
C PRO F 134 68.48 -7.30 26.42
N SER F 135 69.02 -7.84 27.51
CA SER F 135 69.72 -9.11 27.49
C SER F 135 69.08 -10.35 26.82
N MET F 136 67.79 -10.58 27.07
CA MET F 136 67.16 -11.79 26.49
C MET F 136 66.02 -11.55 25.53
N LYS F 137 65.25 -12.61 25.26
CA LYS F 137 64.08 -12.54 24.40
C LYS F 137 63.08 -11.67 25.14
N HIS F 138 62.41 -10.77 24.43
CA HIS F 138 61.50 -9.87 25.11
C HIS F 138 60.32 -9.40 24.29
N ILE F 139 59.41 -8.71 24.98
CA ILE F 139 58.25 -8.12 24.37
C ILE F 139 58.54 -6.64 24.58
N GLY F 140 58.36 -5.82 23.55
CA GLY F 140 58.63 -4.41 23.73
C GLY F 140 57.69 -3.51 22.95
N ILE F 141 57.59 -2.28 23.41
CA ILE F 141 56.76 -1.28 22.77
C ILE F 141 57.70 -0.30 22.05
N ASP F 142 57.64 -0.29 20.71
CA ASP F 142 58.49 0.59 19.91
C ASP F 142 57.73 1.81 19.39
N VAL F 143 58.28 2.98 19.63
CA VAL F 143 57.67 4.21 19.17
C VAL F 143 58.61 5.02 18.26
N ASN F 144 58.56 4.76 16.96
CA ASN F 144 59.39 5.47 15.98
C ASN F 144 60.89 5.17 16.12
N SER F 145 61.21 3.96 16.54
CA SER F 145 62.59 3.51 16.72
C SER F 145 62.56 2.05 17.15
N ILE F 146 63.57 1.29 16.74
CA ILE F 146 63.65 -0.14 17.09
C ILE F 146 64.07 -0.38 18.55
N LYS F 147 64.44 0.71 19.23
CA LYS F 147 64.84 0.65 20.63
C LYS F 147 63.58 0.86 21.49
N SER F 148 62.97 -0.23 21.96
CA SER F 148 61.75 -0.17 22.76
C SER F 148 61.81 0.81 23.91
N ILE F 149 60.70 1.49 24.16
CA ILE F 149 60.64 2.45 25.27
C ILE F 149 60.32 1.70 26.55
N ALA F 150 60.04 0.40 26.42
CA ALA F 150 59.72 -0.46 27.56
C ALA F 150 59.73 -1.89 27.08
N THR F 151 60.27 -2.78 27.90
CA THR F 151 60.30 -4.19 27.54
C THR F 151 60.04 -5.04 28.77
N VAL F 152 59.96 -6.34 28.54
CA VAL F 152 59.70 -7.28 29.59
C VAL F 152 60.28 -8.59 29.09
N SER F 153 60.89 -9.34 29.98
CA SER F 153 61.48 -10.62 29.61
C SER F 153 60.40 -11.59 29.16
N TRP F 154 60.73 -12.43 28.20
CA TRP F 154 59.76 -13.36 27.71
C TRP F 154 60.43 -14.71 27.45
N ASP F 155 59.82 -15.76 28.00
CA ASP F 155 60.34 -17.10 27.83
C ASP F 155 59.58 -17.76 26.71
N LEU F 156 60.10 -17.65 25.50
CA LEU F 156 59.46 -18.24 24.33
C LEU F 156 59.37 -19.76 24.36
N ALA F 157 58.16 -20.29 24.22
CA ALA F 157 57.95 -21.73 24.20
C ALA F 157 57.97 -22.15 22.74
N ASN F 158 59.10 -22.70 22.30
CA ASN F 158 59.26 -23.15 20.91
C ASN F 158 58.16 -24.07 20.41
N GLY F 159 57.55 -23.69 19.28
CA GLY F 159 56.52 -24.49 18.65
C GLY F 159 55.15 -24.49 19.30
N GLU F 160 55.00 -23.76 20.40
CA GLU F 160 53.72 -23.70 21.10
C GLU F 160 53.01 -22.38 20.85
N ASN F 161 51.69 -22.45 20.78
CA ASN F 161 50.87 -21.26 20.54
C ASN F 161 51.04 -20.17 21.55
N ALA F 162 51.02 -18.94 21.07
CA ALA F 162 51.13 -17.76 21.91
C ALA F 162 49.87 -16.93 21.66
N GLU F 163 49.11 -16.64 22.71
CA GLU F 163 47.91 -15.87 22.54
C GLU F 163 48.15 -14.46 23.05
N ILE F 164 48.24 -13.53 22.11
CA ILE F 164 48.52 -12.13 22.42
C ILE F 164 47.28 -11.24 22.41
N LEU F 165 47.29 -10.23 23.27
CA LEU F 165 46.21 -9.27 23.37
C LEU F 165 46.82 -7.92 23.58
N ILE F 166 46.54 -7.00 22.67
CA ILE F 166 47.05 -5.63 22.78
C ILE F 166 45.87 -4.63 22.80
N THR F 167 45.94 -3.62 23.63
CA THR F 167 44.86 -2.67 23.71
C THR F 167 45.37 -1.25 23.91
N TYR F 168 44.60 -0.28 23.43
CA TYR F 168 44.97 1.11 23.63
C TYR F 168 43.74 1.81 24.20
N ASN F 169 43.91 2.45 25.34
CA ASN F 169 42.82 3.15 26.00
C ASN F 169 43.07 4.65 25.86
N ALA F 170 42.28 5.33 25.02
CA ALA F 170 42.46 6.75 24.81
C ALA F 170 42.28 7.61 26.08
N ALA F 171 41.45 7.15 27.00
CA ALA F 171 41.20 7.90 28.23
C ALA F 171 42.45 8.02 29.09
N THR F 172 43.23 6.94 29.16
CA THR F 172 44.45 6.91 29.96
C THR F 172 45.70 7.01 29.10
N SER F 173 45.54 6.88 27.79
CA SER F 173 46.67 6.94 26.85
C SER F 173 47.59 5.76 27.07
N LEU F 174 47.07 4.72 27.71
CA LEU F 174 47.86 3.54 28.02
C LEU F 174 47.77 2.43 27.00
N LEU F 175 48.93 1.98 26.54
CA LEU F 175 49.01 0.87 25.59
C LEU F 175 49.41 -0.33 26.43
N VAL F 176 48.64 -1.42 26.34
CA VAL F 176 48.95 -2.60 27.12
C VAL F 176 49.06 -3.82 26.24
N ALA F 177 50.11 -4.62 26.45
CA ALA F 177 50.30 -5.83 25.66
C ALA F 177 50.48 -7.00 26.60
N SER F 178 50.00 -8.16 26.19
CA SER F 178 50.10 -9.35 27.03
C SER F 178 50.24 -10.57 26.16
N LEU F 179 50.88 -11.60 26.71
CA LEU F 179 51.09 -12.85 25.98
C LEU F 179 50.86 -14.00 26.93
N VAL F 180 50.28 -15.08 26.40
CA VAL F 180 50.00 -16.25 27.20
C VAL F 180 50.31 -17.50 26.42
N HIS F 181 51.03 -18.42 27.04
CA HIS F 181 51.35 -19.68 26.41
C HIS F 181 50.50 -20.67 27.20
N PRO F 182 49.28 -20.95 26.71
CA PRO F 182 48.36 -21.88 27.39
C PRO F 182 48.99 -23.22 27.78
N SER F 183 49.82 -23.76 26.90
CA SER F 183 50.49 -25.05 27.13
C SER F 183 51.32 -25.07 28.42
N ARG F 184 52.04 -23.97 28.68
CA ARG F 184 52.87 -23.87 29.88
C ARG F 184 52.24 -23.07 31.00
N ARG F 185 51.04 -22.55 30.77
CA ARG F 185 50.33 -21.75 31.76
C ARG F 185 51.14 -20.53 32.20
N THR F 186 51.95 -20.01 31.29
CA THR F 186 52.77 -18.84 31.60
C THR F 186 52.17 -17.60 30.96
N SER F 187 52.36 -16.45 31.57
CA SER F 187 51.82 -15.22 31.05
C SER F 187 52.69 -14.00 31.34
N TYR F 188 52.69 -13.04 30.41
CA TYR F 188 53.47 -11.83 30.55
C TYR F 188 52.63 -10.62 30.21
N ILE F 189 52.95 -9.49 30.83
CA ILE F 189 52.20 -8.28 30.58
C ILE F 189 53.13 -7.08 30.64
N LEU F 190 52.80 -6.05 29.86
CA LEU F 190 53.63 -4.86 29.77
C LEU F 190 52.71 -3.68 29.48
N SER F 191 53.04 -2.50 29.98
CA SER F 191 52.21 -1.33 29.73
C SER F 191 53.02 -0.05 29.78
N GLU F 192 52.64 0.91 28.95
CA GLU F 192 53.32 2.21 28.91
C GLU F 192 52.44 3.26 28.26
N ARG F 193 52.54 4.49 28.74
CA ARG F 193 51.75 5.59 28.20
C ARG F 193 52.32 6.01 26.84
N VAL F 194 51.45 6.16 25.84
CA VAL F 194 51.85 6.57 24.51
C VAL F 194 50.95 7.68 23.99
N ASP F 195 51.53 8.81 23.61
CA ASP F 195 50.76 9.93 23.07
C ASP F 195 50.66 9.70 21.56
N ILE F 196 49.73 8.82 21.20
CA ILE F 196 49.49 8.40 19.83
C ILE F 196 49.29 9.50 18.76
N THR F 197 48.59 10.57 19.09
CA THR F 197 48.32 11.63 18.12
C THR F 197 49.59 12.34 17.68
N ASN F 198 50.66 12.11 18.41
CA ASN F 198 51.93 12.75 18.09
C ASN F 198 52.90 11.83 17.35
N GLU F 199 52.68 10.52 17.45
CA GLU F 199 53.57 9.55 16.84
C GLU F 199 53.06 8.94 15.55
N LEU F 200 51.78 9.09 15.27
CA LEU F 200 51.22 8.51 14.07
C LEU F 200 50.31 9.44 13.27
N PRO F 201 50.00 9.07 12.01
CA PRO F 201 49.11 9.91 11.19
C PRO F 201 47.65 9.57 11.57
N GLU F 202 46.69 10.36 11.06
CA GLU F 202 45.28 10.12 11.34
C GLU F 202 44.80 8.75 10.89
N TYR F 203 45.29 8.29 9.75
CA TYR F 203 44.92 7.00 9.20
C TYR F 203 46.12 6.09 9.12
N VAL F 204 45.92 4.83 9.45
CA VAL F 204 47.00 3.86 9.41
C VAL F 204 46.50 2.50 8.92
N SER F 205 47.43 1.61 8.62
CA SER F 205 47.10 0.25 8.22
C SER F 205 47.54 -0.56 9.44
N VAL F 206 46.82 -1.61 9.77
CA VAL F 206 47.20 -2.40 10.92
C VAL F 206 47.52 -3.80 10.43
N GLY F 207 48.54 -4.40 11.04
CA GLY F 207 48.93 -5.74 10.63
C GLY F 207 50.22 -6.20 11.27
N PHE F 208 50.89 -7.13 10.61
CA PHE F 208 52.13 -7.70 11.12
C PHE F 208 53.32 -7.53 10.20
N SER F 209 54.50 -7.68 10.80
CA SER F 209 55.78 -7.61 10.11
C SER F 209 56.69 -8.63 10.80
N ALA F 210 57.40 -9.43 10.02
CA ALA F 210 58.30 -10.43 10.60
C ALA F 210 59.53 -10.67 9.72
N THR F 211 60.65 -10.93 10.38
CA THR F 211 61.90 -11.18 9.67
C THR F 211 62.65 -12.35 10.31
N THR F 212 63.51 -13.00 9.51
CA THR F 212 64.32 -14.09 10.03
C THR F 212 65.75 -13.53 10.10
N GLY F 213 66.64 -14.27 10.76
CA GLY F 213 68.02 -13.83 10.87
C GLY F 213 68.75 -13.74 9.54
N LEU F 214 69.83 -12.97 9.53
CA LEU F 214 70.62 -12.78 8.31
C LEU F 214 71.72 -13.83 8.15
N SER F 215 71.79 -14.77 9.09
CA SER F 215 72.79 -15.84 9.04
C SER F 215 72.14 -17.19 8.81
N GLU F 216 72.93 -18.13 8.32
CA GLU F 216 72.45 -19.48 8.02
C GLU F 216 71.71 -20.23 9.13
N GLY F 217 72.08 -19.98 10.38
CA GLY F 217 71.45 -20.70 11.48
C GLY F 217 70.54 -19.91 12.40
N TYR F 218 70.23 -18.68 12.02
CA TYR F 218 69.35 -17.82 12.81
C TYR F 218 68.01 -17.70 12.09
N ILE F 219 67.16 -18.70 12.30
CA ILE F 219 65.87 -18.77 11.62
C ILE F 219 64.72 -19.33 12.49
N GLU F 220 63.50 -18.92 12.15
CA GLU F 220 62.29 -19.37 12.84
C GLU F 220 61.09 -19.11 11.92
N THR F 221 59.96 -19.75 12.22
CA THR F 221 58.75 -19.53 11.43
C THR F 221 57.87 -18.50 12.16
N HIS F 222 57.00 -17.84 11.41
CA HIS F 222 56.09 -16.88 11.99
C HIS F 222 54.71 -17.14 11.40
N ASP F 223 53.89 -17.90 12.11
CA ASP F 223 52.55 -18.22 11.65
C ASP F 223 51.48 -17.58 12.51
N VAL F 224 50.54 -16.90 11.86
CA VAL F 224 49.42 -16.28 12.57
C VAL F 224 48.23 -17.20 12.28
N LEU F 225 47.66 -17.77 13.34
CA LEU F 225 46.55 -18.70 13.22
C LEU F 225 45.15 -18.09 13.33
N SER F 226 45.08 -16.87 13.86
CA SER F 226 43.79 -16.19 14.02
C SER F 226 44.08 -14.75 14.40
N TRP F 227 43.17 -13.84 14.02
CA TRP F 227 43.37 -12.41 14.30
C TRP F 227 42.07 -11.63 14.39
N SER F 228 41.95 -10.77 15.40
CA SER F 228 40.77 -9.94 15.58
C SER F 228 41.23 -8.54 15.84
N PHE F 229 40.41 -7.58 15.43
CA PHE F 229 40.72 -6.18 15.64
C PHE F 229 39.42 -5.42 15.79
N ALA F 230 39.42 -4.40 16.64
CA ALA F 230 38.23 -3.59 16.86
C ALA F 230 38.69 -2.19 17.22
N SER F 231 38.04 -1.21 16.64
CA SER F 231 38.39 0.19 16.87
C SER F 231 37.13 1.06 17.02
N LYS F 232 37.19 2.06 17.89
CA LYS F 232 36.06 2.93 18.10
C LYS F 232 36.50 4.39 18.19
N LEU F 233 36.07 5.20 17.24
CA LEU F 233 36.42 6.61 17.23
C LEU F 233 35.22 7.47 17.64
N PRO F 234 35.30 8.16 18.78
CA PRO F 234 34.19 9.00 19.25
C PRO F 234 33.96 10.25 18.38
N ASP F 235 32.91 10.99 18.69
CA ASP F 235 32.57 12.20 17.95
C ASP F 235 33.19 13.43 18.59
N ALA G 1 27.33 4.91 29.22
CA ALA G 1 26.15 4.15 28.75
C ALA G 1 26.04 2.80 29.45
N ASN G 2 24.82 2.36 29.71
CA ASN G 2 24.61 1.08 30.36
C ASN G 2 24.02 0.15 29.33
N ILE G 3 24.50 -1.08 29.31
CA ILE G 3 24.02 -2.04 28.34
C ILE G 3 23.66 -3.37 28.96
N GLN G 4 22.59 -3.96 28.47
CA GLN G 4 22.17 -5.28 28.93
C GLN G 4 21.71 -5.97 27.68
N SER G 5 22.04 -7.25 27.54
CA SER G 5 21.62 -7.98 26.36
C SER G 5 21.74 -9.46 26.60
N PHE G 6 20.97 -10.25 25.86
CA PHE G 6 21.03 -11.69 25.99
C PHE G 6 20.49 -12.29 24.72
N SER G 7 20.75 -13.57 24.51
CA SER G 7 20.30 -14.26 23.33
C SER G 7 20.24 -15.75 23.63
N PHE G 8 19.04 -16.31 23.56
CA PHE G 8 18.84 -17.71 23.85
C PHE G 8 18.31 -18.50 22.65
N LYS G 9 18.93 -19.64 22.40
CA LYS G 9 18.53 -20.52 21.31
C LYS G 9 17.99 -21.78 21.99
N ASN G 10 18.19 -21.83 23.30
CA ASN G 10 17.77 -22.96 24.11
C ASN G 10 17.30 -22.38 25.44
N PHE G 11 16.17 -22.88 25.95
CA PHE G 11 15.64 -22.34 27.21
C PHE G 11 15.79 -23.22 28.45
N ASN G 12 15.93 -22.55 29.59
CA ASN G 12 16.07 -23.20 30.90
C ASN G 12 15.54 -22.23 31.94
N SER G 13 14.65 -22.73 32.79
CA SER G 13 14.00 -21.95 33.83
C SER G 13 14.77 -20.97 34.71
N PRO G 14 16.01 -21.32 35.12
CA PRO G 14 16.81 -20.43 35.98
C PRO G 14 16.87 -18.95 35.64
N SER G 15 17.07 -18.62 34.37
CA SER G 15 17.19 -17.21 33.99
C SER G 15 15.87 -16.49 33.75
N PHE G 16 14.76 -17.22 33.89
CA PHE G 16 13.44 -16.65 33.65
C PHE G 16 12.49 -16.67 34.82
N ILE G 17 11.57 -15.72 34.81
CA ILE G 17 10.51 -15.62 35.81
C ILE G 17 9.28 -16.17 35.09
N LEU G 18 8.83 -17.36 35.47
CA LEU G 18 7.65 -17.96 34.84
C LEU G 18 6.38 -17.74 35.66
N GLN G 19 5.30 -17.32 35.01
CA GLN G 19 4.00 -17.09 35.67
C GLN G 19 2.92 -17.88 34.94
N GLY G 20 1.85 -18.25 35.66
CA GLY G 20 0.77 -19.00 35.05
C GLY G 20 1.18 -20.37 34.57
N ASP G 21 0.70 -20.76 33.40
CA ASP G 21 1.03 -22.07 32.83
C ASP G 21 2.33 -22.09 32.02
N ALA G 22 3.09 -20.97 32.08
CA ALA G 22 4.35 -20.88 31.35
C ALA G 22 5.31 -21.96 31.84
N THR G 23 5.85 -22.74 30.91
CA THR G 23 6.75 -23.81 31.26
C THR G 23 7.87 -23.95 30.22
N VAL G 24 8.97 -24.57 30.61
CA VAL G 24 10.08 -24.78 29.69
C VAL G 24 10.19 -26.27 29.48
N SER G 25 10.14 -26.70 28.23
CA SER G 25 10.24 -28.13 27.95
C SER G 25 10.93 -28.39 26.61
N SER G 26 11.85 -29.35 26.63
CA SER G 26 12.59 -29.70 25.44
C SER G 26 13.35 -28.50 24.87
N GLY G 27 13.76 -27.60 25.75
CA GLY G 27 14.51 -26.45 25.33
C GLY G 27 13.72 -25.27 24.83
N LYS G 28 12.40 -25.43 24.69
CA LYS G 28 11.61 -24.30 24.22
C LYS G 28 10.69 -23.80 25.31
N LEU G 29 10.24 -22.57 25.13
CA LEU G 29 9.38 -21.90 26.07
C LEU G 29 7.92 -22.02 25.65
N GLN G 30 7.13 -22.79 26.42
CA GLN G 30 5.69 -22.97 26.15
C GLN G 30 4.89 -22.07 27.07
N LEU G 31 4.35 -21.00 26.54
CA LEU G 31 3.58 -20.06 27.34
C LEU G 31 2.22 -20.52 27.85
N THR G 32 1.51 -21.34 27.05
CA THR G 32 0.20 -21.82 27.46
C THR G 32 0.11 -23.32 27.58
N LYS G 33 -0.78 -23.77 28.45
CA LYS G 33 -1.00 -25.19 28.75
C LYS G 33 -1.24 -26.07 27.52
N VAL G 34 -0.75 -27.30 27.60
CA VAL G 34 -0.89 -28.26 26.51
C VAL G 34 -1.01 -29.67 27.09
N LYS G 35 -2.10 -30.37 26.75
CA LYS G 35 -2.30 -31.74 27.24
C LYS G 35 -1.19 -32.63 26.71
N GLU G 36 -0.86 -33.67 27.45
CA GLU G 36 0.22 -34.61 27.07
C GLU G 36 0.15 -35.10 25.62
N ASN G 37 -1.07 -35.27 25.09
CA ASN G 37 -1.25 -35.73 23.72
C ASN G 37 -0.84 -34.66 22.71
N GLY G 38 -0.53 -33.46 23.21
CA GLY G 38 -0.09 -32.38 22.32
C GLY G 38 -1.11 -31.31 21.97
N ILE G 39 -2.38 -31.50 22.33
CA ILE G 39 -3.38 -30.50 21.99
C ILE G 39 -3.55 -29.41 23.05
N PRO G 40 -3.65 -28.14 22.60
CA PRO G 40 -3.81 -26.98 23.48
C PRO G 40 -4.99 -27.09 24.44
N THR G 41 -5.02 -26.18 25.41
CA THR G 41 -6.07 -26.16 26.41
C THR G 41 -6.73 -24.77 26.48
N PRO G 42 -8.05 -24.74 26.75
CA PRO G 42 -8.75 -23.46 26.83
C PRO G 42 -8.56 -22.78 28.17
N SER G 43 -8.80 -21.50 28.21
CA SER G 43 -8.67 -20.73 29.44
C SER G 43 -7.26 -20.74 30.02
N SER G 44 -6.24 -20.84 29.16
CA SER G 44 -4.86 -20.85 29.62
C SER G 44 -4.25 -19.45 29.63
N LEU G 45 -3.29 -19.24 30.51
CA LEU G 45 -2.60 -17.95 30.62
C LEU G 45 -1.18 -18.24 31.10
N GLY G 46 -0.20 -17.69 30.38
CA GLY G 46 1.19 -17.88 30.73
C GLY G 46 2.04 -16.65 30.44
N ARG G 47 2.99 -16.37 31.33
CA ARG G 47 3.90 -15.23 31.13
C ARG G 47 5.33 -15.67 31.49
N ALA G 48 6.31 -15.00 30.90
CA ALA G 48 7.74 -15.29 31.14
C ALA G 48 8.56 -14.04 30.90
N PHE G 49 9.41 -13.70 31.86
CA PHE G 49 10.26 -12.52 31.75
C PHE G 49 11.72 -12.83 32.08
N TYR G 50 12.61 -11.98 31.59
CA TYR G 50 14.03 -12.15 31.89
C TYR G 50 14.13 -11.81 33.37
N SER G 51 14.93 -12.58 34.10
CA SER G 51 15.10 -12.38 35.54
C SER G 51 15.78 -11.09 35.97
N SER G 52 16.33 -10.34 35.03
CA SER G 52 16.96 -9.08 35.40
C SER G 52 16.20 -7.88 34.82
N PRO G 53 15.84 -6.92 35.68
CA PRO G 53 15.11 -5.72 35.25
C PRO G 53 15.92 -4.90 34.26
N ILE G 54 15.23 -4.20 33.37
CA ILE G 54 15.88 -3.35 32.38
C ILE G 54 15.49 -1.89 32.63
N GLN G 55 16.47 -0.98 32.57
CA GLN G 55 16.18 0.42 32.78
C GLN G 55 15.90 1.07 31.43
N ILE G 56 14.65 1.49 31.26
CA ILE G 56 14.17 2.11 30.03
C ILE G 56 14.57 3.58 29.87
N TYR G 57 14.69 4.29 31.00
CA TYR G 57 15.09 5.68 30.97
C TYR G 57 15.59 6.12 32.34
N ASP G 58 16.10 7.34 32.41
CA ASP G 58 16.58 7.88 33.69
C ASP G 58 16.05 9.28 33.89
N LYS G 59 15.20 9.44 34.90
CA LYS G 59 14.59 10.72 35.22
C LYS G 59 15.58 11.84 35.51
N SER G 60 16.63 11.52 36.28
CA SER G 60 17.64 12.51 36.64
C SER G 60 18.46 13.05 35.47
N THR G 61 18.93 12.17 34.59
CA THR G 61 19.73 12.60 33.45
C THR G 61 18.89 12.92 32.22
N GLY G 62 17.66 12.43 32.20
CA GLY G 62 16.78 12.66 31.06
C GLY G 62 17.11 11.79 29.87
N ALA G 63 17.88 10.73 30.10
CA ALA G 63 18.25 9.81 29.03
C ALA G 63 17.18 8.75 28.83
N VAL G 64 16.96 8.38 27.56
CA VAL G 64 15.99 7.36 27.20
C VAL G 64 16.70 6.25 26.42
N ALA G 65 16.47 5.00 26.80
CA ALA G 65 17.12 3.89 26.14
C ALA G 65 16.56 3.53 24.77
N SER G 66 17.41 2.94 23.94
CA SER G 66 17.01 2.46 22.62
C SER G 66 17.17 0.97 22.81
N TRP G 67 16.29 0.17 22.23
CA TRP G 67 16.43 -1.26 22.42
C TRP G 67 15.84 -2.00 21.25
N ALA G 68 16.03 -3.31 21.26
CA ALA G 68 15.54 -4.15 20.20
C ALA G 68 15.42 -5.56 20.75
N THR G 69 14.50 -6.33 20.17
CA THR G 69 14.30 -7.70 20.58
C THR G 69 13.87 -8.47 19.34
N SER G 70 14.16 -9.76 19.31
CA SER G 70 13.76 -10.56 18.18
C SER G 70 13.51 -11.98 18.70
N PHE G 71 12.52 -12.65 18.15
CA PHE G 71 12.21 -13.99 18.60
C PHE G 71 11.47 -14.76 17.54
N THR G 72 11.41 -16.07 17.71
CA THR G 72 10.73 -16.94 16.78
C THR G 72 9.63 -17.69 17.52
N VAL G 73 8.39 -17.52 17.07
CA VAL G 73 7.25 -18.18 17.67
C VAL G 73 6.61 -19.15 16.69
N LYS G 74 5.88 -20.11 17.23
CA LYS G 74 5.20 -21.09 16.42
C LYS G 74 3.83 -21.22 17.05
N ILE G 75 2.80 -20.83 16.30
CA ILE G 75 1.42 -20.91 16.78
C ILE G 75 0.69 -21.98 15.99
N SER G 76 0.06 -22.92 16.71
CA SER G 76 -0.66 -24.02 16.06
C SER G 76 -2.03 -24.26 16.67
N ALA G 77 -3.00 -24.54 15.81
CA ALA G 77 -4.35 -24.84 16.23
C ALA G 77 -4.72 -26.16 15.59
N PRO G 78 -5.44 -27.01 16.35
CA PRO G 78 -5.87 -28.33 15.87
C PRO G 78 -7.23 -28.24 15.17
N ALA G 81 -10.02 -26.93 15.45
CA ALA G 81 -10.29 -25.82 16.35
C ALA G 81 -9.96 -24.46 15.73
N SER G 82 -10.49 -23.39 16.34
CA SER G 82 -10.32 -22.02 15.88
C SER G 82 -9.28 -21.26 16.72
N PHE G 83 -8.56 -20.34 16.09
CA PHE G 83 -7.53 -19.55 16.77
C PHE G 83 -8.00 -18.59 17.86
N ALA G 84 -7.25 -18.59 18.96
CA ALA G 84 -7.50 -17.73 20.12
C ALA G 84 -6.42 -18.06 21.16
N ASP G 85 -5.92 -17.06 21.89
CA ASP G 85 -6.33 -15.66 21.78
C ASP G 85 -5.19 -14.79 21.23
N GLY G 86 -3.96 -15.28 21.39
CA GLY G 86 -2.80 -14.53 20.92
C GLY G 86 -1.63 -14.47 21.89
N ILE G 87 -0.54 -13.86 21.43
CA ILE G 87 0.68 -13.71 22.23
C ILE G 87 1.20 -12.28 22.13
N ALA G 88 1.74 -11.77 23.22
CA ALA G 88 2.26 -10.41 23.22
C ALA G 88 3.67 -10.30 23.79
N PHE G 89 4.45 -9.36 23.26
CA PHE G 89 5.77 -9.10 23.81
C PHE G 89 5.46 -7.89 24.69
N ALA G 90 5.80 -7.95 25.98
CA ALA G 90 5.47 -6.85 26.85
C ALA G 90 6.55 -6.29 27.74
N LEU G 91 6.35 -5.03 28.11
CA LEU G 91 7.23 -4.32 29.02
C LEU G 91 6.34 -3.94 30.20
N VAL G 92 6.45 -4.69 31.28
CA VAL G 92 5.63 -4.50 32.48
C VAL G 92 6.40 -4.02 33.70
N PRO G 93 5.68 -3.50 34.72
CA PRO G 93 6.35 -3.03 35.95
C PRO G 93 7.02 -4.23 36.60
N VAL G 94 8.17 -4.03 37.24
CA VAL G 94 8.91 -5.14 37.83
C VAL G 94 8.15 -6.15 38.71
N GLY G 95 7.38 -5.69 39.68
CA GLY G 95 6.66 -6.66 40.50
C GLY G 95 5.51 -7.38 39.80
N SER G 96 4.93 -6.70 38.81
CA SER G 96 3.78 -7.15 37.99
C SER G 96 3.27 -8.59 38.04
N GLU G 97 1.98 -8.72 38.33
CA GLU G 97 1.27 -10.00 38.39
C GLU G 97 0.38 -10.07 37.15
N PRO G 98 0.03 -11.30 36.69
CA PRO G 98 -0.83 -11.40 35.49
C PRO G 98 -2.13 -10.59 35.60
N ARG G 99 -2.70 -10.21 34.46
CA ARG G 99 -3.95 -9.47 34.45
C ARG G 99 -5.06 -10.35 33.83
N ARG G 100 -6.10 -9.74 33.25
CA ARG G 100 -7.20 -10.53 32.68
C ARG G 100 -6.79 -11.47 31.56
N ASN G 101 -7.42 -12.64 31.51
CA ASN G 101 -7.10 -13.62 30.46
C ASN G 101 -7.93 -13.43 29.18
N GLY G 102 -8.00 -14.48 28.38
CA GLY G 102 -8.74 -14.41 27.13
C GLY G 102 -8.22 -13.32 26.19
N GLY G 103 -9.13 -12.49 25.69
CA GLY G 103 -8.74 -11.44 24.77
C GLY G 103 -7.94 -10.32 25.38
N TYR G 104 -7.67 -10.39 26.68
CA TYR G 104 -6.87 -9.35 27.34
C TYR G 104 -5.40 -9.76 27.36
N LEU G 105 -5.15 -10.99 26.87
CA LEU G 105 -3.81 -11.55 26.74
C LEU G 105 -2.94 -11.59 27.98
N GLY G 106 -3.56 -11.42 29.15
CA GLY G 106 -2.84 -11.44 30.41
C GLY G 106 -2.08 -10.17 30.76
N VAL G 107 -2.18 -9.13 29.92
CA VAL G 107 -1.45 -7.91 30.21
C VAL G 107 -2.31 -6.69 30.47
N PHE G 108 -3.60 -6.76 30.17
CA PHE G 108 -4.46 -5.62 30.41
C PHE G 108 -5.78 -5.98 31.10
N ASP G 109 -6.50 -4.95 31.56
CA ASP G 109 -7.76 -5.11 32.27
C ASP G 109 -8.96 -4.51 31.53
N SER G 110 -8.69 -3.59 30.61
CA SER G 110 -9.77 -2.95 29.88
C SER G 110 -9.28 -2.34 28.58
N ASP G 111 -10.23 -1.89 27.75
CA ASP G 111 -9.91 -1.28 26.47
C ASP G 111 -9.96 0.25 26.58
N VAL G 112 -10.01 0.73 27.82
CA VAL G 112 -10.04 2.16 28.09
C VAL G 112 -8.64 2.53 28.59
N TYR G 113 -8.06 3.56 28.01
CA TYR G 113 -6.73 4.00 28.41
C TYR G 113 -6.66 4.26 29.90
N ASN G 114 -5.64 3.67 30.53
CA ASN G 114 -5.40 3.82 31.95
C ASN G 114 -3.89 3.91 32.17
N ASN G 115 -3.39 5.14 32.22
CA ASN G 115 -1.98 5.37 32.40
C ASN G 115 -1.38 4.57 33.56
N SER G 116 -2.15 4.37 34.62
CA SER G 116 -1.66 3.64 35.79
C SER G 116 -1.39 2.16 35.55
N ALA G 117 -1.71 1.65 34.36
CA ALA G 117 -1.45 0.24 34.07
C ALA G 117 0.06 0.07 33.81
N GLN G 118 0.70 1.18 33.44
CA GLN G 118 2.12 1.23 33.14
C GLN G 118 2.62 0.01 32.34
N THR G 119 1.91 -0.31 31.27
CA THR G 119 2.27 -1.44 30.44
C THR G 119 2.18 -1.10 28.95
N VAL G 120 3.18 -1.54 28.19
CA VAL G 120 3.22 -1.34 26.75
C VAL G 120 3.47 -2.72 26.16
N ALA G 121 2.76 -3.06 25.08
CA ALA G 121 2.92 -4.37 24.47
C ALA G 121 2.74 -4.33 22.97
N VAL G 122 3.29 -5.33 22.30
CA VAL G 122 3.14 -5.46 20.87
C VAL G 122 2.47 -6.82 20.79
N GLU G 123 1.24 -6.84 20.26
CA GLU G 123 0.49 -8.07 20.18
C GLU G 123 0.37 -8.69 18.82
N PHE G 124 0.14 -9.99 18.85
CA PHE G 124 -0.06 -10.83 17.67
C PHE G 124 -1.39 -11.51 18.01
N ASP G 125 -2.44 -10.73 17.77
CA ASP G 125 -3.84 -11.04 18.04
C ASP G 125 -4.46 -12.01 17.03
N THR G 126 -4.81 -13.21 17.49
CA THR G 126 -5.40 -14.20 16.60
C THR G 126 -6.93 -14.28 16.64
N LEU G 127 -7.55 -13.44 17.46
CA LEU G 127 -9.00 -13.46 17.54
C LEU G 127 -9.55 -12.06 17.70
N SER G 128 -10.44 -11.70 16.78
CA SER G 128 -11.05 -10.38 16.78
C SER G 128 -12.14 -10.26 17.83
N ASN G 129 -11.96 -9.33 18.77
CA ASN G 129 -12.93 -9.08 19.82
C ASN G 129 -13.74 -7.85 19.38
N SER G 130 -15.00 -8.05 19.05
CA SER G 130 -15.89 -6.99 18.57
C SER G 130 -15.78 -5.66 19.31
N GLY G 131 -15.63 -5.71 20.62
CA GLY G 131 -15.54 -4.47 21.37
C GLY G 131 -14.39 -3.52 21.06
N TRP G 132 -13.25 -4.04 20.60
CA TRP G 132 -12.09 -3.15 20.35
C TRP G 132 -11.15 -3.55 19.21
N ASP G 133 -11.35 -4.74 18.65
CA ASP G 133 -10.49 -5.26 17.59
C ASP G 133 -10.85 -4.96 16.14
N PRO G 134 -9.83 -4.88 15.26
CA PRO G 134 -10.09 -4.64 13.83
C PRO G 134 -10.69 -5.94 13.33
N SER G 135 -11.22 -5.95 12.10
CA SER G 135 -11.87 -7.13 11.55
C SER G 135 -11.15 -8.49 11.57
N MET G 136 -9.86 -8.53 11.25
CA MET G 136 -9.17 -9.83 11.21
C MET G 136 -8.00 -9.99 12.18
N LYS G 137 -7.20 -11.03 11.93
CA LYS G 137 -6.02 -11.32 12.75
C LYS G 137 -5.07 -10.16 12.48
N HIS G 138 -4.43 -9.65 13.53
CA HIS G 138 -3.56 -8.51 13.33
C HIS G 138 -2.39 -8.42 14.29
N ILE G 139 -1.52 -7.44 14.00
CA ILE G 139 -0.37 -7.14 14.82
C ILE G 139 -0.73 -5.75 15.30
N GLY G 140 -0.56 -5.48 16.60
CA GLY G 140 -0.90 -4.17 17.09
C GLY G 140 -0.02 -3.67 18.21
N ILE G 141 0.03 -2.36 18.37
CA ILE G 141 0.83 -1.73 19.40
C ILE G 141 -0.14 -1.25 20.48
N ASP G 142 -0.06 -1.83 21.67
CA ASP G 142 -0.93 -1.47 22.79
C ASP G 142 -0.24 -0.60 23.80
N VAL G 143 -0.85 0.53 24.14
CA VAL G 143 -0.26 1.43 25.11
C VAL G 143 -1.21 1.69 26.28
N ASN G 144 -1.12 0.87 27.32
CA ASN G 144 -1.98 1.03 28.50
C ASN G 144 -3.47 0.76 28.23
N SER G 145 -3.73 -0.15 27.29
CA SER G 145 -5.09 -0.52 26.93
C SER G 145 -5.01 -1.63 25.88
N ILE G 146 -5.98 -2.54 25.88
CA ILE G 146 -5.99 -3.65 24.94
C ILE G 146 -6.43 -3.21 23.52
N LYS G 147 -6.86 -1.95 23.41
CA LYS G 147 -7.27 -1.39 22.13
C LYS G 147 -6.04 -0.74 21.50
N SER G 148 -5.40 -1.47 20.57
CA SER G 148 -4.19 -1.00 19.88
C SER G 148 -4.31 0.41 19.31
N ILE G 149 -3.24 1.18 19.41
CA ILE G 149 -3.24 2.53 18.86
C ILE G 149 -2.90 2.47 17.37
N ALA G 150 -2.57 1.28 16.89
CA ALA G 150 -2.26 1.06 15.49
C ALA G 150 -2.18 -0.42 15.26
N THR G 151 -2.68 -0.87 14.13
CA THR G 151 -2.66 -2.30 13.80
C THR G 151 -2.38 -2.48 12.32
N VAL G 152 -2.24 -3.74 11.92
CA VAL G 152 -1.96 -4.06 10.56
C VAL G 152 -2.46 -5.49 10.41
N SER G 153 -3.05 -5.79 9.25
CA SER G 153 -3.58 -7.12 9.01
C SER G 153 -2.45 -8.11 8.99
N TRP G 154 -2.73 -9.33 9.43
CA TRP G 154 -1.71 -10.34 9.44
C TRP G 154 -2.30 -11.68 9.06
N ASP G 155 -1.67 -12.32 8.08
CA ASP G 155 -2.13 -13.61 7.61
C ASP G 155 -1.35 -14.71 8.32
N LEU G 156 -1.85 -15.16 9.45
CA LEU G 156 -1.16 -16.20 10.22
C LEU G 156 -1.01 -17.53 9.49
N ALA G 157 0.23 -18.00 9.36
CA ALA G 157 0.50 -19.29 8.73
C ALA G 157 0.52 -20.34 9.83
N ASN G 158 -0.58 -21.09 9.97
CA ASN G 158 -0.70 -22.13 11.00
C ASN G 158 0.45 -23.13 11.03
N GLY G 159 1.04 -23.27 12.21
CA GLY G 159 2.13 -24.23 12.40
C GLY G 159 3.48 -23.86 11.83
N GLU G 160 3.58 -22.69 11.20
CA GLU G 160 4.85 -22.26 10.61
C GLU G 160 5.50 -21.17 11.45
N ASN G 161 6.83 -21.20 11.48
CA ASN G 161 7.60 -20.24 12.25
C ASN G 161 7.37 -18.81 11.84
N ALA G 162 7.34 -17.94 12.84
CA ALA G 162 7.17 -16.51 12.63
C ALA G 162 8.41 -15.84 13.25
N GLU G 163 9.14 -15.08 12.45
CA GLU G 163 10.32 -14.39 12.95
C GLU G 163 9.99 -12.93 13.14
N ILE G 164 9.87 -12.53 14.40
CA ILE G 164 9.52 -11.17 14.76
C ILE G 164 10.74 -10.31 15.19
N LEU G 165 10.65 -9.02 14.88
CA LEU G 165 11.71 -8.07 15.25
C LEU G 165 11.04 -6.78 15.69
N ILE G 166 11.30 -6.37 16.92
CA ILE G 166 10.71 -5.14 17.45
C ILE G 166 11.84 -4.22 17.88
N THR G 167 11.72 -2.93 17.59
CA THR G 167 12.76 -2.00 17.98
C THR G 167 12.19 -0.68 18.45
N TYR G 168 12.93 0.01 19.30
CA TYR G 168 12.51 1.31 19.78
C TYR G 168 13.70 2.24 19.62
N ASN G 169 13.50 3.33 18.89
CA ASN G 169 14.55 4.31 18.64
C ASN G 169 14.22 5.56 19.44
N ALA G 170 14.99 5.81 20.50
CA ALA G 170 14.75 6.97 21.34
C ALA G 170 14.89 8.31 20.62
N ALA G 171 15.71 8.36 19.58
CA ALA G 171 15.90 9.61 18.84
C ALA G 171 14.63 10.06 18.12
N THR G 172 13.91 9.09 17.53
CA THR G 172 12.68 9.39 16.82
C THR G 172 11.43 9.01 17.63
N SER G 173 11.62 8.32 18.74
CA SER G 173 10.50 7.89 19.59
C SER G 173 9.64 6.89 18.85
N LEU G 174 10.19 6.29 17.81
CA LEU G 174 9.45 5.36 17.00
C LEU G 174 9.60 3.90 17.40
N LEU G 175 8.47 3.23 17.58
CA LEU G 175 8.46 1.81 17.91
C LEU G 175 8.10 1.11 16.61
N VAL G 176 8.90 0.15 16.18
CA VAL G 176 8.62 -0.55 14.95
C VAL G 176 8.59 -2.06 15.18
N ALA G 177 7.58 -2.72 14.62
CA ALA G 177 7.46 -4.15 14.77
C ALA G 177 7.29 -4.77 13.40
N SER G 178 7.83 -5.96 13.21
CA SER G 178 7.72 -6.62 11.92
C SER G 178 7.68 -8.13 12.11
N LEU G 179 7.06 -8.83 11.17
CA LEU G 179 6.95 -10.26 11.26
C LEU G 179 7.23 -10.85 9.89
N VAL G 180 7.82 -12.03 9.88
CA VAL G 180 8.15 -12.68 8.62
C VAL G 180 7.90 -14.18 8.74
N HIS G 181 7.21 -14.74 7.76
CA HIS G 181 6.96 -16.17 7.74
C HIS G 181 7.85 -16.63 6.59
N PRO G 182 9.09 -17.04 6.90
CA PRO G 182 10.03 -17.51 5.87
C PRO G 182 9.45 -18.57 4.92
N SER G 183 8.65 -19.49 5.46
CA SER G 183 8.05 -20.55 4.66
C SER G 183 7.20 -20.00 3.49
N ARG G 184 6.43 -18.95 3.76
CA ARG G 184 5.57 -18.35 2.74
C ARG G 184 6.15 -17.10 2.10
N ARG G 185 7.33 -16.68 2.56
CA ARG G 185 7.99 -15.48 2.04
C ARG G 185 7.11 -14.25 2.21
N THR G 186 6.29 -14.23 3.25
CA THR G 186 5.41 -13.09 3.50
C THR G 186 5.98 -12.27 4.65
N SER G 187 5.73 -10.96 4.62
CA SER G 187 6.24 -10.09 5.67
C SER G 187 5.30 -8.92 5.96
N TYR G 188 5.29 -8.48 7.22
CA TYR G 188 4.44 -7.39 7.66
C TYR G 188 5.24 -6.43 8.52
N ILE G 189 4.87 -5.16 8.49
CA ILE G 189 5.57 -4.16 9.27
C ILE G 189 4.59 -3.11 9.76
N LEU G 190 4.87 -2.53 10.91
CA LEU G 190 4.00 -1.55 11.54
C LEU G 190 4.86 -0.60 12.36
N SER G 191 4.47 0.65 12.45
CA SER G 191 5.25 1.60 13.21
C SER G 191 4.42 2.75 13.74
N GLU G 192 4.77 3.23 14.93
CA GLU G 192 4.03 4.33 15.54
C GLU G 192 4.88 5.00 16.62
N ARG G 193 4.72 6.30 16.76
CA ARG G 193 5.47 7.06 17.75
C ARG G 193 4.90 6.79 19.15
N VAL G 194 5.80 6.50 20.11
CA VAL G 194 5.38 6.24 21.48
C VAL G 194 6.25 7.02 22.46
N ASP G 195 5.61 7.82 23.31
CA ASP G 195 6.34 8.61 24.31
C ASP G 195 6.48 7.72 25.54
N ILE G 196 7.45 6.82 25.46
CA ILE G 196 7.73 5.84 26.49
C ILE G 196 7.91 6.32 27.94
N THR G 197 8.57 7.46 28.14
CA THR G 197 8.80 7.96 29.50
C THR G 197 7.51 8.33 30.21
N ASN G 198 6.42 8.41 29.45
CA ASN G 198 5.15 8.78 30.01
C ASN G 198 4.22 7.58 30.23
N GLU G 199 4.50 6.48 29.54
CA GLU G 199 3.66 5.29 29.64
C GLU G 199 4.19 4.18 30.51
N LEU G 200 5.48 4.25 30.85
CA LEU G 200 6.10 3.20 31.65
C LEU G 200 6.98 3.71 32.78
N PRO G 201 7.33 2.82 33.74
CA PRO G 201 8.18 3.23 34.86
C PRO G 201 9.66 3.16 34.38
N GLU G 202 10.58 3.68 35.18
CA GLU G 202 12.01 3.66 34.82
C GLU G 202 12.55 2.25 34.60
N TYR G 203 12.09 1.30 35.41
CA TYR G 203 12.54 -0.08 35.32
C TYR G 203 11.37 -0.99 34.96
N VAL G 204 11.62 -1.94 34.08
CA VAL G 204 10.57 -2.86 33.66
C VAL G 204 11.14 -4.27 33.47
N SER G 205 10.26 -5.24 33.34
CA SER G 205 10.66 -6.62 33.07
C SER G 205 10.24 -6.79 31.62
N VAL G 206 11.00 -7.53 30.84
CA VAL G 206 10.64 -7.74 29.45
C VAL G 206 10.38 -9.21 29.23
N GLY G 207 9.38 -9.53 28.41
CA GLY G 207 9.05 -10.91 28.17
C GLY G 207 7.77 -11.09 27.39
N PHE G 208 7.15 -12.24 27.55
CA PHE G 208 5.93 -12.57 26.83
C PHE G 208 4.73 -12.90 27.72
N SER G 209 3.55 -12.81 27.11
CA SER G 209 2.27 -13.12 27.74
C SER G 209 1.39 -13.75 26.66
N ALA G 210 0.72 -14.85 26.99
CA ALA G 210 -0.12 -15.50 26.00
C ALA G 210 -1.32 -16.19 26.66
N THR G 211 -2.45 -16.18 25.96
CA THR G 211 -3.67 -16.78 26.47
C THR G 211 -4.36 -17.57 25.37
N THR G 212 -5.19 -18.53 25.76
CA THR G 212 -5.97 -19.29 24.80
C THR G 212 -7.41 -18.83 24.99
N GLY G 213 -8.29 -19.24 24.07
CA GLY G 213 -9.69 -18.85 24.14
C GLY G 213 -10.39 -19.41 25.36
N LEU G 214 -11.50 -18.78 25.74
CA LEU G 214 -12.28 -19.21 26.89
C LEU G 214 -13.33 -20.27 26.54
N SER G 215 -13.38 -20.68 25.28
CA SER G 215 -14.33 -21.69 24.84
C SER G 215 -13.62 -22.96 24.42
N GLU G 216 -14.36 -24.06 24.41
CA GLU G 216 -13.82 -25.37 24.07
C GLU G 216 -13.08 -25.49 22.74
N GLY G 217 -13.47 -24.71 21.74
CA GLY G 217 -12.83 -24.83 20.44
C GLY G 217 -11.97 -23.67 19.98
N TYR G 218 -11.71 -22.72 20.89
CA TYR G 218 -10.88 -21.57 20.58
C TYR G 218 -9.54 -21.74 21.31
N ILE G 219 -8.64 -22.48 20.67
CA ILE G 219 -7.33 -22.80 21.22
C ILE G 219 -6.18 -22.84 20.20
N GLU G 220 -4.97 -22.58 20.70
CA GLU G 220 -3.75 -22.62 19.89
C GLU G 220 -2.55 -22.74 20.83
N THR G 221 -1.40 -23.11 20.28
CA THR G 221 -0.18 -23.22 21.08
C THR G 221 0.63 -21.95 20.91
N HIS G 222 1.49 -21.67 21.87
CA HIS G 222 2.36 -20.50 21.83
C HIS G 222 3.75 -20.93 22.24
N ASP G 223 4.58 -21.25 21.25
CA ASP G 223 5.95 -21.69 21.53
C ASP G 223 6.98 -20.68 21.06
N VAL G 224 7.90 -20.31 21.95
CA VAL G 224 8.97 -19.39 21.61
C VAL G 224 10.20 -20.28 21.45
N LEU G 225 10.78 -20.28 20.25
CA LEU G 225 11.93 -21.11 19.95
C LEU G 225 13.29 -20.46 20.13
N SER G 226 13.31 -19.13 20.24
CA SER G 226 14.56 -18.40 20.41
C SER G 226 14.21 -16.96 20.73
N TRP G 227 15.09 -16.28 21.47
CA TRP G 227 14.82 -14.90 21.87
C TRP G 227 16.10 -14.10 22.16
N SER G 228 16.14 -12.87 21.67
CA SER G 228 17.30 -12.00 21.89
C SER G 228 16.78 -10.64 22.31
N PHE G 229 17.58 -9.94 23.10
CA PHE G 229 17.18 -8.63 23.55
C PHE G 229 18.44 -7.83 23.77
N ALA G 230 18.38 -6.53 23.49
CA ALA G 230 19.53 -5.67 23.68
C ALA G 230 19.02 -4.28 23.99
N SER G 231 19.64 -3.62 24.96
CA SER G 231 19.22 -2.31 25.40
C SER G 231 20.43 -1.42 25.67
N LYS G 232 20.31 -0.13 25.36
CA LYS G 232 21.41 0.79 25.59
C LYS G 232 20.91 2.10 26.17
N LEU G 233 21.33 2.42 27.38
CA LEU G 233 20.92 3.65 28.04
C LEU G 233 22.07 4.64 28.09
N PRO G 234 21.94 5.77 27.38
CA PRO G 234 23.00 6.79 27.37
C PRO G 234 23.20 7.50 28.70
N ASP G 235 24.22 8.35 28.77
CA ASP G 235 24.52 9.09 29.99
C ASP G 235 23.85 10.46 30.03
N ASP G 236 23.61 11.02 28.86
CA ASP G 236 22.94 12.32 28.84
C ASP G 236 21.64 12.25 28.03
N SER G 237 21.02 13.42 27.86
CA SER G 237 19.78 13.54 27.10
C SER G 237 19.96 13.01 25.68
N THR G 238 21.07 13.38 25.04
CA THR G 238 21.39 12.97 23.67
C THR G 238 21.20 11.46 23.45
N ALA G 239 20.27 11.12 22.57
CA ALA G 239 19.96 9.72 22.26
C ALA G 239 20.78 9.18 21.10
N GLU G 240 20.98 7.87 21.10
CA GLU G 240 21.75 7.18 20.05
C GLU G 240 21.13 5.83 19.68
N PRO G 241 20.47 5.75 18.52
CA PRO G 241 19.87 4.48 18.10
C PRO G 241 20.89 3.35 18.16
N LEU G 242 20.41 2.11 18.13
CA LEU G 242 21.32 0.98 18.18
C LEU G 242 21.81 0.59 16.79
N ASP G 243 22.83 -0.28 16.77
CA ASP G 243 23.38 -0.78 15.52
C ASP G 243 22.72 -2.14 15.30
N LEU G 244 21.67 -2.12 14.50
CA LEU G 244 20.91 -3.31 14.17
C LEU G 244 21.66 -4.23 13.20
N ALA G 245 22.37 -3.64 12.25
CA ALA G 245 23.14 -4.43 11.30
C ALA G 245 23.96 -5.38 12.20
N SER G 246 24.69 -4.79 13.15
CA SER G 246 25.54 -5.53 14.08
C SER G 246 24.74 -6.40 15.06
N TYR G 247 23.60 -5.89 15.51
CA TYR G 247 22.76 -6.61 16.45
C TYR G 247 22.20 -7.96 15.95
N LEU G 248 21.62 -7.98 14.75
CA LEU G 248 21.04 -9.21 14.20
C LEU G 248 22.08 -10.29 13.86
N VAL G 249 23.13 -9.89 13.17
CA VAL G 249 24.19 -10.82 12.78
C VAL G 249 24.87 -11.41 14.03
N ARG G 250 25.06 -10.59 15.06
CA ARG G 250 25.68 -11.05 16.31
C ARG G 250 24.67 -11.71 17.25
N ASN G 251 23.37 -11.52 16.98
CA ASN G 251 22.32 -12.07 17.85
C ASN G 251 21.28 -12.95 17.14
N VAL G 252 20.78 -12.48 16.00
CA VAL G 252 19.75 -13.21 15.28
C VAL G 252 20.18 -14.12 14.13
N LEU G 253 21.02 -13.63 13.24
CA LEU G 253 21.44 -14.42 12.08
C LEU G 253 22.43 -15.54 12.34
N ALA H 1 23.84 -21.37 20.58
CA ALA H 1 24.62 -20.76 21.68
C ALA H 1 23.78 -19.76 22.48
N ASN H 2 24.00 -19.72 23.79
CA ASN H 2 23.28 -18.80 24.63
C ASN H 2 24.24 -17.73 25.08
N ILE H 3 23.78 -16.49 25.08
CA ILE H 3 24.64 -15.39 25.45
C ILE H 3 23.98 -14.45 26.42
N GLN H 4 24.76 -13.95 27.37
CA GLN H 4 24.28 -12.99 28.33
C GLN H 4 25.45 -12.04 28.52
N SER H 5 25.16 -10.76 28.61
CA SER H 5 26.22 -9.80 28.78
C SER H 5 25.64 -8.49 29.27
N PHE H 6 26.47 -7.68 29.93
CA PHE H 6 26.03 -6.38 30.41
C PHE H 6 27.25 -5.53 30.61
N SER H 7 27.06 -4.23 30.72
CA SER H 7 28.15 -3.31 30.91
C SER H 7 27.61 -2.07 31.57
N PHE H 8 28.09 -1.78 32.78
CA PHE H 8 27.64 -0.63 33.52
C PHE H 8 28.74 0.39 33.80
N LYS H 9 28.45 1.65 33.56
CA LYS H 9 29.39 2.73 33.81
C LYS H 9 28.78 3.55 34.93
N ASN H 10 27.55 3.20 35.26
CA ASN H 10 26.80 3.89 36.29
C ASN H 10 25.98 2.83 37.01
N PHE H 11 25.93 2.87 38.35
CA PHE H 11 25.20 1.86 39.08
C PHE H 11 23.87 2.28 39.71
N ASN H 12 22.95 1.32 39.78
CA ASN H 12 21.61 1.51 40.35
C ASN H 12 21.14 0.16 40.88
N SER H 13 20.70 0.16 42.13
CA SER H 13 20.25 -1.04 42.83
C SER H 13 19.34 -2.06 42.14
N PRO H 14 18.35 -1.62 41.33
CA PRO H 14 17.44 -2.54 40.66
C PRO H 14 18.00 -3.78 39.98
N SER H 15 19.09 -3.64 39.23
CA SER H 15 19.64 -4.78 38.51
C SER H 15 20.61 -5.64 39.34
N PHE H 16 20.84 -5.26 40.60
CA PHE H 16 21.75 -5.99 41.46
C PHE H 16 21.16 -6.55 42.73
N ILE H 17 21.79 -7.61 43.20
CA ILE H 17 21.41 -8.25 44.45
C ILE H 17 22.47 -7.78 45.45
N LEU H 18 22.09 -6.92 46.37
CA LEU H 18 23.04 -6.42 47.35
C LEU H 18 22.93 -7.17 48.70
N GLN H 19 24.09 -7.56 49.25
CA GLN H 19 24.14 -8.26 50.54
C GLN H 19 25.09 -7.53 51.48
N GLY H 20 24.85 -7.65 52.78
CA GLY H 20 25.71 -7.00 53.75
C GLY H 20 25.67 -5.49 53.67
N ASP H 21 26.84 -4.86 53.78
CA ASP H 21 26.92 -3.40 53.74
C ASP H 21 27.03 -2.85 52.32
N ALA H 22 26.87 -3.72 51.32
CA ALA H 22 26.95 -3.30 49.92
C ALA H 22 25.87 -2.26 49.63
N THR H 23 26.28 -1.12 49.08
CA THR H 23 25.35 -0.06 48.78
C THR H 23 25.72 0.64 47.47
N VAL H 24 24.77 1.33 46.86
CA VAL H 24 25.03 2.07 45.63
C VAL H 24 24.85 3.54 45.96
N SER H 25 25.87 4.34 45.69
CA SER H 25 25.78 5.77 45.98
C SER H 25 26.56 6.60 44.98
N SER H 26 25.95 7.67 44.51
CA SER H 26 26.59 8.55 43.54
C SER H 26 26.98 7.79 42.28
N GLY H 27 26.21 6.75 41.95
CA GLY H 27 26.49 6.00 40.75
C GLY H 27 27.54 4.91 40.86
N LYS H 28 28.22 4.82 42.01
CA LYS H 28 29.21 3.77 42.14
C LYS H 28 28.78 2.74 43.17
N LEU H 29 29.39 1.57 43.08
CA LEU H 29 29.08 0.46 43.95
C LEU H 29 30.08 0.40 45.11
N GLN H 30 29.60 0.68 46.33
CA GLN H 30 30.44 0.63 47.54
C GLN H 30 30.18 -0.66 48.27
N LEU H 31 31.11 -1.61 48.18
CA LEU H 31 30.95 -2.89 48.83
C LEU H 31 31.04 -2.92 50.36
N THR H 32 31.86 -2.06 50.94
CA THR H 32 32.00 -2.03 52.39
C THR H 32 31.61 -0.70 53.03
N LYS H 33 31.16 -0.78 54.27
CA LYS H 33 30.71 0.38 55.04
C LYS H 33 31.71 1.54 55.11
N VAL H 34 31.18 2.75 55.12
CA VAL H 34 32.00 3.96 55.16
C VAL H 34 31.25 5.04 55.95
N LYS H 35 31.88 5.56 56.99
CA LYS H 35 31.28 6.61 57.80
C LYS H 35 31.05 7.85 56.93
N GLU H 36 30.04 8.65 57.28
CA GLU H 36 29.70 9.85 56.53
C GLU H 36 30.90 10.76 56.22
N ASN H 37 31.86 10.83 57.14
CA ASN H 37 33.03 11.67 56.94
C ASN H 37 33.96 11.10 55.86
N GLY H 38 33.64 9.91 55.36
CA GLY H 38 34.42 9.30 54.32
C GLY H 38 35.40 8.20 54.70
N ILE H 39 35.62 7.99 55.99
CA ILE H 39 36.58 6.96 56.40
C ILE H 39 35.95 5.58 56.57
N PRO H 40 36.64 4.53 56.08
CA PRO H 40 36.19 3.14 56.14
C PRO H 40 35.87 2.67 57.55
N THR H 41 35.23 1.51 57.64
CA THR H 41 34.83 0.94 58.92
C THR H 41 35.36 -0.49 59.04
N PRO H 42 35.71 -0.90 60.27
CA PRO H 42 36.23 -2.24 60.48
C PRO H 42 35.10 -3.27 60.59
N SER H 43 35.44 -4.54 60.37
CA SER H 43 34.47 -5.62 60.46
C SER H 43 33.33 -5.49 59.46
N SER H 44 33.60 -4.91 58.30
CA SER H 44 32.58 -4.74 57.27
C SER H 44 32.59 -5.91 56.29
N LEU H 45 31.44 -6.17 55.69
CA LEU H 45 31.31 -7.24 54.70
C LEU H 45 30.21 -6.83 53.73
N GLY H 46 30.50 -6.89 52.44
CA GLY H 46 29.53 -6.52 51.43
C GLY H 46 29.65 -7.35 50.17
N ARG H 47 28.52 -7.71 49.57
CA ARG H 47 28.51 -8.49 48.34
C ARG H 47 27.47 -7.91 47.37
N ALA H 48 27.68 -8.12 46.08
CA ALA H 48 26.78 -7.63 45.05
C ALA H 48 26.87 -8.53 43.82
N PHE H 49 25.72 -8.98 43.31
CA PHE H 49 25.69 -9.84 42.14
C PHE H 49 24.69 -9.36 41.10
N TYR H 50 24.89 -9.78 39.86
CA TYR H 50 23.97 -9.42 38.80
C TYR H 50 22.68 -10.19 39.13
N SER H 51 21.53 -9.55 38.96
CA SER H 51 20.24 -10.16 39.28
C SER H 51 19.83 -11.35 38.42
N SER H 52 20.55 -11.62 37.35
CA SER H 52 20.20 -12.77 36.52
C SER H 52 21.28 -13.83 36.57
N PRO H 53 20.91 -15.07 36.86
CA PRO H 53 21.86 -16.18 36.93
C PRO H 53 22.52 -16.45 35.60
N ILE H 54 23.76 -16.96 35.64
CA ILE H 54 24.49 -17.28 34.43
C ILE H 54 24.76 -18.77 34.38
N GLN H 55 24.54 -19.38 33.21
CA GLN H 55 24.78 -20.81 33.05
C GLN H 55 26.23 -21.02 32.58
N ILE H 56 27.03 -21.62 33.47
CA ILE H 56 28.44 -21.88 33.23
C ILE H 56 28.69 -23.09 32.33
N TYR H 57 27.82 -24.09 32.40
CA TYR H 57 27.95 -25.27 31.58
C TYR H 57 26.63 -26.04 31.50
N ASP H 58 26.59 -27.08 30.68
CA ASP H 58 25.38 -27.87 30.53
C ASP H 58 25.72 -29.35 30.62
N LYS H 59 25.24 -30.00 31.68
CA LYS H 59 25.49 -31.43 31.90
C LYS H 59 25.02 -32.32 30.76
N SER H 60 23.84 -32.06 30.24
CA SER H 60 23.26 -32.86 29.16
C SER H 60 24.04 -32.80 27.84
N THR H 61 24.42 -31.60 27.41
CA THR H 61 25.14 -31.46 26.15
C THR H 61 26.65 -31.51 26.32
N GLY H 62 27.12 -31.33 27.55
CA GLY H 62 28.55 -31.37 27.80
C GLY H 62 29.26 -30.09 27.38
N ALA H 63 28.49 -29.02 27.14
CA ALA H 63 29.08 -27.75 26.73
C ALA H 63 29.52 -26.94 27.94
N VAL H 64 30.62 -26.23 27.79
CA VAL H 64 31.16 -25.39 28.85
C VAL H 64 31.29 -23.97 28.31
N ALA H 65 30.83 -23.00 29.08
CA ALA H 65 30.87 -21.61 28.64
C ALA H 65 32.24 -20.95 28.75
N SER H 66 32.46 -19.95 27.90
CA SER H 66 33.68 -19.16 27.92
C SER H 66 33.14 -17.82 28.36
N TRP H 67 33.87 -17.09 29.18
CA TRP H 67 33.35 -15.80 29.61
C TRP H 67 34.47 -14.85 29.95
N ALA H 68 34.10 -13.61 30.20
CA ALA H 68 35.08 -12.59 30.53
C ALA H 68 34.37 -11.51 31.31
N THR H 69 35.14 -10.80 32.13
CA THR H 69 34.58 -9.71 32.92
C THR H 69 35.70 -8.71 33.09
N SER H 70 35.34 -7.45 33.27
CA SER H 70 36.33 -6.42 33.47
C SER H 70 35.68 -5.35 34.35
N PHE H 71 36.46 -4.76 35.23
CA PHE H 71 35.93 -3.73 36.10
C PHE H 71 37.04 -2.84 36.62
N THR H 72 36.65 -1.71 37.18
CA THR H 72 37.58 -0.75 37.72
C THR H 72 37.27 -0.55 39.19
N VAL H 73 38.26 -0.81 40.04
CA VAL H 73 38.11 -0.65 41.48
C VAL H 73 39.04 0.42 41.99
N LYS H 74 38.70 0.98 43.14
CA LYS H 74 39.51 1.99 43.77
C LYS H 74 39.56 1.62 45.24
N ILE H 75 40.75 1.27 45.73
CA ILE H 75 40.93 0.89 47.13
C ILE H 75 41.72 1.98 47.84
N SER H 76 41.19 2.48 48.94
CA SER H 76 41.85 3.54 49.71
C SER H 76 41.89 3.27 51.20
N ALA H 77 43.01 3.60 51.81
CA ALA H 77 43.18 3.44 53.25
C ALA H 77 43.63 4.81 53.75
N PRO H 78 43.06 5.27 54.87
CA PRO H 78 43.40 6.58 55.45
C PRO H 78 44.84 6.71 55.95
N SER H 79 45.21 7.95 56.27
CA SER H 79 46.55 8.29 56.76
C SER H 79 47.10 7.35 57.84
N LYS H 80 46.39 7.22 58.95
CA LYS H 80 46.83 6.38 60.05
C LYS H 80 46.19 4.97 60.09
N ALA H 81 46.21 4.29 58.95
CA ALA H 81 45.63 2.95 58.88
C ALA H 81 46.36 2.03 57.92
N SER H 82 46.13 0.74 58.11
CA SER H 82 46.75 -0.32 57.33
C SER H 82 45.71 -1.07 56.49
N PHE H 83 46.13 -1.56 55.33
CA PHE H 83 45.23 -2.28 54.41
C PHE H 83 44.68 -3.62 54.91
N ALA H 84 43.39 -3.84 54.66
CA ALA H 84 42.68 -5.07 55.02
C ALA H 84 41.24 -4.86 54.57
N ASP H 85 40.58 -5.90 54.08
CA ASP H 85 41.14 -7.24 53.93
C ASP H 85 41.28 -7.63 52.45
N GLY H 86 40.50 -6.97 51.59
CA GLY H 86 40.54 -7.24 50.16
C GLY H 86 39.18 -7.36 49.47
N ILE H 87 39.21 -7.54 48.15
CA ILE H 87 38.02 -7.67 47.35
C ILE H 87 38.16 -8.85 46.39
N ALA H 88 37.07 -9.57 46.14
CA ALA H 88 37.12 -10.70 45.22
C ALA H 88 36.01 -10.70 44.18
N PHE H 89 36.31 -11.21 43.00
CA PHE H 89 35.29 -11.34 41.98
C PHE H 89 34.93 -12.81 42.16
N ALA H 90 33.64 -13.11 42.37
CA ALA H 90 33.26 -14.49 42.60
C ALA H 90 32.11 -15.05 41.80
N LEU H 91 32.12 -16.37 41.69
CA LEU H 91 31.10 -17.12 41.02
C LEU H 91 30.55 -18.04 42.10
N VAL H 92 29.40 -17.67 42.67
CA VAL H 92 28.77 -18.44 43.75
C VAL H 92 27.45 -19.12 43.37
N PRO H 93 27.00 -20.10 44.19
CA PRO H 93 25.73 -20.78 43.91
C PRO H 93 24.61 -19.73 43.96
N VAL H 94 23.57 -19.90 43.14
CA VAL H 94 22.51 -18.90 43.09
C VAL H 94 21.88 -18.43 44.41
N GLY H 95 21.47 -19.33 45.28
CA GLY H 95 20.88 -18.86 46.52
C GLY H 95 21.85 -18.23 47.51
N SER H 96 23.12 -18.66 47.44
CA SER H 96 24.25 -18.22 48.27
C SER H 96 24.13 -17.01 49.20
N GLU H 97 24.44 -17.27 50.48
CA GLU H 97 24.44 -16.27 51.54
C GLU H 97 25.91 -15.98 51.88
N PRO H 98 26.21 -14.79 52.42
CA PRO H 98 27.62 -14.48 52.75
C PRO H 98 28.27 -15.53 53.64
N ARG H 99 29.60 -15.63 53.60
CA ARG H 99 30.32 -16.58 54.44
C ARG H 99 31.19 -15.82 55.46
N ARG H 100 32.28 -16.41 55.96
CA ARG H 100 33.09 -15.72 56.97
C ARG H 100 33.69 -14.40 56.52
N ASN H 101 33.79 -13.45 57.43
CA ASN H 101 34.34 -12.15 57.09
C ASN H 101 35.86 -12.07 57.27
N GLY H 102 36.38 -10.85 57.39
CA GLY H 102 37.82 -10.67 57.55
C GLY H 102 38.62 -11.27 56.40
N GLY H 103 39.65 -12.05 56.73
CA GLY H 103 40.49 -12.63 55.71
C GLY H 103 39.82 -13.69 54.85
N TYR H 104 38.56 -13.99 55.13
CA TYR H 104 37.85 -14.99 54.34
C TYR H 104 37.09 -14.30 53.20
N LEU H 105 37.14 -12.97 53.22
CA LEU H 105 36.54 -12.11 52.19
C LEU H 105 35.05 -12.30 51.90
N GLY H 106 34.36 -12.97 52.82
CA GLY H 106 32.93 -13.20 52.66
C GLY H 106 32.55 -14.32 51.70
N VAL H 107 33.54 -15.03 51.15
CA VAL H 107 33.22 -16.09 50.20
C VAL H 107 33.63 -17.48 50.63
N PHE H 108 34.43 -17.60 51.67
CA PHE H 108 34.86 -18.93 52.12
C PHE H 108 34.77 -19.11 53.63
N ASP H 109 34.89 -20.36 54.07
CA ASP H 109 34.83 -20.70 55.49
C ASP H 109 36.12 -21.29 56.06
N SER H 110 36.99 -21.76 55.18
CA SER H 110 38.24 -22.34 55.63
C SER H 110 39.29 -22.37 54.52
N ASP H 111 40.52 -22.71 54.89
CA ASP H 111 41.63 -22.79 53.94
C ASP H 111 41.86 -24.25 53.52
N VAL H 112 40.91 -25.10 53.87
CA VAL H 112 40.98 -26.51 53.49
C VAL H 112 39.99 -26.72 52.35
N TYR H 113 40.46 -27.35 51.29
CA TYR H 113 39.60 -27.59 50.13
C TYR H 113 38.30 -28.30 50.53
N ASN H 114 37.19 -27.74 50.07
CA ASN H 114 35.87 -28.30 50.34
C ASN H 114 35.03 -28.12 49.10
N ASN H 115 35.01 -29.15 48.27
CA ASN H 115 34.26 -29.14 47.02
C ASN H 115 32.84 -28.65 47.19
N SER H 116 32.22 -28.99 48.32
CA SER H 116 30.84 -28.59 48.58
C SER H 116 30.61 -27.08 48.75
N ALA H 117 31.68 -26.30 48.76
CA ALA H 117 31.53 -24.86 48.90
C ALA H 117 31.04 -24.30 47.54
N GLN H 118 31.32 -25.05 46.48
CA GLN H 118 30.94 -24.68 45.11
C GLN H 118 31.16 -23.20 44.80
N THR H 119 32.35 -22.71 45.11
CA THR H 119 32.66 -21.31 44.86
C THR H 119 34.07 -21.16 44.29
N VAL H 120 34.19 -20.28 43.29
CA VAL H 120 35.48 -19.99 42.67
C VAL H 120 35.61 -18.47 42.70
N ALA H 121 36.78 -17.96 43.05
CA ALA H 121 36.97 -16.52 43.11
C ALA H 121 38.36 -16.10 42.68
N VAL H 122 38.49 -14.84 42.30
CA VAL H 122 39.77 -14.28 41.95
C VAL H 122 39.88 -13.15 42.95
N GLU H 123 40.87 -13.25 43.85
CA GLU H 123 41.04 -12.24 44.89
C GLU H 123 42.15 -11.24 44.69
N PHE H 124 41.97 -10.10 45.34
CA PHE H 124 42.90 -8.99 45.35
C PHE H 124 43.05 -8.77 46.84
N ASP H 125 43.90 -9.63 47.40
CA ASP H 125 44.24 -9.73 48.83
C ASP H 125 45.19 -8.65 49.33
N THR H 126 44.70 -7.78 50.21
CA THR H 126 45.54 -6.70 50.72
C THR H 126 46.16 -6.96 52.08
N LEU H 127 45.92 -8.14 52.64
CA LEU H 127 46.48 -8.46 53.95
C LEU H 127 46.88 -9.91 54.01
N SER H 128 48.15 -10.14 54.32
CA SER H 128 48.69 -11.48 54.40
C SER H 128 48.29 -12.17 55.70
N ASN H 129 47.59 -13.29 55.57
CA ASN H 129 47.15 -14.09 56.73
C ASN H 129 48.15 -15.24 56.84
N SER H 130 48.95 -15.22 57.91
CA SER H 130 49.99 -16.23 58.15
C SER H 130 49.58 -17.66 57.85
N GLY H 131 48.37 -18.01 58.22
CA GLY H 131 47.92 -19.37 58.01
C GLY H 131 47.87 -19.90 56.59
N TRP H 132 47.66 -19.03 55.60
CA TRP H 132 47.55 -19.52 54.22
C TRP H 132 48.03 -18.57 53.12
N ASP H 133 48.38 -17.34 53.49
CA ASP H 133 48.79 -16.33 52.51
C ASP H 133 50.28 -16.20 52.20
N PRO H 134 50.60 -15.78 50.96
CA PRO H 134 52.01 -15.59 50.59
C PRO H 134 52.44 -14.35 51.36
N SER H 135 53.74 -14.06 51.38
CA SER H 135 54.28 -12.93 52.12
C SER H 135 53.66 -11.53 51.95
N MET H 136 53.36 -11.12 50.72
CA MET H 136 52.81 -9.76 50.54
C MET H 136 51.42 -9.67 49.94
N LYS H 137 51.06 -8.46 49.50
CA LYS H 137 49.77 -8.21 48.86
C LYS H 137 49.80 -8.98 47.56
N HIS H 138 48.70 -9.66 47.23
CA HIS H 138 48.71 -10.47 46.03
C HIS H 138 47.37 -10.62 45.33
N ILE H 139 47.44 -11.22 44.15
CA ILE H 139 46.26 -11.50 43.35
C ILE H 139 46.30 -13.02 43.38
N GLY H 140 45.16 -13.65 43.61
CA GLY H 140 45.15 -15.10 43.64
C GLY H 140 43.89 -15.73 43.12
N ILE H 141 44.00 -16.98 42.70
CA ILE H 141 42.86 -17.73 42.18
C ILE H 141 42.45 -18.74 43.25
N ASP H 142 41.25 -18.57 43.81
CA ASP H 142 40.76 -19.46 44.86
C ASP H 142 39.73 -20.44 44.34
N VAL H 143 39.96 -21.72 44.62
CA VAL H 143 39.03 -22.75 44.17
C VAL H 143 38.51 -23.57 45.34
N ASN H 144 37.41 -23.14 45.92
CA ASN H 144 36.79 -23.87 47.03
C ASN H 144 37.63 -23.86 48.32
N SER H 145 38.38 -22.77 48.50
CA SER H 145 39.22 -22.59 49.67
C SER H 145 39.85 -21.21 49.58
N ILE H 146 40.09 -20.58 50.73
CA ILE H 146 40.70 -19.26 50.76
C ILE H 146 42.21 -19.30 50.46
N LYS H 147 42.77 -20.50 50.39
CA LYS H 147 44.19 -20.68 50.09
C LYS H 147 44.34 -20.80 48.56
N SER H 148 44.73 -19.71 47.92
CA SER H 148 44.85 -19.65 46.47
C SER H 148 45.68 -20.79 45.89
N ILE H 149 45.28 -21.29 44.74
CA ILE H 149 46.03 -22.35 44.09
C ILE H 149 47.16 -21.73 43.27
N ALA H 150 47.19 -20.40 43.22
CA ALA H 150 48.21 -19.68 42.48
C ALA H 150 48.08 -18.23 42.84
N THR H 151 49.21 -17.55 43.01
CA THR H 151 49.19 -16.13 43.32
C THR H 151 50.31 -15.41 42.60
N VAL H 152 50.32 -14.10 42.76
CA VAL H 152 51.33 -13.28 42.12
C VAL H 152 51.40 -12.03 42.99
N SER H 153 52.60 -11.50 43.17
CA SER H 153 52.78 -10.31 43.99
C SER H 153 52.09 -9.14 43.32
N TRP H 154 51.58 -8.24 44.14
CA TRP H 154 50.89 -7.09 43.59
C TRP H 154 51.22 -5.86 44.43
N ASP H 155 51.67 -4.81 43.74
CA ASP H 155 52.01 -3.56 44.39
C ASP H 155 50.82 -2.62 44.32
N LEU H 156 49.96 -2.68 45.33
CA LEU H 156 48.77 -1.84 45.38
C LEU H 156 49.06 -0.34 45.42
N ALA H 157 48.52 0.40 44.46
CA ALA H 157 48.69 1.84 44.42
C ALA H 157 47.50 2.45 45.17
N ASN H 158 47.72 2.86 46.42
CA ASN H 158 46.66 3.45 47.25
C ASN H 158 45.92 4.61 46.60
N GLY H 159 44.58 4.49 46.57
CA GLY H 159 43.75 5.54 46.01
C GLY H 159 43.71 5.68 44.49
N GLU H 160 44.45 4.84 43.78
CA GLU H 160 44.48 4.91 42.33
C GLU H 160 43.70 3.78 41.70
N ASN H 161 43.05 4.07 40.58
CA ASN H 161 42.25 3.10 39.87
C ASN H 161 43.00 1.87 39.44
N ALA H 162 42.33 0.72 39.55
CA ALA H 162 42.89 -0.56 39.12
C ALA H 162 41.94 -1.11 38.07
N GLU H 163 42.46 -1.41 36.88
CA GLU H 163 41.64 -1.93 35.81
C GLU H 163 41.91 -3.41 35.66
N ILE H 164 40.95 -4.21 36.09
CA ILE H 164 41.06 -5.66 36.07
C ILE H 164 40.34 -6.32 34.91
N LEU H 165 40.90 -7.43 34.43
CA LEU H 165 40.31 -8.19 33.34
C LEU H 165 40.49 -9.67 33.64
N ILE H 166 39.39 -10.40 33.74
CA ILE H 166 39.43 -11.83 34.02
C ILE H 166 38.75 -12.57 32.90
N THR H 167 39.32 -13.69 32.46
CA THR H 167 38.72 -14.45 31.38
C THR H 167 38.83 -15.94 31.60
N TYR H 168 37.88 -16.69 31.05
CA TYR H 168 37.93 -18.13 31.15
C TYR H 168 37.73 -18.69 29.75
N ASN H 169 38.68 -19.49 29.31
CA ASN H 169 38.63 -20.08 27.98
C ASN H 169 38.33 -21.57 28.14
N ALA H 170 37.14 -21.98 27.75
CA ALA H 170 36.75 -23.38 27.88
C ALA H 170 37.59 -24.35 27.07
N ALA H 171 38.14 -23.88 25.96
CA ALA H 171 38.94 -24.73 25.10
C ALA H 171 40.23 -25.18 25.79
N THR H 172 40.87 -24.26 26.52
CA THR H 172 42.10 -24.56 27.23
C THR H 172 41.87 -24.76 28.72
N SER H 173 40.67 -24.44 29.20
CA SER H 173 40.34 -24.56 30.62
C SER H 173 41.17 -23.59 31.45
N LEU H 174 41.70 -22.58 30.78
CA LEU H 174 42.55 -21.59 31.44
C LEU H 174 41.84 -20.35 31.95
N LEU H 175 42.05 -20.03 33.22
CA LEU H 175 41.47 -18.85 33.82
C LEU H 175 42.63 -17.87 33.89
N VAL H 176 42.43 -16.67 33.35
CA VAL H 176 43.50 -15.68 33.38
C VAL H 176 43.01 -14.38 34.01
N ALA H 177 43.81 -13.81 34.90
CA ALA H 177 43.44 -12.56 35.54
C ALA H 177 44.59 -11.58 35.37
N SER H 178 44.28 -10.30 35.20
CA SER H 178 45.31 -9.29 35.05
C SER H 178 44.84 -7.98 35.68
N LEU H 179 45.77 -7.16 36.13
CA LEU H 179 45.45 -5.89 36.75
C LEU H 179 46.39 -4.83 36.20
N VAL H 180 45.90 -3.62 36.05
CA VAL H 180 46.71 -2.54 35.52
C VAL H 180 46.41 -1.28 36.28
N HIS H 181 47.46 -0.58 36.72
CA HIS H 181 47.29 0.70 37.41
C HIS H 181 47.80 1.71 36.38
N PRO H 182 46.89 2.24 35.55
CA PRO H 182 47.27 3.20 34.51
C PRO H 182 48.14 4.35 35.02
N SER H 183 47.86 4.84 36.21
CA SER H 183 48.60 5.95 36.80
C SER H 183 50.08 5.67 36.93
N ARG H 184 50.42 4.45 37.34
CA ARG H 184 51.82 4.04 37.50
C ARG H 184 52.36 3.21 36.34
N ARG H 185 51.53 2.96 35.35
CA ARG H 185 51.95 2.17 34.20
C ARG H 185 52.44 0.78 34.61
N THR H 186 51.90 0.26 35.71
CA THR H 186 52.29 -1.07 36.18
C THR H 186 51.21 -2.09 35.83
N SER H 187 51.62 -3.34 35.59
CA SER H 187 50.67 -4.37 35.23
C SER H 187 51.07 -5.74 35.75
N TYR H 188 50.07 -6.55 36.10
CA TYR H 188 50.29 -7.89 36.62
C TYR H 188 49.39 -8.88 35.92
N ILE H 189 49.84 -10.13 35.81
CA ILE H 189 49.06 -11.14 35.15
C ILE H 189 49.28 -12.48 35.85
N LEU H 190 48.25 -13.33 35.81
CA LEU H 190 48.31 -14.63 36.47
C LEU H 190 47.41 -15.57 35.71
N SER H 191 47.78 -16.85 35.66
CA SER H 191 46.96 -17.81 34.94
C SER H 191 47.11 -19.22 35.49
N GLU H 192 46.02 -19.98 35.47
CA GLU H 192 46.04 -21.35 35.96
C GLU H 192 44.87 -22.13 35.38
N ARG H 193 45.08 -23.41 35.15
CA ARG H 193 44.04 -24.27 34.60
C ARG H 193 43.02 -24.60 35.70
N VAL H 194 41.74 -24.48 35.38
CA VAL H 194 40.67 -24.78 36.32
C VAL H 194 39.59 -25.62 35.67
N ASP H 195 39.29 -26.77 36.28
CA ASP H 195 38.25 -27.67 35.75
C ASP H 195 36.95 -27.22 36.37
N ILE H 196 36.38 -26.17 35.79
CA ILE H 196 35.16 -25.54 36.26
C ILE H 196 33.93 -26.42 36.49
N THR H 197 33.68 -27.39 35.60
CA THR H 197 32.51 -28.26 35.73
C THR H 197 32.54 -29.11 36.98
N ASN H 198 33.70 -29.17 37.62
CA ASN H 198 33.86 -29.96 38.82
C ASN H 198 33.84 -29.13 40.10
N GLU H 199 34.09 -27.84 39.99
CA GLU H 199 34.13 -26.97 41.16
C GLU H 199 32.91 -26.09 41.38
N LEU H 200 32.04 -26.00 40.37
CA LEU H 200 30.85 -25.15 40.47
C LEU H 200 29.58 -25.81 39.94
N PRO H 201 28.42 -25.23 40.28
CA PRO H 201 27.15 -25.78 39.81
C PRO H 201 26.89 -25.25 38.39
N GLU H 202 25.88 -25.78 37.71
CA GLU H 202 25.55 -25.35 36.35
C GLU H 202 25.19 -23.87 36.25
N TYR H 203 24.51 -23.36 37.28
CA TYR H 203 24.12 -21.96 37.32
C TYR H 203 24.77 -21.26 38.50
N VAL H 204 25.21 -20.04 38.29
CA VAL H 204 25.85 -19.28 39.34
C VAL H 204 25.47 -17.82 39.24
N SER H 205 25.78 -17.06 40.29
CA SER H 205 25.56 -15.62 40.31
C SER H 205 26.98 -15.08 40.20
N VAL H 206 27.16 -13.98 39.49
CA VAL H 206 28.48 -13.41 39.36
C VAL H 206 28.49 -12.03 40.00
N GLY H 207 29.58 -11.69 40.69
CA GLY H 207 29.66 -10.40 41.35
C GLY H 207 30.89 -10.27 42.22
N PHE H 208 30.79 -9.40 43.22
CA PHE H 208 31.89 -9.11 44.13
C PHE H 208 31.58 -9.36 45.57
N SER H 209 32.65 -9.50 46.35
CA SER H 209 32.61 -9.70 47.80
C SER H 209 33.82 -8.96 48.36
N ALA H 210 33.62 -8.18 49.43
CA ALA H 210 34.72 -7.45 50.03
C ALA H 210 34.54 -7.29 51.55
N THR H 211 35.66 -7.31 52.26
CA THR H 211 35.64 -7.18 53.71
C THR H 211 36.75 -6.24 54.17
N THR H 212 36.58 -5.66 55.36
CA THR H 212 37.61 -4.81 55.93
C THR H 212 38.19 -5.61 57.10
N GLY H 213 39.29 -5.14 57.65
CA GLY H 213 39.92 -5.83 58.77
C GLY H 213 39.07 -5.85 60.02
N LEU H 214 39.38 -6.78 60.92
CA LEU H 214 38.63 -6.94 62.16
C LEU H 214 39.18 -6.08 63.29
N SER H 215 40.22 -5.30 63.01
CA SER H 215 40.82 -4.43 64.01
C SER H 215 40.60 -2.97 63.66
N GLU H 216 40.71 -2.11 64.67
CA GLU H 216 40.50 -0.69 64.52
C GLU H 216 41.30 0.03 63.42
N GLY H 217 42.51 -0.45 63.13
CA GLY H 217 43.33 0.22 62.13
C GLY H 217 43.58 -0.51 60.83
N TYR H 218 42.86 -1.62 60.62
CA TYR H 218 43.00 -2.40 59.40
C TYR H 218 41.75 -2.20 58.55
N ILE H 219 41.75 -1.10 57.79
CA ILE H 219 40.61 -0.72 56.97
C ILE H 219 40.96 -0.09 55.62
N GLU H 220 40.05 -0.23 54.66
CA GLU H 220 40.19 0.32 53.32
C GLU H 220 38.81 0.40 52.67
N THR H 221 38.69 1.14 51.58
CA THR H 221 37.43 1.26 50.86
C THR H 221 37.48 0.32 49.68
N HIS H 222 36.31 -0.07 49.20
CA HIS H 222 36.21 -0.94 48.03
C HIS H 222 35.14 -0.37 47.12
N ASP H 223 35.56 0.42 46.13
CA ASP H 223 34.62 1.03 45.21
C ASP H 223 34.76 0.47 43.80
N VAL H 224 33.65 0.04 43.21
CA VAL H 224 33.66 -0.46 41.84
C VAL H 224 33.07 0.68 41.02
N LEU H 225 33.86 1.20 40.07
CA LEU H 225 33.44 2.31 39.23
C LEU H 225 32.80 1.95 37.89
N SER H 226 32.98 0.69 37.46
CA SER H 226 32.42 0.22 36.21
C SER H 226 32.57 -1.29 36.14
N TRP H 227 31.67 -1.96 35.45
CA TRP H 227 31.73 -3.42 35.35
C TRP H 227 31.07 -3.97 34.09
N SER H 228 31.72 -4.93 33.46
CA SER H 228 31.21 -5.56 32.25
C SER H 228 31.37 -7.06 32.40
N PHE H 229 30.46 -7.79 31.77
CA PHE H 229 30.52 -9.23 31.82
C PHE H 229 29.92 -9.76 30.54
N ALA H 230 30.45 -10.88 30.05
CA ALA H 230 29.94 -11.48 28.84
C ALA H 230 30.19 -12.98 28.94
N SER H 231 29.20 -13.76 28.53
CA SER H 231 29.28 -15.20 28.61
C SER H 231 28.68 -15.87 27.35
N LYS H 232 29.28 -16.96 26.92
CA LYS H 232 28.78 -17.65 25.74
C LYS H 232 28.78 -19.15 25.96
N LEU H 233 27.60 -19.76 25.94
CA LEU H 233 27.47 -21.19 26.13
C LEU H 233 27.11 -21.88 24.80
N PRO H 234 28.02 -22.71 24.28
CA PRO H 234 27.76 -23.41 23.02
C PRO H 234 26.67 -24.46 23.10
N ASP H 235 26.32 -25.05 21.96
CA ASP H 235 25.28 -26.07 21.89
C ASP H 235 25.84 -27.48 22.04
N ASP H 236 27.12 -27.65 21.73
CA ASP H 236 27.73 -28.96 21.84
C ASP H 236 29.03 -28.91 22.66
N SER H 237 29.72 -30.04 22.72
CA SER H 237 30.98 -30.16 23.45
C SER H 237 32.00 -29.15 22.93
N THR H 238 32.10 -29.03 21.60
CA THR H 238 33.03 -28.10 20.95
C THR H 238 32.99 -26.70 21.54
N ALA H 239 34.11 -26.27 22.12
CA ALA H 239 34.22 -24.96 22.75
C ALA H 239 34.71 -23.88 21.79
N GLU H 240 34.33 -22.64 22.08
CA GLU H 240 34.71 -21.49 21.25
C GLU H 240 35.02 -20.26 22.10
N PRO H 241 36.31 -19.92 22.24
CA PRO H 241 36.69 -18.73 23.04
C PRO H 241 35.93 -17.51 22.58
N LEU H 242 35.91 -16.48 23.41
CA LEU H 242 35.20 -15.26 23.06
C LEU H 242 36.06 -14.32 22.23
N ASP H 243 35.40 -13.30 21.66
CA ASP H 243 36.10 -12.29 20.87
C ASP H 243 36.31 -11.10 21.83
N LEU H 244 37.50 -11.08 22.41
CA LEU H 244 37.89 -10.04 23.35
C LEU H 244 38.17 -8.70 22.65
N ALA H 245 38.78 -8.77 21.47
CA ALA H 245 39.04 -7.55 20.72
C ALA H 245 37.68 -6.83 20.70
N SER H 246 36.66 -7.55 20.24
CA SER H 246 35.30 -6.99 20.14
C SER H 246 34.64 -6.71 21.51
N TYR H 247 34.92 -7.57 22.48
CA TYR H 247 34.35 -7.43 23.81
C TYR H 247 34.76 -6.14 24.57
N LEU H 248 36.05 -5.83 24.61
CA LEU H 248 36.53 -4.65 25.32
C LEU H 248 36.11 -3.31 24.68
N VAL H 249 36.29 -3.21 23.37
CA VAL H 249 35.91 -2.00 22.64
C VAL H 249 34.39 -1.75 22.75
N ARG H 250 33.60 -2.82 22.70
CA ARG H 250 32.14 -2.69 22.80
C ARG H 250 31.68 -2.65 24.27
N ASN H 251 32.56 -3.01 25.20
CA ASN H 251 32.21 -3.03 26.63
C ASN H 251 33.12 -2.22 27.55
N VAL H 252 34.42 -2.35 27.36
CA VAL H 252 35.37 -1.66 28.22
C VAL H 252 35.96 -0.33 27.73
N LEU H 253 36.42 -0.27 26.48
CA LEU H 253 37.04 0.94 25.96
C LEU H 253 36.11 2.08 25.61
#